data_1OH7
#
_entry.id   1OH7
#
_cell.length_a   89.413
_cell.length_b   91.810
_cell.length_c   260.444
_cell.angle_alpha   90.00
_cell.angle_beta   90.00
_cell.angle_gamma   90.00
#
_symmetry.space_group_name_H-M   'P 21 21 21'
#
loop_
_entity.id
_entity.type
_entity.pdbx_description
1 polymer 'DNA MISMATCH REPAIR PROTEIN MUTS'
2 polymer "5'-D(*AP*GP*CP*TP*GP*CP*CP*AP*GP*GP *CP*AP*CP*CP*AP*GP*TP*GP*TP*CP*AP*GP*CP*GP*TP *CP*CP*TP*AP*T)-3'"
3 polymer "5'-D(*AP*TP*AP*GP*GP*AP*CP*GP*CP*TP *GP*AP*CP*AP*CP*TP*GP*GP*TP*GP*CP*GP*TP*GP*GP *CP*AP*GP*CP*T)-3'"
4 non-polymer "ADENOSINE-5'-DIPHOSPHATE"
5 non-polymer 'MAGNESIUM ION'
6 water water
#
loop_
_entity_poly.entity_id
_entity_poly.type
_entity_poly.pdbx_seq_one_letter_code
_entity_poly.pdbx_strand_id
1 'polypeptide(L)'
;MSAIENFDAHTPMMQQYLRLKAQHPEILLFYRMGDFYELFYDDAKRASQLLDISLTKRGASAGEPIPMAGIPYHAVENYL
AKLVNQGESVAICEQIGDPATSKGPVERKVVRIVTPGTISDEALLQERQDNLLAAIWQDSKGFGYATLDISSGRFRLSEP
ADRETMAAELQRTNPAELLYAEDFAEMSLIEGRRGLRRRPLWEFEIDTARQQLNLQFGTRDLVGFGVENAPRGLCAAGCL
LQYAKDTQRTTLPHIRSITMEREQDSIIMDAATRRNLEITQNLAGGAENTLASVLDCTVTPMGSRMLKRWLHMPVRDTRV
LLERQQTIGALQDFTAGLQPVLRQVGDLERILARLALRTARPRDLARMRHAFQQLPELRAQLETVDSAPVQALREKMGEF
AELRDLLERAIIDTPPVLVRDGGVIASGYNEELDEWRALADGATDYLERLEVRERERTGLDTLKVGFNAVHGYYIQISRG
QSHLAPINYMRRQTLKNAERYIIPELKEYEDKVLTSKGKALALEKQLYEELFDLLLPHLEALQQSASALAELDVLVNLAE
RAYTLNYTCPTFIDKPGIRITEGRHPVVEQVLNEPFIANPLNLSPQRRMLIITGPNMGGKSTYMRQTALIALMAYIGSYV
PAQKVEIGPIDRIFTRVGAADDLASGRSTFMVEMTETANILHNATEYSLVLMDEIGRGTSTYDGLSLAWACAENLANKIK
ALTLFATHYFELTQLPEKMEGVANVHLDALEHGDTIAFMHSVQDGAASKSYGLAVAALAGVPKEVIKRARQKLRELESIS
;
A,B
2 'polydeoxyribonucleotide'
;(DA)(DG)(DC)(DT)(DG)(DC)(DC)(DA)(DG)(DG)(DC)(DA)(DC)(DC)(DA)(DG)(DT)(DG)(DT)(DC)
(DA)(DG)(DC)(DG)(DT)(DC)(DC)(DT)(DA)(DT)
;
E
3 'polydeoxyribonucleotide'
;(DA)(DT)(DA)(DG)(DG)(DA)(DC)(DG)(DC)(DT)(DG)(DA)(DC)(DA)(DC)(DT)(DG)(DG)(DT)(DG)
(DC)(DG)(DT)(DG)(DG)(DC)(DA)(DG)(DC)(DT)
;
F
#
loop_
_chem_comp.id
_chem_comp.type
_chem_comp.name
_chem_comp.formula
ADP non-polymer ADENOSINE-5'-DIPHOSPHATE 'C10 H15 N5 O10 P2'
DA DNA linking 2'-DEOXYADENOSINE-5'-MONOPHOSPHATE 'C10 H14 N5 O6 P'
DC DNA linking 2'-DEOXYCYTIDINE-5'-MONOPHOSPHATE 'C9 H14 N3 O7 P'
DG DNA linking 2'-DEOXYGUANOSINE-5'-MONOPHOSPHATE 'C10 H14 N5 O7 P'
DT DNA linking THYMIDINE-5'-MONOPHOSPHATE 'C10 H15 N2 O8 P'
MG non-polymer 'MAGNESIUM ION' 'Mg 2'
#
# COMPACT_ATOMS: atom_id res chain seq x y z
N SER A 2 -30.90 8.31 -25.65
CA SER A 2 -30.13 9.18 -24.68
C SER A 2 -30.83 10.54 -24.44
N ALA A 3 -31.55 10.66 -23.32
CA ALA A 3 -32.44 11.79 -23.09
C ALA A 3 -31.77 13.14 -23.24
N ILE A 4 -32.36 13.99 -24.06
CA ILE A 4 -32.03 15.41 -24.08
C ILE A 4 -32.50 16.00 -22.78
N GLU A 5 -31.59 16.62 -22.03
CA GLU A 5 -31.84 17.07 -20.66
C GLU A 5 -31.60 18.53 -20.46
N ASN A 6 -32.25 19.34 -21.27
CA ASN A 6 -32.35 20.78 -21.02
C ASN A 6 -32.98 21.12 -19.65
N PHE A 7 -32.78 22.36 -19.22
CA PHE A 7 -33.30 22.89 -17.95
C PHE A 7 -34.76 22.53 -17.62
N ASP A 8 -35.66 22.63 -18.59
CA ASP A 8 -37.08 22.31 -18.36
C ASP A 8 -37.41 20.82 -18.26
N ALA A 9 -36.57 19.96 -18.83
CA ALA A 9 -36.75 18.50 -18.70
C ALA A 9 -36.60 18.05 -17.25
N HIS A 10 -36.02 18.91 -16.42
CA HIS A 10 -35.71 18.59 -15.04
C HIS A 10 -36.76 19.00 -14.02
N THR A 11 -36.77 18.29 -12.91
CA THR A 11 -37.65 18.63 -11.80
C THR A 11 -36.99 19.80 -11.06
N PRO A 12 -37.77 20.52 -10.25
CA PRO A 12 -37.19 21.60 -9.44
C PRO A 12 -35.96 21.16 -8.66
N MET A 13 -35.97 19.93 -8.18
CA MET A 13 -34.88 19.42 -7.35
C MET A 13 -33.62 19.21 -8.17
N MET A 14 -33.77 18.59 -9.33
CA MET A 14 -32.65 18.26 -10.19
C MET A 14 -32.08 19.48 -10.87
N GLN A 15 -32.94 20.46 -11.14
CA GLN A 15 -32.49 21.75 -11.60
C GLN A 15 -31.53 22.33 -10.58
N GLN A 16 -31.99 22.47 -9.34
CA GLN A 16 -31.15 23.03 -8.28
C GLN A 16 -29.85 22.22 -8.05
N TYR A 17 -29.95 20.90 -8.16
CA TYR A 17 -28.79 20.05 -7.94
C TYR A 17 -27.77 20.28 -9.04
N LEU A 18 -28.22 20.57 -10.27
CA LEU A 18 -27.28 20.74 -11.38
C LEU A 18 -26.55 22.10 -11.38
N ARG A 19 -27.20 23.19 -10.91
CA ARG A 19 -26.50 24.49 -10.80
C ARG A 19 -25.33 24.36 -9.84
N LEU A 20 -25.57 23.65 -8.75
CA LEU A 20 -24.59 23.49 -7.68
C LEU A 20 -23.53 22.51 -8.11
N LYS A 21 -23.92 21.49 -8.84
CA LYS A 21 -22.98 20.50 -9.33
C LYS A 21 -22.00 21.14 -10.26
N ALA A 22 -22.48 22.10 -11.03
CA ALA A 22 -21.68 22.77 -12.05
C ALA A 22 -20.76 23.84 -11.45
N GLN A 23 -20.94 24.17 -10.17
CA GLN A 23 -19.95 24.95 -9.42
C GLN A 23 -18.71 24.08 -9.22
N HIS A 24 -18.89 22.77 -9.16
CA HIS A 24 -17.77 21.79 -8.94
C HIS A 24 -18.02 20.48 -9.65
N PRO A 25 -17.89 20.53 -10.99
CA PRO A 25 -18.08 19.37 -11.86
C PRO A 25 -17.03 18.26 -11.78
N GLU A 26 -15.83 18.57 -11.31
CA GLU A 26 -14.75 17.57 -11.27
C GLU A 26 -14.81 16.68 -10.01
N ILE A 27 -15.58 17.09 -9.01
CA ILE A 27 -15.53 16.46 -7.68
C ILE A 27 -16.89 16.03 -7.10
N LEU A 28 -16.85 15.05 -6.20
CA LEU A 28 -18.04 14.49 -5.60
C LEU A 28 -18.80 15.58 -4.87
N LEU A 29 -20.13 15.52 -4.93
CA LEU A 29 -21.01 16.44 -4.25
C LEU A 29 -21.98 15.67 -3.37
N PHE A 30 -21.96 15.98 -2.08
CA PHE A 30 -22.92 15.43 -1.13
C PHE A 30 -24.06 16.44 -1.14
N TYR A 31 -25.30 16.00 -1.33
CA TYR A 31 -26.45 16.89 -1.49
C TYR A 31 -27.53 16.58 -0.42
N ARG A 32 -27.67 17.50 0.52
CA ARG A 32 -28.57 17.34 1.65
C ARG A 32 -30.00 17.20 1.18
N MET A 33 -30.58 16.03 1.43
CA MET A 33 -32.02 15.78 1.27
C MET A 33 -32.58 15.30 2.60
N GLY A 34 -33.15 16.20 3.39
CA GLY A 34 -33.68 15.83 4.68
C GLY A 34 -32.57 15.21 5.50
N ASP A 35 -32.76 13.97 5.94
CA ASP A 35 -31.79 13.31 6.83
C ASP A 35 -30.63 12.68 6.09
N PHE A 36 -30.64 12.70 4.77
CA PHE A 36 -29.62 12.03 4.00
C PHE A 36 -28.78 12.99 3.20
N TYR A 37 -27.50 12.68 3.13
CA TYR A 37 -26.63 13.28 2.16
C TYR A 37 -26.66 12.33 0.96
N GLU A 38 -26.91 12.87 -0.23
CA GLU A 38 -27.14 12.05 -1.39
C GLU A 38 -26.34 12.48 -2.59
N LEU A 39 -25.97 11.51 -3.40
CA LEU A 39 -25.19 11.73 -4.61
C LEU A 39 -25.98 11.25 -5.82
N PHE A 40 -25.69 11.80 -6.98
CA PHE A 40 -26.44 11.42 -8.18
C PHE A 40 -25.53 11.20 -9.39
N TYR A 41 -26.10 10.58 -10.41
CA TYR A 41 -25.39 10.27 -11.65
C TYR A 41 -24.05 9.56 -11.37
N ASP A 42 -22.96 9.94 -12.03
CA ASP A 42 -21.66 9.27 -11.85
C ASP A 42 -21.10 9.39 -10.46
N ASP A 43 -21.37 10.51 -9.78
CA ASP A 43 -20.95 10.68 -8.39
C ASP A 43 -21.46 9.52 -7.51
N ALA A 44 -22.72 9.14 -7.72
CA ALA A 44 -23.34 8.07 -7.00
C ALA A 44 -22.66 6.74 -7.31
N LYS A 45 -22.29 6.53 -8.55
CA LYS A 45 -21.66 5.27 -8.96
C LYS A 45 -20.26 5.16 -8.34
N ARG A 46 -19.58 6.29 -8.21
CA ARG A 46 -18.24 6.32 -7.63
C ARG A 46 -18.30 6.10 -6.13
N ALA A 47 -19.08 6.96 -5.45
CA ALA A 47 -19.35 6.79 -4.04
C ALA A 47 -19.70 5.34 -3.72
N SER A 48 -20.48 4.73 -4.59
CA SER A 48 -20.89 3.36 -4.39
C SER A 48 -19.71 2.40 -4.37
N GLN A 49 -18.76 2.60 -5.28
CA GLN A 49 -17.54 1.80 -5.32
C GLN A 49 -16.56 2.13 -4.20
N LEU A 50 -16.38 3.40 -3.87
CA LEU A 50 -15.39 3.84 -2.85
C LEU A 50 -15.86 3.62 -1.43
N LEU A 51 -17.07 4.11 -1.15
CA LEU A 51 -17.70 4.07 0.17
C LEU A 51 -18.47 2.77 0.48
N ASP A 52 -18.40 1.77 -0.38
CA ASP A 52 -19.08 0.50 -0.13
C ASP A 52 -20.53 0.72 0.31
N ILE A 53 -21.30 1.41 -0.53
CA ILE A 53 -22.74 1.55 -0.32
C ILE A 53 -23.52 1.26 -1.59
N SER A 54 -24.81 0.99 -1.43
CA SER A 54 -25.67 0.63 -2.55
C SER A 54 -25.89 1.75 -3.56
N LEU A 55 -25.79 1.37 -4.82
CA LEU A 55 -26.16 2.19 -5.95
C LEU A 55 -27.60 1.83 -6.29
N THR A 56 -28.47 2.80 -6.14
CA THR A 56 -29.89 2.64 -6.39
C THR A 56 -30.36 3.72 -7.40
N LYS A 57 -31.66 3.92 -7.52
CA LYS A 57 -32.25 4.81 -8.52
C LYS A 57 -33.20 5.79 -7.83
N ARG A 58 -33.83 6.62 -8.66
CA ARG A 58 -34.78 7.63 -8.23
C ARG A 58 -35.77 7.93 -9.37
N GLY A 59 -37.04 7.57 -9.15
CA GLY A 59 -38.08 7.67 -10.18
C GLY A 59 -38.17 8.98 -10.98
N ALA A 60 -38.66 8.87 -12.21
CA ALA A 60 -38.72 9.99 -13.15
C ALA A 60 -39.93 9.90 -14.11
N SER A 61 -40.82 10.90 -14.04
CA SER A 61 -42.05 11.01 -14.85
C SER A 61 -41.76 11.02 -16.35
N ALA A 62 -40.60 11.57 -16.72
CA ALA A 62 -40.14 11.66 -18.10
C ALA A 62 -38.67 11.21 -18.20
N GLY A 63 -38.46 10.12 -18.97
CA GLY A 63 -37.13 9.73 -19.41
C GLY A 63 -36.38 8.77 -18.50
N GLU A 64 -35.07 9.01 -18.40
CA GLU A 64 -34.14 8.10 -17.71
C GLU A 64 -34.25 8.20 -16.17
N PRO A 65 -34.08 7.08 -15.45
CA PRO A 65 -33.96 7.12 -14.00
C PRO A 65 -32.59 7.68 -13.59
N ILE A 66 -32.49 8.12 -12.35
CA ILE A 66 -31.31 8.77 -11.84
C ILE A 66 -30.54 7.85 -10.85
N PRO A 67 -29.30 7.49 -11.19
CA PRO A 67 -28.46 6.74 -10.26
C PRO A 67 -28.29 7.52 -8.97
N MET A 68 -28.36 6.86 -7.82
CA MET A 68 -28.37 7.56 -6.55
C MET A 68 -27.76 6.74 -5.42
N ALA A 69 -27.00 7.39 -4.58
CA ALA A 69 -26.42 6.78 -3.41
C ALA A 69 -26.50 7.79 -2.28
N GLY A 70 -26.31 7.38 -1.04
CA GLY A 70 -26.45 8.33 0.05
C GLY A 70 -26.23 7.73 1.41
N ILE A 71 -25.99 8.61 2.37
CA ILE A 71 -25.71 8.23 3.75
C ILE A 71 -26.47 9.15 4.71
N PRO A 72 -26.85 8.70 5.89
CA PRO A 72 -27.60 9.57 6.80
C PRO A 72 -26.68 10.61 7.38
N TYR A 73 -27.22 11.78 7.75
CA TYR A 73 -26.42 12.98 7.99
C TYR A 73 -25.43 12.75 9.13
N HIS A 74 -25.90 11.98 10.11
CA HIS A 74 -25.14 11.67 11.33
C HIS A 74 -24.00 10.65 11.14
N ALA A 75 -23.67 10.28 9.90
CA ALA A 75 -22.58 9.32 9.62
C ALA A 75 -21.52 9.94 8.69
N VAL A 76 -21.66 11.23 8.41
CA VAL A 76 -20.90 11.91 7.38
C VAL A 76 -19.38 11.87 7.61
N GLU A 77 -18.96 12.15 8.84
CA GLU A 77 -17.53 12.33 9.14
C GLU A 77 -16.74 11.06 8.87
N ASN A 78 -17.38 9.93 9.13
CA ASN A 78 -16.82 8.61 8.88
C ASN A 78 -16.51 8.42 7.39
N TYR A 79 -17.49 8.74 6.55
CA TYR A 79 -17.36 8.61 5.11
C TYR A 79 -16.43 9.62 4.49
N LEU A 80 -16.35 10.81 5.07
CA LEU A 80 -15.42 11.84 4.61
C LEU A 80 -13.98 11.42 4.84
N ALA A 81 -13.75 10.69 5.93
CA ALA A 81 -12.44 10.12 6.24
C ALA A 81 -12.03 9.05 5.21
N LYS A 82 -12.95 8.15 4.84
CA LYS A 82 -12.69 7.18 3.77
C LYS A 82 -12.32 7.88 2.46
N LEU A 83 -12.87 9.06 2.21
CA LEU A 83 -12.65 9.79 0.95
C LEU A 83 -11.40 10.65 0.94
N VAL A 84 -11.06 11.23 2.08
CA VAL A 84 -9.91 12.11 2.09
C VAL A 84 -8.66 11.26 2.22
N ASN A 85 -8.80 10.08 2.80
CA ASN A 85 -7.71 9.09 2.83
C ASN A 85 -7.40 8.52 1.44
N GLN A 86 -8.26 8.79 0.46
CA GLN A 86 -8.06 8.28 -0.90
C GLN A 86 -7.75 9.39 -1.89
N GLY A 87 -7.62 10.62 -1.38
CA GLY A 87 -7.23 11.76 -2.18
C GLY A 87 -8.41 12.46 -2.81
N GLU A 88 -9.61 12.17 -2.32
CA GLU A 88 -10.87 12.70 -2.92
C GLU A 88 -11.37 13.95 -2.23
N SER A 89 -11.88 14.89 -3.03
CA SER A 89 -12.53 16.06 -2.46
C SER A 89 -14.04 15.87 -2.48
N VAL A 90 -14.74 16.47 -1.51
CA VAL A 90 -16.18 16.52 -1.53
C VAL A 90 -16.69 17.93 -1.31
N ALA A 91 -17.57 18.39 -2.18
CA ALA A 91 -18.36 19.56 -1.88
C ALA A 91 -19.54 19.12 -1.02
N ILE A 92 -19.66 19.73 0.16
CA ILE A 92 -20.79 19.51 1.05
C ILE A 92 -21.88 20.60 0.81
N CYS A 93 -23.07 20.14 0.41
CA CYS A 93 -24.20 21.00 0.15
C CYS A 93 -25.17 20.85 1.30
N GLU A 94 -25.61 21.96 1.91
CA GLU A 94 -26.59 21.93 3.02
C GLU A 94 -27.84 22.69 2.65
N GLN A 95 -28.86 22.55 3.49
CA GLN A 95 -30.10 23.27 3.32
C GLN A 95 -30.03 24.52 4.16
N ILE A 96 -30.20 25.68 3.55
CA ILE A 96 -30.22 26.95 4.28
C ILE A 96 -31.61 27.31 4.72
N GLY A 97 -32.56 27.17 3.80
CA GLY A 97 -33.91 27.64 4.01
C GLY A 97 -34.70 26.87 5.05
N ASP A 98 -36.02 26.95 4.89
CA ASP A 98 -36.99 26.40 5.80
C ASP A 98 -38.13 25.82 4.97
N PRO A 99 -38.22 24.49 4.86
CA PRO A 99 -39.20 23.85 3.96
C PRO A 99 -40.63 24.38 4.08
N ALA A 100 -41.02 24.87 5.26
CA ALA A 100 -42.37 25.36 5.54
C ALA A 100 -42.70 26.75 4.95
N THR A 101 -41.68 27.59 4.79
CA THR A 101 -41.81 28.87 4.09
C THR A 101 -41.13 28.77 2.73
N SER A 102 -41.41 27.69 2.00
CA SER A 102 -40.69 27.39 0.78
C SER A 102 -41.59 26.60 -0.16
N LYS A 103 -42.05 27.26 -1.22
CA LYS A 103 -42.94 26.64 -2.20
C LYS A 103 -42.22 25.50 -2.90
N GLY A 104 -41.09 25.83 -3.55
CA GLY A 104 -40.29 24.85 -4.25
C GLY A 104 -39.30 24.18 -3.32
N PRO A 105 -38.21 23.66 -3.85
CA PRO A 105 -37.10 23.22 -3.02
C PRO A 105 -36.55 24.32 -2.13
N VAL A 106 -36.33 23.98 -0.87
CA VAL A 106 -35.56 24.80 0.05
C VAL A 106 -34.25 25.24 -0.59
N GLU A 107 -33.67 26.31 -0.06
CA GLU A 107 -32.46 26.90 -0.61
C GLU A 107 -31.31 26.06 -0.15
N ARG A 108 -30.26 26.01 -0.99
CA ARG A 108 -29.11 25.16 -0.72
C ARG A 108 -27.78 25.75 -1.23
N LYS A 109 -26.80 25.89 -0.35
CA LYS A 109 -25.46 26.34 -0.72
C LYS A 109 -24.42 25.24 -0.49
N VAL A 110 -23.34 25.23 -1.25
CA VAL A 110 -22.17 24.50 -0.81
C VAL A 110 -21.57 25.40 0.26
N VAL A 111 -21.51 24.87 1.47
CA VAL A 111 -20.96 25.59 2.61
C VAL A 111 -19.47 25.27 2.79
N ARG A 112 -19.00 24.14 2.28
CA ARG A 112 -17.65 23.65 2.55
C ARG A 112 -17.21 22.67 1.49
N ILE A 113 -15.90 22.63 1.20
CA ILE A 113 -15.31 21.53 0.43
C ILE A 113 -14.11 20.87 1.15
N VAL A 114 -14.21 19.57 1.37
CA VAL A 114 -13.16 18.82 2.04
C VAL A 114 -12.18 18.41 0.96
N THR A 115 -10.91 18.78 1.11
CA THR A 115 -9.88 18.37 0.17
C THR A 115 -8.65 17.98 0.97
N PRO A 116 -7.76 17.14 0.42
CA PRO A 116 -6.67 16.55 1.20
C PRO A 116 -5.78 17.59 1.82
N GLY A 117 -5.76 18.78 1.21
CA GLY A 117 -4.89 19.85 1.65
C GLY A 117 -5.50 20.85 2.60
N THR A 118 -6.83 20.87 2.71
CA THR A 118 -7.53 21.89 3.49
C THR A 118 -8.31 21.32 4.64
N ILE A 119 -7.98 20.10 5.07
CA ILE A 119 -8.62 19.51 6.22
C ILE A 119 -8.00 20.06 7.49
N SER A 120 -8.88 20.36 8.44
CA SER A 120 -8.48 20.84 9.76
C SER A 120 -9.01 19.97 10.89
N ASP A 121 -9.85 18.98 10.61
CA ASP A 121 -10.47 18.19 11.69
C ASP A 121 -9.52 17.15 12.30
N GLU A 122 -9.67 16.95 13.59
CA GLU A 122 -8.78 16.07 14.33
C GLU A 122 -8.82 14.64 13.79
N ALA A 123 -10.00 14.18 13.41
CA ALA A 123 -10.19 12.82 12.92
C ALA A 123 -9.52 12.51 11.56
N LEU A 124 -9.39 13.53 10.72
CA LEU A 124 -8.86 13.39 9.36
C LEU A 124 -7.37 13.73 9.22
N LEU A 125 -6.72 14.08 10.33
CA LEU A 125 -5.31 14.46 10.32
C LEU A 125 -4.39 13.50 11.10
N GLN A 126 -3.10 13.52 10.77
CA GLN A 126 -2.06 12.84 11.56
C GLN A 126 -1.48 13.83 12.57
N GLU A 127 -1.48 13.47 13.85
CA GLU A 127 -1.02 14.36 14.91
C GLU A 127 0.39 14.91 14.69
N ARG A 128 1.36 14.01 14.45
CA ARG A 128 2.79 14.37 14.43
C ARG A 128 3.35 14.73 13.03
N GLN A 129 2.49 15.12 12.09
CA GLN A 129 2.89 15.29 10.70
C GLN A 129 2.09 16.39 10.05
N ASP A 130 2.81 17.33 9.44
CA ASP A 130 2.15 18.43 8.80
C ASP A 130 1.35 17.96 7.58
N ASN A 131 0.30 18.72 7.25
CA ASN A 131 -0.54 18.45 6.10
C ASN A 131 -0.79 19.76 5.37
N LEU A 132 0.01 20.02 4.34
CA LEU A 132 0.05 21.34 3.69
C LEU A 132 -0.72 21.36 2.38
N LEU A 133 -1.28 22.55 2.09
CA LEU A 133 -1.75 22.91 0.77
C LEU A 133 -0.68 23.73 0.14
N ALA A 134 -0.30 23.36 -1.08
CA ALA A 134 0.70 24.10 -1.87
C ALA A 134 0.13 24.56 -3.21
N ALA A 135 0.63 25.69 -3.73
CA ALA A 135 0.43 26.05 -5.13
C ALA A 135 1.77 26.20 -5.79
N ILE A 136 1.83 25.76 -7.03
CA ILE A 136 3.07 25.90 -7.79
C ILE A 136 2.75 26.51 -9.15
N TRP A 137 3.73 27.18 -9.73
CA TRP A 137 3.58 27.66 -11.10
C TRP A 137 4.94 28.02 -11.67
N GLN A 138 5.06 27.93 -12.99
CA GLN A 138 6.33 28.11 -13.69
C GLN A 138 6.29 29.33 -14.61
N ASP A 139 7.46 29.97 -14.70
CA ASP A 139 7.70 31.16 -15.48
C ASP A 139 8.65 30.80 -16.58
N SER A 140 8.90 31.76 -17.45
CA SER A 140 9.89 31.57 -18.50
C SER A 140 11.32 31.59 -17.92
N LYS A 141 11.46 31.81 -16.61
CA LYS A 141 12.78 31.79 -15.93
C LYS A 141 12.84 31.04 -14.58
N GLY A 142 11.71 30.73 -13.97
CA GLY A 142 11.75 30.14 -12.62
C GLY A 142 10.46 29.52 -12.13
N PHE A 143 10.33 29.32 -10.84
CA PHE A 143 9.13 28.77 -10.26
C PHE A 143 8.58 29.69 -9.18
N GLY A 144 7.29 29.62 -8.97
CA GLY A 144 6.66 30.29 -7.84
C GLY A 144 6.04 29.16 -7.09
N TYR A 145 6.14 29.20 -5.77
CA TYR A 145 5.68 28.12 -4.91
C TYR A 145 5.14 28.75 -3.65
N ALA A 146 4.25 28.08 -2.95
CA ALA A 146 3.62 28.66 -1.77
C ALA A 146 2.97 27.56 -1.00
N THR A 147 3.14 27.58 0.31
CA THR A 147 2.49 26.61 1.15
C THR A 147 1.65 27.32 2.19
N LEU A 148 0.52 26.73 2.51
CA LEU A 148 -0.32 27.18 3.59
C LEU A 148 -0.64 25.94 4.37
N ASP A 149 -0.63 26.05 5.68
CA ASP A 149 -1.08 24.96 6.51
C ASP A 149 -2.30 25.51 7.23
N ILE A 150 -3.48 25.06 6.79
CA ILE A 150 -4.75 25.67 7.13
C ILE A 150 -5.07 25.60 8.61
N SER A 151 -4.57 24.55 9.25
CA SER A 151 -4.84 24.32 10.65
C SER A 151 -3.73 24.91 11.55
N SER A 152 -3.04 25.95 11.06
CA SER A 152 -2.23 26.81 11.92
C SER A 152 -2.06 28.26 11.42
N GLY A 153 -2.21 28.49 10.12
CA GLY A 153 -2.21 29.83 9.56
C GLY A 153 -0.85 30.16 8.99
N ARG A 154 0.04 29.17 9.01
CA ARG A 154 1.42 29.35 8.56
C ARG A 154 1.34 29.44 7.06
N PHE A 155 1.71 30.60 6.49
CA PHE A 155 1.54 30.90 5.06
C PHE A 155 2.91 31.31 4.57
N ARG A 156 3.44 30.65 3.55
CA ARG A 156 4.81 30.82 3.13
C ARG A 156 4.89 30.93 1.61
N LEU A 157 6.00 31.52 1.15
CA LEU A 157 6.17 31.95 -0.24
C LEU A 157 7.63 31.80 -0.64
N SER A 158 7.90 31.38 -1.87
CA SER A 158 9.28 31.20 -2.32
C SER A 158 9.37 31.11 -3.82
N GLU A 159 10.57 31.34 -4.33
CA GLU A 159 10.79 31.50 -5.76
C GLU A 159 12.01 30.66 -6.16
N PRO A 160 11.92 29.33 -6.10
CA PRO A 160 13.07 28.48 -6.41
C PRO A 160 13.59 28.79 -7.78
N ALA A 161 14.91 28.80 -7.97
CA ALA A 161 15.50 29.33 -9.19
C ALA A 161 15.52 28.35 -10.38
N ASP A 162 15.27 27.08 -10.13
CA ASP A 162 15.46 26.04 -11.17
C ASP A 162 14.81 24.71 -10.83
N ARG A 163 14.82 23.82 -11.80
CA ARG A 163 14.23 22.53 -11.64
C ARG A 163 14.68 21.83 -10.33
N GLU A 164 15.99 21.73 -10.08
CA GLU A 164 16.42 20.89 -8.94
C GLU A 164 16.10 21.55 -7.57
N THR A 165 16.29 22.85 -7.41
CA THR A 165 15.74 23.56 -6.23
C THR A 165 14.19 23.45 -6.05
N MET A 166 13.45 23.35 -7.14
CA MET A 166 12.00 23.20 -7.06
C MET A 166 11.65 21.83 -6.56
N ALA A 167 12.28 20.83 -7.16
CA ALA A 167 12.19 19.43 -6.74
C ALA A 167 12.52 19.27 -5.25
N ALA A 168 13.62 19.86 -4.81
CA ALA A 168 14.00 19.80 -3.41
C ALA A 168 12.96 20.43 -2.50
N GLU A 169 12.29 21.48 -2.97
CA GLU A 169 11.22 22.09 -2.23
C GLU A 169 9.97 21.23 -2.14
N LEU A 170 9.59 20.58 -3.23
CA LEU A 170 8.42 19.68 -3.15
C LEU A 170 8.69 18.51 -2.21
N GLN A 171 9.92 18.05 -2.17
CA GLN A 171 10.29 16.93 -1.32
C GLN A 171 10.19 17.43 0.12
N ARG A 172 10.73 18.62 0.38
CA ARG A 172 10.75 19.20 1.73
C ARG A 172 9.34 19.47 2.30
N THR A 173 8.51 20.20 1.56
CA THR A 173 7.16 20.51 2.04
C THR A 173 6.17 19.33 1.98
N ASN A 174 6.35 18.43 1.00
CA ASN A 174 5.50 17.24 0.80
C ASN A 174 4.00 17.56 0.87
N PRO A 175 3.52 18.46 0.02
CA PRO A 175 2.13 18.92 0.12
C PRO A 175 1.15 17.74 0.00
N ALA A 176 0.05 17.79 0.75
CA ALA A 176 -1.00 16.78 0.60
C ALA A 176 -1.83 17.09 -0.63
N GLU A 177 -1.78 18.34 -1.08
CA GLU A 177 -2.52 18.80 -2.26
C GLU A 177 -1.72 19.87 -2.96
N LEU A 178 -1.58 19.77 -4.28
CA LEU A 178 -0.79 20.71 -5.06
C LEU A 178 -1.62 21.36 -6.19
N LEU A 179 -1.90 22.66 -6.09
CA LEU A 179 -2.62 23.37 -7.17
C LEU A 179 -1.55 23.78 -8.12
N TYR A 180 -1.74 23.58 -9.41
CA TYR A 180 -0.65 23.90 -10.35
C TYR A 180 -1.26 24.48 -11.55
N ALA A 181 -0.54 25.38 -12.20
CA ALA A 181 -1.08 26.18 -13.32
C ALA A 181 -1.24 25.38 -14.61
N GLU A 182 -2.29 25.65 -15.38
CA GLU A 182 -2.56 24.91 -16.60
C GLU A 182 -1.39 24.84 -17.59
N ASP A 183 -0.49 25.84 -17.59
CA ASP A 183 0.62 25.90 -18.57
C ASP A 183 2.00 25.50 -18.00
N PHE A 184 1.97 24.83 -16.85
CA PHE A 184 3.18 24.35 -16.21
C PHE A 184 3.91 23.43 -17.20
N ALA A 185 5.14 23.79 -17.57
CA ALA A 185 5.93 23.02 -18.54
C ALA A 185 6.57 21.74 -17.94
N GLU A 186 7.28 21.86 -16.82
CA GLU A 186 8.07 20.76 -16.28
C GLU A 186 7.19 19.88 -15.42
N MET A 187 6.42 19.03 -16.09
CA MET A 187 5.44 18.18 -15.44
C MET A 187 6.09 17.04 -14.72
N SER A 188 7.36 16.78 -14.98
CA SER A 188 8.02 15.67 -14.35
C SER A 188 8.42 15.95 -12.89
N LEU A 189 8.15 17.17 -12.41
CA LEU A 189 8.30 17.48 -10.99
C LEU A 189 7.08 17.07 -10.15
N ILE A 190 6.00 16.66 -10.81
CA ILE A 190 4.63 16.85 -10.33
C ILE A 190 3.70 15.72 -10.76
N GLU A 191 3.81 15.28 -12.02
CA GLU A 191 3.29 14.02 -12.47
C GLU A 191 3.62 12.96 -11.39
N GLY A 192 2.65 12.15 -11.03
CA GLY A 192 2.88 11.13 -10.01
C GLY A 192 2.92 11.65 -8.59
N ARG A 193 2.24 12.76 -8.33
CA ARG A 193 2.10 13.32 -6.99
C ARG A 193 0.65 13.24 -6.53
N ARG A 194 0.47 12.92 -5.26
CA ARG A 194 -0.87 12.84 -4.67
C ARG A 194 -1.48 14.20 -4.57
N GLY A 195 -2.79 14.24 -4.76
CA GLY A 195 -3.57 15.44 -4.56
C GLY A 195 -3.36 16.52 -5.58
N LEU A 196 -3.08 16.16 -6.82
CA LEU A 196 -2.75 17.12 -7.85
C LEU A 196 -4.00 17.82 -8.44
N ARG A 197 -3.93 19.14 -8.61
CA ARG A 197 -5.12 19.92 -8.99
C ARG A 197 -4.79 20.95 -10.03
N ARG A 198 -5.05 20.62 -11.28
CA ARG A 198 -4.84 21.56 -12.37
C ARG A 198 -5.74 22.81 -12.22
N ARG A 199 -5.13 23.99 -12.30
CA ARG A 199 -5.84 25.25 -12.17
C ARG A 199 -5.73 26.09 -13.44
N PRO A 200 -6.76 26.90 -13.69
CA PRO A 200 -6.70 27.93 -14.74
C PRO A 200 -5.73 29.06 -14.47
N LEU A 201 -5.10 29.51 -15.54
CA LEU A 201 -4.12 30.59 -15.48
C LEU A 201 -4.63 31.90 -14.84
N TRP A 202 -5.92 32.21 -14.91
CA TRP A 202 -6.39 33.46 -14.32
C TRP A 202 -6.18 33.51 -12.80
N GLU A 203 -6.17 32.35 -12.14
CA GLU A 203 -5.96 32.27 -10.68
C GLU A 203 -4.55 32.65 -10.25
N PHE A 204 -3.64 32.67 -11.21
CA PHE A 204 -2.27 33.08 -10.94
C PHE A 204 -1.95 34.51 -11.40
N GLU A 205 -2.95 35.25 -11.88
CA GLU A 205 -2.76 36.64 -12.28
C GLU A 205 -2.28 37.44 -11.07
N ILE A 206 -1.23 38.23 -11.28
CA ILE A 206 -0.60 39.00 -10.19
C ILE A 206 -1.47 40.16 -9.55
N ASP A 207 -2.23 40.94 -10.32
CA ASP A 207 -3.02 42.06 -9.71
C ASP A 207 -4.11 41.54 -8.81
N THR A 208 -4.69 40.42 -9.19
CA THR A 208 -5.66 39.70 -8.37
C THR A 208 -5.04 39.07 -7.12
N ALA A 209 -3.79 38.64 -7.19
CA ALA A 209 -3.13 38.07 -6.01
C ALA A 209 -2.84 39.19 -5.02
N ARG A 210 -2.34 40.30 -5.52
CA ARG A 210 -2.05 41.40 -4.64
C ARG A 210 -3.34 41.82 -3.95
N GLN A 211 -4.43 41.86 -4.72
CA GLN A 211 -5.76 42.14 -4.21
C GLN A 211 -6.24 41.14 -3.14
N GLN A 212 -6.48 39.88 -3.47
CA GLN A 212 -6.77 38.90 -2.41
C GLN A 212 -5.92 39.02 -1.14
N LEU A 213 -4.59 39.03 -1.28
CA LEU A 213 -3.73 39.00 -0.10
C LEU A 213 -3.80 40.29 0.77
N ASN A 214 -3.74 41.45 0.14
CA ASN A 214 -4.02 42.73 0.85
C ASN A 214 -5.38 42.73 1.54
N LEU A 215 -6.42 42.42 0.80
CA LEU A 215 -7.75 42.28 1.38
C LEU A 215 -7.70 41.47 2.65
N GLN A 216 -7.11 40.27 2.52
CA GLN A 216 -7.09 39.22 3.51
C GLN A 216 -6.35 39.72 4.71
N PHE A 217 -5.17 40.26 4.49
CA PHE A 217 -4.30 40.74 5.56
C PHE A 217 -4.72 42.11 6.11
N GLY A 218 -5.68 42.76 5.44
CA GLY A 218 -6.15 44.07 5.82
C GLY A 218 -5.10 45.14 5.64
N THR A 219 -4.35 45.10 4.54
CA THR A 219 -3.29 46.09 4.26
C THR A 219 -3.52 46.73 2.90
N ARG A 220 -2.76 47.80 2.64
CA ARG A 220 -2.77 48.49 1.37
C ARG A 220 -1.74 47.86 0.43
N ASP A 221 -0.56 47.55 0.97
CA ASP A 221 0.53 46.87 0.24
C ASP A 221 1.16 45.76 1.11
N LEU A 222 1.99 44.93 0.49
CA LEU A 222 2.64 43.82 1.19
C LEU A 222 4.08 44.09 1.60
N VAL A 223 4.45 45.37 1.72
CA VAL A 223 5.80 45.74 2.08
C VAL A 223 6.22 45.21 3.47
N GLY A 224 5.31 45.26 4.46
CA GLY A 224 5.63 44.89 5.83
C GLY A 224 5.90 43.40 5.99
N PHE A 225 5.44 42.62 5.02
CA PHE A 225 5.60 41.16 4.99
C PHE A 225 6.83 40.69 4.19
N GLY A 226 7.47 41.61 3.46
CA GLY A 226 8.68 41.30 2.72
C GLY A 226 8.43 40.53 1.43
N VAL A 227 7.27 40.75 0.83
CA VAL A 227 6.93 40.07 -0.41
C VAL A 227 6.44 40.97 -1.54
N GLU A 228 6.48 42.29 -1.42
CA GLU A 228 6.01 43.13 -2.52
C GLU A 228 6.97 42.91 -3.68
N ASN A 229 8.25 42.86 -3.34
CA ASN A 229 9.38 42.32 -4.14
C ASN A 229 9.11 41.09 -5.05
N ALA A 230 8.11 40.25 -4.73
CA ALA A 230 8.16 38.86 -5.16
C ALA A 230 6.96 38.39 -6.00
N PRO A 231 6.76 38.95 -7.19
CA PRO A 231 5.59 38.59 -8.00
C PRO A 231 5.47 37.12 -8.41
N ARG A 232 6.56 36.41 -8.71
CA ARG A 232 6.42 34.97 -9.02
C ARG A 232 5.69 34.23 -7.91
N GLY A 233 6.26 34.27 -6.71
CA GLY A 233 5.66 33.67 -5.55
C GLY A 233 4.27 34.16 -5.20
N LEU A 234 4.05 35.47 -5.27
CA LEU A 234 2.73 36.05 -4.98
C LEU A 234 1.61 35.42 -5.78
N CYS A 235 1.83 35.22 -7.08
CA CYS A 235 0.93 34.45 -7.95
C CYS A 235 0.63 32.98 -7.51
N ALA A 236 1.56 32.24 -6.95
CA ALA A 236 1.13 30.97 -6.36
C ALA A 236 0.31 31.23 -5.10
N ALA A 237 0.75 32.16 -4.27
CA ALA A 237 0.04 32.52 -3.04
C ALA A 237 -1.41 32.98 -3.30
N GLY A 238 -1.60 33.83 -4.31
CA GLY A 238 -2.92 34.19 -4.80
C GLY A 238 -3.85 33.04 -5.13
N CYS A 239 -3.43 32.16 -6.04
CA CYS A 239 -4.15 30.88 -6.29
C CYS A 239 -4.43 30.05 -5.06
N LEU A 240 -3.47 30.01 -4.14
CA LEU A 240 -3.56 29.12 -2.99
C LEU A 240 -4.64 29.63 -2.05
N LEU A 241 -4.61 30.93 -1.79
CA LEU A 241 -5.55 31.59 -0.92
C LEU A 241 -6.96 31.63 -1.51
N GLN A 242 -7.08 31.84 -2.82
CA GLN A 242 -8.40 31.81 -3.49
C GLN A 242 -9.07 30.48 -3.28
N TYR A 243 -8.27 29.41 -3.28
CA TYR A 243 -8.71 28.06 -3.06
C TYR A 243 -9.11 27.87 -1.59
N ALA A 244 -8.21 28.23 -0.68
CA ALA A 244 -8.47 28.03 0.75
C ALA A 244 -9.81 28.63 1.07
N LYS A 245 -10.03 29.86 0.62
CA LYS A 245 -11.27 30.59 0.78
C LYS A 245 -12.43 29.82 0.24
N ASP A 246 -12.35 29.40 -1.02
CA ASP A 246 -13.42 28.65 -1.68
C ASP A 246 -13.74 27.28 -1.04
N THR A 247 -12.76 26.63 -0.42
CA THR A 247 -13.06 25.35 0.27
C THR A 247 -13.67 25.57 1.65
N GLN A 248 -13.35 26.67 2.31
CA GLN A 248 -13.80 26.94 3.67
C GLN A 248 -15.10 27.73 3.71
N ARG A 249 -15.23 28.68 2.79
CA ARG A 249 -16.38 29.59 2.72
C ARG A 249 -16.79 30.17 4.04
N THR A 250 -15.78 30.61 4.79
CA THR A 250 -15.94 31.43 6.00
C THR A 250 -14.73 32.34 6.00
N THR A 251 -14.66 33.31 6.90
CA THR A 251 -13.46 34.14 6.96
C THR A 251 -12.41 33.26 7.59
N LEU A 252 -11.14 33.61 7.44
CA LEU A 252 -10.02 32.80 7.91
C LEU A 252 -9.05 33.63 8.75
N PRO A 253 -9.49 34.11 9.92
CA PRO A 253 -8.73 35.11 10.71
C PRO A 253 -7.37 34.66 11.17
N HIS A 254 -7.09 33.36 11.12
CA HIS A 254 -5.80 32.80 11.54
C HIS A 254 -4.70 32.90 10.50
N ILE A 255 -5.09 33.23 9.27
CA ILE A 255 -4.17 33.47 8.15
C ILE A 255 -4.02 34.97 8.06
N ARG A 256 -3.18 35.49 8.93
CA ARG A 256 -3.04 36.91 9.12
C ARG A 256 -1.72 37.45 8.59
N SER A 257 -0.92 36.56 7.98
CA SER A 257 0.41 36.90 7.47
C SER A 257 1.02 35.88 6.49
N ILE A 258 1.96 36.35 5.68
CA ILE A 258 2.78 35.51 4.80
C ILE A 258 4.24 35.90 4.88
N THR A 259 5.13 34.90 4.84
CA THR A 259 6.58 35.12 4.89
C THR A 259 7.26 34.53 3.69
N MET A 260 8.32 35.19 3.25
CA MET A 260 9.13 34.69 2.15
C MET A 260 10.31 33.87 2.66
N GLU A 261 10.50 32.67 2.11
CA GLU A 261 11.66 31.85 2.39
C GLU A 261 12.69 32.11 1.29
N ARG A 262 13.74 32.85 1.60
CA ARG A 262 14.81 33.12 0.67
C ARG A 262 15.84 31.98 0.60
N GLU A 263 16.54 31.85 -0.53
CA GLU A 263 17.72 30.94 -0.62
C GLU A 263 18.68 31.13 0.56
N GLN A 264 18.94 32.40 0.89
CA GLN A 264 20.06 32.82 1.72
C GLN A 264 19.84 32.70 3.24
N ASP A 265 18.61 32.38 3.66
CA ASP A 265 18.25 32.29 5.06
C ASP A 265 18.36 30.89 5.61
N SER A 266 18.47 29.93 4.71
CA SER A 266 18.46 28.53 5.07
C SER A 266 19.54 27.80 4.30
N ILE A 267 20.05 26.70 4.86
CA ILE A 267 20.84 25.76 4.05
C ILE A 267 19.88 25.01 3.15
N ILE A 268 20.16 25.00 1.86
CA ILE A 268 19.25 24.35 0.92
C ILE A 268 19.84 22.99 0.59
N MET A 269 19.22 21.91 1.07
CA MET A 269 19.69 20.58 0.74
C MET A 269 18.99 20.14 -0.51
N ASP A 270 19.71 19.43 -1.39
CA ASP A 270 19.09 18.96 -2.63
C ASP A 270 18.24 17.71 -2.34
N ALA A 271 17.68 17.06 -3.35
CA ALA A 271 16.70 16.02 -3.11
C ALA A 271 17.39 14.74 -2.67
N ALA A 272 18.47 14.38 -3.35
CA ALA A 272 19.34 13.28 -2.91
C ALA A 272 19.82 13.47 -1.48
N THR A 273 20.15 14.69 -1.09
CA THR A 273 20.70 14.92 0.25
C THR A 273 19.68 14.56 1.34
N ARG A 274 18.46 15.07 1.16
CA ARG A 274 17.35 14.83 2.08
C ARG A 274 17.02 13.35 2.23
N ARG A 275 17.18 12.58 1.16
CA ARG A 275 16.95 11.13 1.14
C ARG A 275 18.11 10.33 1.78
N ASN A 276 19.32 10.72 1.42
CA ASN A 276 20.52 10.01 1.82
C ASN A 276 20.76 10.11 3.34
N LEU A 277 20.19 11.13 3.96
CA LEU A 277 20.37 11.40 5.39
C LEU A 277 19.17 10.91 6.21
N GLU A 278 18.10 10.48 5.52
CA GLU A 278 17.02 9.79 6.19
C GLU A 278 16.55 10.70 7.34
N ILE A 279 16.25 11.96 7.01
CA ILE A 279 15.93 12.96 8.02
C ILE A 279 14.62 12.66 8.75
N THR A 280 13.57 12.30 8.02
CA THR A 280 12.28 11.88 8.60
C THR A 280 11.66 10.66 7.93
N GLN A 281 12.12 10.33 6.73
CA GLN A 281 11.75 9.11 6.04
C GLN A 281 13.01 8.34 5.66
N ASN A 282 13.10 7.06 6.04
CA ASN A 282 14.26 6.25 5.70
C ASN A 282 14.19 5.86 4.24
N LEU A 283 15.19 5.13 3.75
CA LEU A 283 15.35 4.93 2.31
C LEU A 283 14.32 3.96 1.74
N ALA A 284 13.73 3.13 2.60
CA ALA A 284 12.63 2.24 2.24
C ALA A 284 11.23 2.86 2.46
N GLY A 285 11.18 4.15 2.82
CA GLY A 285 9.93 4.88 2.95
C GLY A 285 9.33 5.00 4.34
N GLY A 286 9.80 4.21 5.31
CA GLY A 286 9.26 4.23 6.66
C GLY A 286 9.97 5.22 7.55
N ALA A 287 9.58 5.28 8.83
CA ALA A 287 10.08 6.28 9.77
C ALA A 287 10.95 5.68 10.90
N GLU A 288 11.23 4.38 10.84
CA GLU A 288 12.23 3.75 11.70
C GLU A 288 13.62 4.30 11.35
N ASN A 289 14.54 4.31 12.31
CA ASN A 289 15.94 4.60 12.01
C ASN A 289 16.18 5.88 11.16
N THR A 290 15.46 6.94 11.46
CA THR A 290 15.73 8.23 10.86
C THR A 290 16.41 9.15 11.85
N LEU A 291 16.73 10.37 11.42
CA LEU A 291 17.25 11.40 12.32
C LEU A 291 16.20 11.63 13.35
N ALA A 292 14.95 11.69 12.90
CA ALA A 292 13.87 12.16 13.74
C ALA A 292 13.49 11.12 14.78
N SER A 293 13.42 9.86 14.40
CA SER A 293 13.24 8.78 15.39
C SER A 293 14.18 8.95 16.60
N VAL A 294 15.44 9.26 16.34
CA VAL A 294 16.39 9.58 17.40
C VAL A 294 16.07 10.88 18.17
N LEU A 295 16.13 12.02 17.49
CA LEU A 295 16.02 13.31 18.17
C LEU A 295 14.65 13.67 18.74
N ASP A 296 13.59 13.20 18.10
CA ASP A 296 12.22 13.63 18.41
C ASP A 296 11.59 12.85 19.60
N CYS A 297 11.64 13.47 20.78
CA CYS A 297 10.94 13.00 21.97
C CYS A 297 10.14 14.07 22.62
N THR A 298 9.77 15.04 21.80
CA THR A 298 8.85 16.10 22.13
C THR A 298 7.59 15.51 22.72
N VAL A 299 6.88 16.29 23.53
CA VAL A 299 5.70 15.80 24.23
C VAL A 299 4.36 16.40 23.76
N THR A 300 4.38 17.27 22.76
CA THR A 300 3.14 17.77 22.12
C THR A 300 3.28 17.56 20.64
N PRO A 301 2.16 17.27 19.96
CA PRO A 301 2.18 17.09 18.49
C PRO A 301 2.80 18.29 17.75
N MET A 302 2.40 19.50 18.13
CA MET A 302 2.91 20.69 17.49
C MET A 302 4.43 20.85 17.64
N GLY A 303 4.96 20.48 18.79
CA GLY A 303 6.40 20.45 18.99
C GLY A 303 7.13 19.42 18.13
N SER A 304 6.51 18.29 17.87
CA SER A 304 7.12 17.34 16.95
C SER A 304 7.09 17.82 15.48
N ARG A 305 6.04 18.48 15.06
CA ARG A 305 6.00 19.00 13.69
C ARG A 305 7.03 20.10 13.48
N MET A 306 7.12 21.03 14.43
CA MET A 306 8.14 22.12 14.42
C MET A 306 9.58 21.61 14.29
N LEU A 307 9.88 20.57 15.07
CA LEU A 307 11.17 19.91 15.05
C LEU A 307 11.43 19.39 13.66
N LYS A 308 10.47 18.71 13.07
CA LYS A 308 10.65 18.16 11.73
C LYS A 308 10.85 19.23 10.65
N ARG A 309 10.28 20.42 10.84
CA ARG A 309 10.48 21.53 9.91
C ARG A 309 11.87 22.14 10.05
N TRP A 310 12.35 22.30 11.28
CA TRP A 310 13.69 22.80 11.48
C TRP A 310 14.67 21.79 10.92
N LEU A 311 14.66 20.54 11.40
CA LEU A 311 15.53 19.48 10.84
C LEU A 311 15.65 19.60 9.30
N HIS A 312 14.51 19.86 8.66
CA HIS A 312 14.41 19.99 7.20
C HIS A 312 14.86 21.33 6.65
N MET A 313 14.83 22.37 7.46
CA MET A 313 15.18 23.71 7.03
C MET A 313 16.09 24.44 8.04
N PRO A 314 17.39 24.17 7.98
CA PRO A 314 18.36 24.79 8.89
C PRO A 314 18.52 26.28 8.61
N VAL A 315 18.44 27.09 9.66
CA VAL A 315 18.58 28.54 9.49
C VAL A 315 20.05 28.91 9.42
N ARG A 316 20.35 30.02 8.76
CA ARG A 316 21.73 30.49 8.63
C ARG A 316 22.05 31.61 9.59
N ASP A 317 21.02 32.09 10.28
CA ASP A 317 21.11 33.32 11.09
C ASP A 317 21.86 33.00 12.39
N THR A 318 23.07 33.56 12.51
CA THR A 318 23.93 33.29 13.66
C THR A 318 23.25 33.63 14.97
N ARG A 319 22.65 34.81 15.05
CA ARG A 319 21.84 35.22 16.22
C ARG A 319 20.86 34.12 16.68
N VAL A 320 19.90 33.78 15.82
CA VAL A 320 18.89 32.76 16.12
C VAL A 320 19.56 31.45 16.62
N LEU A 321 20.69 31.08 16.03
CA LEU A 321 21.34 29.82 16.35
C LEU A 321 21.96 29.82 17.74
N LEU A 322 22.72 30.87 18.02
CA LEU A 322 23.28 31.10 19.34
C LEU A 322 22.17 31.10 20.38
N GLU A 323 21.06 31.75 20.05
CA GLU A 323 19.96 31.89 20.98
C GLU A 323 19.43 30.51 21.39
N ARG A 324 19.28 29.63 20.40
CA ARG A 324 18.71 28.31 20.59
C ARG A 324 19.65 27.41 21.39
N GLN A 325 20.95 27.48 21.05
CA GLN A 325 22.02 26.80 21.75
C GLN A 325 22.07 27.19 23.21
N GLN A 326 21.76 28.46 23.47
CA GLN A 326 21.84 29.04 24.81
C GLN A 326 20.73 28.43 25.63
N THR A 327 19.58 28.30 24.98
CA THR A 327 18.34 27.90 25.60
C THR A 327 18.46 26.46 26.02
N ILE A 328 19.14 25.71 25.16
CA ILE A 328 19.32 24.28 25.33
C ILE A 328 20.19 24.01 26.54
N GLY A 329 21.18 24.88 26.78
CA GLY A 329 22.11 24.70 27.88
C GLY A 329 21.53 25.19 29.20
N ALA A 330 20.66 26.19 29.12
CA ALA A 330 20.01 26.78 30.27
C ALA A 330 18.97 25.82 30.85
N LEU A 331 18.39 25.03 29.97
CA LEU A 331 17.24 24.21 30.32
C LEU A 331 17.63 22.76 30.59
N GLN A 332 18.91 22.44 30.44
CA GLN A 332 19.42 21.07 30.68
C GLN A 332 18.75 20.37 31.86
N ASP A 333 18.65 21.10 32.98
CA ASP A 333 18.19 20.55 34.26
C ASP A 333 16.68 20.48 34.38
N PHE A 334 16.03 21.38 33.68
CA PHE A 334 14.62 21.66 33.89
C PHE A 334 13.74 20.76 33.05
N THR A 335 14.33 19.82 32.30
CA THR A 335 13.51 19.07 31.34
C THR A 335 12.51 18.15 32.06
N ALA A 336 12.96 17.37 33.04
CA ALA A 336 12.06 16.43 33.72
C ALA A 336 10.88 17.11 34.44
N GLY A 337 11.01 18.39 34.81
CA GLY A 337 9.91 19.15 35.39
C GLY A 337 8.97 19.80 34.37
N LEU A 338 9.53 20.27 33.26
CA LEU A 338 8.79 21.00 32.23
C LEU A 338 8.02 20.08 31.30
N GLN A 339 8.58 18.91 31.01
CA GLN A 339 8.05 18.01 29.98
C GLN A 339 6.69 17.42 30.34
N PRO A 340 6.54 16.83 31.52
CA PRO A 340 5.20 16.39 31.96
C PRO A 340 4.17 17.52 31.88
N VAL A 341 4.54 18.75 32.20
CA VAL A 341 3.59 19.86 32.21
C VAL A 341 3.24 20.33 30.81
N LEU A 342 4.24 20.36 29.91
CA LEU A 342 4.02 20.83 28.54
C LEU A 342 3.19 19.86 27.77
N ARG A 343 3.21 18.60 28.20
CA ARG A 343 2.51 17.53 27.52
C ARG A 343 1.03 17.78 27.68
N GLN A 344 0.64 18.32 28.82
CA GLN A 344 -0.76 18.67 29.06
C GLN A 344 -1.22 19.94 28.28
N VAL A 345 -0.34 20.55 27.50
CA VAL A 345 -0.82 21.62 26.64
C VAL A 345 -1.45 20.99 25.38
N GLY A 346 -0.91 19.85 24.96
CA GLY A 346 -1.44 19.16 23.80
C GLY A 346 -1.21 19.95 22.53
N ASP A 347 -2.08 19.72 21.56
CA ASP A 347 -2.00 20.35 20.27
C ASP A 347 -2.85 21.61 20.26
N LEU A 348 -2.40 22.59 21.01
CA LEU A 348 -3.10 23.87 21.12
C LEU A 348 -3.23 24.57 19.78
N GLU A 349 -2.24 24.36 18.91
CA GLU A 349 -2.15 25.12 17.67
C GLU A 349 -3.27 24.73 16.72
N ARG A 350 -3.56 23.43 16.66
CA ARG A 350 -4.65 23.00 15.80
C ARG A 350 -6.04 23.37 16.34
N ILE A 351 -6.15 23.43 17.66
CA ILE A 351 -7.40 23.79 18.32
C ILE A 351 -7.77 25.24 18.02
N LEU A 352 -6.79 26.14 18.01
CA LEU A 352 -7.02 27.55 17.73
C LEU A 352 -7.35 27.74 16.29
N ALA A 353 -6.86 26.83 15.46
CA ALA A 353 -7.21 26.82 14.06
C ALA A 353 -8.68 26.49 13.90
N ARG A 354 -9.12 25.46 14.60
CA ARG A 354 -10.51 25.07 14.60
C ARG A 354 -11.38 26.13 15.28
N LEU A 355 -10.78 26.87 16.20
CA LEU A 355 -11.42 28.05 16.77
C LEU A 355 -11.62 29.13 15.72
N ALA A 356 -10.63 29.39 14.86
CA ALA A 356 -10.74 30.46 13.85
C ALA A 356 -11.65 30.10 12.68
N LEU A 357 -11.74 28.80 12.41
CA LEU A 357 -12.68 28.31 11.42
C LEU A 357 -14.04 28.11 12.05
N ARG A 358 -14.16 28.32 13.37
CA ARG A 358 -15.43 28.25 14.06
C ARG A 358 -16.01 26.84 14.08
N THR A 359 -15.16 25.85 13.89
CA THR A 359 -15.58 24.46 13.87
C THR A 359 -15.25 23.73 15.15
N ALA A 360 -14.58 24.40 16.09
CA ALA A 360 -14.11 23.75 17.31
C ALA A 360 -15.26 23.16 18.11
N ARG A 361 -15.06 21.93 18.55
CA ARG A 361 -16.06 21.19 19.30
C ARG A 361 -15.87 21.45 20.80
N PRO A 362 -16.79 20.96 21.64
CA PRO A 362 -16.68 21.12 23.08
C PRO A 362 -15.38 20.62 23.68
N ARG A 363 -14.91 19.45 23.27
CA ARG A 363 -13.68 18.88 23.83
C ARG A 363 -12.47 19.65 23.37
N ASP A 364 -12.64 20.40 22.27
CA ASP A 364 -11.61 21.32 21.83
C ASP A 364 -11.51 22.53 22.77
N LEU A 365 -12.64 23.09 23.20
CA LEU A 365 -12.57 24.14 24.19
C LEU A 365 -12.11 23.61 25.52
N ALA A 366 -12.41 22.34 25.82
CA ALA A 366 -11.98 21.71 27.07
C ALA A 366 -10.47 21.66 27.10
N ARG A 367 -9.87 21.03 26.10
CA ARG A 367 -8.43 20.92 26.03
C ARG A 367 -7.73 22.28 25.94
N MET A 368 -8.42 23.29 25.42
CA MET A 368 -7.89 24.65 25.41
C MET A 368 -7.87 25.21 26.83
N ARG A 369 -8.98 25.02 27.55
CA ARG A 369 -9.09 25.38 28.95
C ARG A 369 -8.01 24.70 29.78
N HIS A 370 -7.89 23.39 29.59
CA HIS A 370 -6.85 22.58 30.22
C HIS A 370 -5.45 23.10 29.92
N ALA A 371 -5.25 23.64 28.73
CA ALA A 371 -3.94 24.16 28.36
C ALA A 371 -3.62 25.40 29.19
N PHE A 372 -4.54 26.35 29.18
CA PHE A 372 -4.39 27.55 30.01
C PHE A 372 -4.07 27.23 31.46
N GLN A 373 -4.51 26.05 31.93
CA GLN A 373 -4.35 25.70 33.35
C GLN A 373 -2.91 25.28 33.70
N GLN A 374 -2.15 24.91 32.67
CA GLN A 374 -0.71 24.60 32.78
C GLN A 374 0.19 25.81 32.66
N LEU A 375 -0.37 26.96 32.28
CA LEU A 375 0.45 28.14 31.99
C LEU A 375 1.14 28.73 33.21
N PRO A 376 0.45 28.76 34.36
CA PRO A 376 1.05 29.23 35.62
C PRO A 376 2.24 28.39 36.06
N GLU A 377 2.07 27.08 36.04
CA GLU A 377 3.11 26.15 36.42
C GLU A 377 4.29 26.21 35.46
N LEU A 378 4.01 26.42 34.18
CA LEU A 378 5.09 26.66 33.22
C LEU A 378 5.78 28.01 33.51
N ARG A 379 5.00 29.04 33.82
CA ARG A 379 5.57 30.36 34.16
C ARG A 379 6.50 30.30 35.38
N ALA A 380 6.10 29.56 36.41
CA ALA A 380 6.85 29.46 37.66
C ALA A 380 8.15 28.70 37.48
N GLN A 381 8.13 27.63 36.68
CA GLN A 381 9.34 26.84 36.43
C GLN A 381 10.33 27.66 35.65
N LEU A 382 9.82 28.35 34.63
CA LEU A 382 10.66 29.10 33.71
C LEU A 382 11.20 30.40 34.27
N GLU A 383 10.67 30.90 35.39
CA GLU A 383 11.17 32.15 35.96
C GLU A 383 12.62 32.01 36.41
N THR A 384 12.89 30.87 37.02
CA THR A 384 14.22 30.55 37.56
C THR A 384 15.29 30.28 36.49
N VAL A 385 14.89 29.97 35.27
CA VAL A 385 15.85 29.69 34.19
C VAL A 385 16.47 30.98 33.66
N ASP A 386 17.75 31.19 33.98
CA ASP A 386 18.49 32.37 33.54
C ASP A 386 18.90 32.23 32.08
N SER A 387 18.16 32.89 31.20
CA SER A 387 18.38 32.86 29.76
C SER A 387 17.39 33.86 29.19
N ALA A 388 17.85 34.89 28.50
CA ALA A 388 16.94 35.87 27.92
C ALA A 388 15.96 35.26 26.87
N PRO A 389 16.44 34.34 26.03
CA PRO A 389 15.58 33.59 25.12
C PRO A 389 14.47 32.79 25.77
N VAL A 390 14.76 32.17 26.92
CA VAL A 390 13.74 31.38 27.60
C VAL A 390 12.69 32.32 28.16
N GLN A 391 13.10 33.51 28.58
CA GLN A 391 12.21 34.51 29.17
C GLN A 391 11.31 35.14 28.12
N ALA A 392 11.81 35.28 26.89
CA ALA A 392 11.00 35.79 25.78
C ALA A 392 9.90 34.77 25.41
N LEU A 393 10.23 33.49 25.54
CA LEU A 393 9.31 32.39 25.28
C LEU A 393 8.37 32.14 26.47
N ARG A 394 8.79 32.54 27.65
CA ARG A 394 7.93 32.57 28.82
C ARG A 394 6.89 33.67 28.63
N GLU A 395 7.32 34.75 27.99
CA GLU A 395 6.54 35.95 27.85
C GLU A 395 5.56 35.84 26.70
N LYS A 396 5.96 35.09 25.67
CA LYS A 396 5.15 34.91 24.47
C LYS A 396 4.02 33.93 24.79
N MET A 397 4.34 32.91 25.60
CA MET A 397 3.39 31.94 26.18
C MET A 397 2.10 32.58 26.72
N GLY A 398 2.18 33.76 27.32
CA GLY A 398 1.02 34.45 27.82
C GLY A 398 0.43 33.75 29.04
N GLU A 399 -0.83 34.03 29.35
CA GLU A 399 -1.47 33.44 30.54
C GLU A 399 -2.99 33.25 30.41
N PHE A 400 -3.69 34.30 29.97
CA PHE A 400 -5.11 34.20 29.69
C PHE A 400 -5.87 33.73 30.92
N ALA A 401 -5.77 34.50 32.00
CA ALA A 401 -6.50 34.17 33.23
C ALA A 401 -8.01 34.28 32.93
N GLU A 402 -8.42 35.39 32.32
CA GLU A 402 -9.80 35.64 31.95
C GLU A 402 -10.40 34.46 31.17
N LEU A 403 -9.77 34.12 30.05
CA LEU A 403 -10.33 33.16 29.12
C LEU A 403 -10.39 31.77 29.72
N ARG A 404 -9.41 31.47 30.56
CA ARG A 404 -9.42 30.24 31.35
C ARG A 404 -10.66 30.23 32.26
N ASP A 405 -10.85 31.30 33.02
CA ASP A 405 -11.99 31.44 33.92
C ASP A 405 -13.36 31.41 33.20
N LEU A 406 -13.37 31.82 31.94
CA LEU A 406 -14.56 31.77 31.11
C LEU A 406 -14.90 30.32 30.71
N LEU A 407 -13.90 29.57 30.27
CA LEU A 407 -14.15 28.19 29.88
C LEU A 407 -14.45 27.28 31.06
N GLU A 408 -14.08 27.69 32.27
CA GLU A 408 -14.41 26.91 33.46
C GLU A 408 -15.85 27.16 33.90
N ARG A 409 -16.32 28.39 33.68
CA ARG A 409 -17.70 28.79 33.96
C ARG A 409 -18.67 28.52 32.80
N ALA A 410 -18.19 27.96 31.69
CA ALA A 410 -19.01 27.83 30.49
C ALA A 410 -19.20 26.37 30.17
N ILE A 411 -18.12 25.64 29.98
CA ILE A 411 -18.19 24.21 29.67
C ILE A 411 -18.07 23.38 30.95
N ILE A 412 -18.79 22.26 30.99
CA ILE A 412 -18.66 21.31 32.11
C ILE A 412 -17.32 20.57 32.06
N ASP A 413 -17.04 19.75 33.06
CA ASP A 413 -15.71 19.17 33.20
C ASP A 413 -15.35 18.21 32.06
N THR A 414 -16.29 17.37 31.64
CA THR A 414 -16.07 16.56 30.44
C THR A 414 -17.30 16.55 29.55
N PRO A 415 -17.30 17.43 28.57
CA PRO A 415 -18.44 17.55 27.65
C PRO A 415 -18.49 16.39 26.64
N PRO A 416 -19.62 16.25 25.96
CA PRO A 416 -19.74 15.27 24.87
C PRO A 416 -18.96 15.70 23.64
N VAL A 417 -18.84 14.78 22.67
CA VAL A 417 -18.09 15.02 21.44
C VAL A 417 -18.68 16.18 20.60
N LEU A 418 -20.00 16.36 20.65
CA LEU A 418 -20.67 17.36 19.82
C LEU A 418 -21.49 18.34 20.68
N VAL A 419 -21.97 19.44 20.09
CA VAL A 419 -22.98 20.33 20.74
C VAL A 419 -24.42 20.02 20.34
N ARG A 420 -24.61 19.32 19.22
CA ARG A 420 -25.94 18.98 18.70
C ARG A 420 -26.89 18.44 19.77
N ASP A 421 -26.38 17.58 20.65
CA ASP A 421 -27.20 16.91 21.66
C ASP A 421 -27.25 17.65 23.02
N GLY A 422 -26.80 18.91 23.03
CA GLY A 422 -26.76 19.71 24.26
C GLY A 422 -25.91 19.10 25.36
N GLY A 423 -26.19 19.52 26.59
CA GLY A 423 -25.49 19.00 27.76
C GLY A 423 -24.00 19.32 27.73
N VAL A 424 -23.69 20.57 27.41
CA VAL A 424 -22.32 21.06 27.19
C VAL A 424 -22.07 22.28 28.07
N ILE A 425 -22.93 23.28 27.93
CA ILE A 425 -22.88 24.48 28.78
C ILE A 425 -23.26 24.13 30.23
N ALA A 426 -22.65 24.84 31.18
CA ALA A 426 -22.68 24.44 32.59
C ALA A 426 -23.72 25.23 33.38
N SER A 427 -23.89 24.86 34.64
CA SER A 427 -24.83 25.53 35.52
C SER A 427 -24.29 26.86 36.02
N GLY A 428 -25.16 27.86 36.05
CA GLY A 428 -24.80 29.19 36.53
C GLY A 428 -24.35 30.13 35.43
N TYR A 429 -23.92 29.59 34.29
CA TYR A 429 -23.38 30.42 33.23
C TYR A 429 -24.43 31.35 32.63
N ASN A 430 -25.61 30.78 32.40
CA ASN A 430 -26.75 31.53 31.88
C ASN A 430 -27.98 31.12 32.69
N GLU A 431 -28.62 32.10 33.31
CA GLU A 431 -29.73 31.81 34.24
C GLU A 431 -31.06 31.53 33.55
N GLU A 432 -31.18 31.91 32.29
CA GLU A 432 -32.28 31.48 31.44
C GLU A 432 -32.18 30.00 31.01
N LEU A 433 -30.96 29.47 30.98
CA LEU A 433 -30.76 28.08 30.56
C LEU A 433 -30.98 27.09 31.72
N ASP A 434 -30.56 27.47 32.93
CA ASP A 434 -30.80 26.64 34.11
C ASP A 434 -32.28 26.57 34.35
N GLU A 435 -32.95 27.68 34.06
CA GLU A 435 -34.40 27.84 34.12
C GLU A 435 -35.14 27.00 33.06
N TRP A 436 -34.52 26.79 31.90
CA TRP A 436 -35.11 25.98 30.82
C TRP A 436 -34.90 24.46 31.04
N ARG A 437 -33.77 24.09 31.64
CA ARG A 437 -33.55 22.72 32.11
C ARG A 437 -34.42 22.44 33.32
N ALA A 438 -34.60 23.46 34.15
CA ALA A 438 -35.43 23.34 35.35
C ALA A 438 -36.79 22.74 35.00
N LEU A 439 -37.45 23.30 33.99
CA LEU A 439 -38.76 22.85 33.57
C LEU A 439 -38.70 21.48 32.90
N ALA A 440 -37.61 21.19 32.18
CA ALA A 440 -37.35 19.85 31.64
C ALA A 440 -36.56 18.99 32.66
N ASP A 441 -36.97 19.09 33.93
CA ASP A 441 -36.58 18.15 34.98
C ASP A 441 -37.85 17.71 35.73
N GLY A 442 -38.94 17.56 34.98
CA GLY A 442 -40.09 16.79 35.39
C GLY A 442 -39.89 15.32 35.02
N ALA A 443 -38.84 15.03 34.23
CA ALA A 443 -38.48 13.66 33.81
C ALA A 443 -38.25 12.71 35.01
N THR A 444 -37.42 13.15 35.95
CA THR A 444 -37.28 12.48 37.26
C THR A 444 -38.66 12.35 37.95
N ASP A 445 -39.01 13.35 38.75
CA ASP A 445 -40.21 13.34 39.62
C ASP A 445 -41.54 13.07 38.89
N TYR A 446 -42.03 14.02 38.09
CA TYR A 446 -43.40 14.02 37.58
C TYR A 446 -43.93 12.70 37.01
N LEU A 447 -43.12 12.03 36.22
CA LEU A 447 -43.56 10.86 35.46
C LEU A 447 -43.70 9.65 36.33
N GLU A 448 -42.76 9.45 37.25
CA GLU A 448 -42.90 8.34 38.21
C GLU A 448 -44.12 8.58 39.09
N ARG A 449 -44.42 9.84 39.41
CA ARG A 449 -45.54 10.17 40.28
C ARG A 449 -46.86 9.94 39.54
N LEU A 450 -46.98 10.44 38.31
CA LEU A 450 -48.16 10.20 37.50
C LEU A 450 -48.36 8.73 37.29
N GLU A 451 -47.26 7.98 37.21
CA GLU A 451 -47.32 6.55 36.97
C GLU A 451 -47.94 5.83 38.16
N VAL A 452 -47.35 6.06 39.33
CA VAL A 452 -47.73 5.37 40.56
C VAL A 452 -49.13 5.76 40.95
N ARG A 453 -49.46 7.01 40.65
CA ARG A 453 -50.78 7.58 40.91
C ARG A 453 -51.82 6.83 40.09
N GLU A 454 -51.57 6.69 38.79
CA GLU A 454 -52.51 6.03 37.89
C GLU A 454 -52.49 4.51 38.04
N ARG A 455 -51.39 3.97 38.54
CA ARG A 455 -51.32 2.54 38.83
C ARG A 455 -52.17 2.17 40.06
N GLU A 456 -52.08 3.00 41.11
CA GLU A 456 -52.85 2.82 42.35
C GLU A 456 -54.35 3.04 42.05
N ARG A 457 -54.64 4.12 41.33
CA ARG A 457 -56.00 4.57 41.03
C ARG A 457 -56.79 3.55 40.22
N THR A 458 -56.18 2.98 39.17
CA THR A 458 -56.85 2.00 38.31
C THR A 458 -56.73 0.57 38.87
N GLY A 459 -55.78 0.36 39.77
CA GLY A 459 -55.48 -0.98 40.26
C GLY A 459 -55.01 -1.90 39.15
N LEU A 460 -54.35 -1.33 38.14
CA LEU A 460 -53.88 -2.11 37.00
C LEU A 460 -52.36 -2.19 37.09
N ASP A 461 -51.88 -3.33 37.59
CA ASP A 461 -50.49 -3.48 38.06
C ASP A 461 -49.43 -3.47 36.96
N THR A 462 -49.82 -3.80 35.73
CA THR A 462 -48.91 -3.72 34.59
C THR A 462 -48.78 -2.30 34.05
N LEU A 463 -49.38 -1.32 34.72
CA LEU A 463 -49.37 0.04 34.18
C LEU A 463 -47.99 0.67 34.35
N LYS A 464 -47.43 1.17 33.24
CA LYS A 464 -46.17 1.91 33.22
C LYS A 464 -46.35 3.22 32.44
N VAL A 465 -45.41 4.15 32.58
CA VAL A 465 -45.37 5.36 31.75
C VAL A 465 -44.04 5.42 31.00
N GLY A 466 -44.13 5.62 29.68
CA GLY A 466 -42.96 5.72 28.84
C GLY A 466 -42.98 6.86 27.84
N PHE A 467 -41.90 6.92 27.06
CA PHE A 467 -41.76 7.82 25.92
C PHE A 467 -41.19 7.05 24.73
N ASN A 468 -41.58 7.52 23.55
CA ASN A 468 -41.25 6.87 22.30
C ASN A 468 -41.20 7.98 21.27
N ALA A 469 -40.06 8.13 20.59
CA ALA A 469 -39.83 9.28 19.70
C ALA A 469 -40.92 9.47 18.63
N VAL A 470 -41.45 8.37 18.14
CA VAL A 470 -42.47 8.43 17.08
C VAL A 470 -43.89 8.84 17.55
N HIS A 471 -44.28 8.52 18.79
CA HIS A 471 -45.64 8.79 19.27
C HIS A 471 -45.71 9.64 20.55
N GLY A 472 -44.56 10.04 21.08
CA GLY A 472 -44.49 10.78 22.32
C GLY A 472 -44.78 9.94 23.55
N TYR A 473 -45.24 10.60 24.61
CA TYR A 473 -45.51 9.96 25.89
C TYR A 473 -46.77 9.09 25.87
N TYR A 474 -46.83 8.12 26.76
CA TYR A 474 -47.97 7.22 26.83
C TYR A 474 -48.13 6.56 28.18
N ILE A 475 -49.27 5.89 28.36
CA ILE A 475 -49.48 5.03 29.50
C ILE A 475 -49.69 3.60 28.98
N GLN A 476 -48.73 2.72 29.22
CA GLN A 476 -48.87 1.34 28.81
C GLN A 476 -49.72 0.52 29.76
N ILE A 477 -50.47 -0.42 29.20
CA ILE A 477 -51.20 -1.42 29.96
C ILE A 477 -51.12 -2.69 29.16
N SER A 478 -50.91 -3.83 29.84
CA SER A 478 -50.85 -5.14 29.18
C SER A 478 -52.11 -5.42 28.36
N ARG A 479 -52.04 -6.34 27.40
CA ARG A 479 -53.19 -6.63 26.55
C ARG A 479 -54.33 -7.19 27.41
N GLY A 480 -54.00 -8.09 28.34
CA GLY A 480 -54.96 -8.68 29.27
C GLY A 480 -55.54 -7.77 30.35
N GLN A 481 -54.96 -6.59 30.58
CA GLN A 481 -55.57 -5.60 31.48
C GLN A 481 -56.18 -4.40 30.76
N SER A 482 -55.99 -4.29 29.45
CA SER A 482 -56.36 -3.06 28.71
C SER A 482 -57.86 -2.87 28.49
N HIS A 483 -58.60 -3.98 28.39
CA HIS A 483 -60.06 -3.90 28.29
C HIS A 483 -60.66 -3.27 29.57
N LEU A 484 -59.81 -2.94 30.52
CA LEU A 484 -60.22 -2.50 31.85
C LEU A 484 -59.84 -1.07 32.15
N ALA A 485 -59.19 -0.43 31.19
CA ALA A 485 -58.64 0.92 31.34
C ALA A 485 -59.73 1.93 31.29
N PRO A 486 -59.52 3.13 31.84
CA PRO A 486 -60.55 4.16 31.77
C PRO A 486 -61.03 4.45 30.34
N ILE A 487 -62.23 4.97 30.31
CA ILE A 487 -62.90 5.30 29.08
C ILE A 487 -62.29 6.65 28.59
N ASN A 488 -61.93 7.48 29.57
CA ASN A 488 -61.06 8.67 29.46
C ASN A 488 -59.73 8.54 28.71
N TYR A 489 -59.15 7.35 28.77
CA TYR A 489 -57.84 7.10 28.18
C TYR A 489 -58.01 6.94 26.67
N MET A 490 -57.16 7.61 25.89
CA MET A 490 -57.25 7.60 24.43
C MET A 490 -56.17 6.69 23.84
N ARG A 491 -56.58 5.81 22.92
CA ARG A 491 -55.66 4.93 22.22
C ARG A 491 -54.65 5.78 21.47
N ARG A 492 -53.37 5.56 21.72
CA ARG A 492 -52.28 6.28 21.07
C ARG A 492 -51.47 5.34 20.18
N GLN A 493 -51.00 4.23 20.75
CA GLN A 493 -50.20 3.24 20.05
C GLN A 493 -50.49 1.82 20.55
N THR A 494 -50.79 0.92 19.61
CA THR A 494 -51.02 -0.49 19.92
C THR A 494 -49.78 -1.33 19.60
N LEU A 495 -49.61 -2.39 20.39
CA LEU A 495 -48.55 -3.36 20.24
C LEU A 495 -49.08 -4.77 20.45
N LYS A 496 -48.27 -5.76 20.09
CA LYS A 496 -48.69 -7.16 20.14
C LYS A 496 -49.30 -7.51 21.49
N ASN A 497 -48.65 -7.06 22.57
CA ASN A 497 -49.07 -7.37 23.92
C ASN A 497 -49.19 -6.18 24.86
N ALA A 498 -49.37 -5.00 24.31
CA ALA A 498 -49.66 -3.84 25.13
C ALA A 498 -50.53 -2.85 24.38
N GLU A 499 -50.99 -1.84 25.09
CA GLU A 499 -51.86 -0.83 24.54
C GLU A 499 -51.44 0.39 25.29
N ARG A 500 -50.99 1.42 24.58
CA ARG A 500 -50.53 2.65 25.19
C ARG A 500 -51.54 3.78 25.02
N TYR A 501 -51.68 4.63 26.03
CA TYR A 501 -52.73 5.64 26.01
C TYR A 501 -52.27 7.06 26.25
N ILE A 502 -53.17 8.00 25.99
CA ILE A 502 -52.89 9.42 26.26
C ILE A 502 -54.12 10.10 26.88
N ILE A 503 -53.85 10.78 28.00
CA ILE A 503 -54.81 11.67 28.66
C ILE A 503 -54.29 13.11 28.57
N PRO A 504 -55.14 14.12 28.79
CA PRO A 504 -54.71 15.52 28.60
C PRO A 504 -53.60 16.04 29.53
N GLU A 505 -53.46 15.48 30.72
CA GLU A 505 -52.39 15.86 31.64
C GLU A 505 -51.00 15.40 31.13
N LEU A 506 -50.95 14.30 30.40
CA LEU A 506 -49.68 13.81 29.87
C LEU A 506 -49.30 14.55 28.62
N LYS A 507 -50.28 14.83 27.75
CA LYS A 507 -50.02 15.51 26.49
C LYS A 507 -49.68 16.98 26.77
N GLU A 508 -50.20 17.53 27.86
CA GLU A 508 -49.79 18.86 28.31
C GLU A 508 -48.33 18.80 28.73
N TYR A 509 -47.98 17.79 29.53
CA TYR A 509 -46.61 17.59 29.99
C TYR A 509 -45.67 17.20 28.86
N GLU A 510 -46.21 16.79 27.73
CA GLU A 510 -45.39 16.49 26.58
C GLU A 510 -45.10 17.78 25.80
N ASP A 511 -46.09 18.66 25.70
CA ASP A 511 -45.96 19.92 24.96
C ASP A 511 -44.94 20.83 25.61
N LYS A 512 -44.79 20.75 26.93
CA LYS A 512 -43.84 21.61 27.64
C LYS A 512 -42.47 20.99 27.81
N VAL A 513 -42.36 19.66 27.85
CA VAL A 513 -41.03 19.04 27.91
C VAL A 513 -40.32 19.21 26.58
N LEU A 514 -40.94 18.72 25.52
CA LEU A 514 -40.41 18.87 24.16
C LEU A 514 -40.06 20.33 23.82
N THR A 515 -40.99 21.28 24.01
CA THR A 515 -40.71 22.66 23.57
C THR A 515 -39.69 23.37 24.46
N SER A 516 -39.76 23.16 25.77
CA SER A 516 -38.74 23.70 26.67
C SER A 516 -37.35 23.09 26.35
N LYS A 517 -37.33 21.87 25.83
CA LYS A 517 -36.09 21.17 25.47
C LYS A 517 -35.48 21.70 24.18
N GLY A 518 -36.32 22.10 23.24
CA GLY A 518 -35.86 22.71 22.00
C GLY A 518 -35.38 24.14 22.25
N LYS A 519 -36.09 24.87 23.12
CA LYS A 519 -35.69 26.22 23.54
C LYS A 519 -34.32 26.15 24.27
N ALA A 520 -34.14 25.16 25.13
CA ALA A 520 -32.90 25.00 25.87
C ALA A 520 -31.71 24.60 25.00
N LEU A 521 -31.99 23.99 23.86
CA LEU A 521 -30.92 23.49 22.99
C LEU A 521 -30.41 24.61 22.14
N ALA A 522 -31.34 25.30 21.49
CA ALA A 522 -31.04 26.50 20.71
C ALA A 522 -30.24 27.46 21.53
N LEU A 523 -30.69 27.73 22.76
CA LEU A 523 -30.00 28.67 23.62
C LEU A 523 -28.56 28.23 23.84
N GLU A 524 -28.39 26.99 24.28
CA GLU A 524 -27.06 26.39 24.41
C GLU A 524 -26.13 26.59 23.19
N LYS A 525 -26.70 26.49 21.99
CA LYS A 525 -25.96 26.71 20.74
C LYS A 525 -25.70 28.19 20.45
N GLN A 526 -26.59 29.07 20.89
CA GLN A 526 -26.33 30.52 20.87
C GLN A 526 -25.18 30.86 21.82
N LEU A 527 -25.24 30.29 23.02
CA LEU A 527 -24.20 30.50 24.01
C LEU A 527 -22.85 29.86 23.65
N TYR A 528 -22.88 28.75 22.92
CA TYR A 528 -21.65 28.04 22.61
C TYR A 528 -20.96 28.69 21.46
N GLU A 529 -21.73 29.23 20.51
CA GLU A 529 -21.15 30.01 19.42
C GLU A 529 -20.77 31.41 19.93
N GLU A 530 -21.31 31.81 21.07
CA GLU A 530 -20.91 33.05 21.72
C GLU A 530 -19.53 32.90 22.36
N LEU A 531 -19.14 31.68 22.74
CA LEU A 531 -17.78 31.44 23.23
C LEU A 531 -16.75 31.81 22.15
N PHE A 532 -17.10 31.60 20.88
CA PHE A 532 -16.20 31.94 19.78
C PHE A 532 -16.03 33.46 19.66
N ASP A 533 -17.13 34.22 19.78
CA ASP A 533 -17.05 35.67 19.69
C ASP A 533 -16.14 36.24 20.80
N LEU A 534 -16.17 35.61 21.97
CA LEU A 534 -15.37 36.08 23.13
C LEU A 534 -13.94 35.57 23.11
N LEU A 535 -13.71 34.42 22.49
CA LEU A 535 -12.37 33.86 22.43
C LEU A 535 -11.57 34.46 21.27
N LEU A 536 -12.26 34.75 20.18
CA LEU A 536 -11.64 35.13 18.91
C LEU A 536 -10.84 36.44 18.87
N PRO A 537 -11.25 37.48 19.61
CA PRO A 537 -10.51 38.75 19.56
C PRO A 537 -9.06 38.61 20.08
N HIS A 538 -8.81 37.62 20.93
CA HIS A 538 -7.47 37.36 21.46
C HIS A 538 -6.69 36.32 20.63
N LEU A 539 -7.16 36.05 19.41
CA LEU A 539 -6.58 35.00 18.61
C LEU A 539 -5.12 35.25 18.28
N GLU A 540 -4.77 36.49 17.96
CA GLU A 540 -3.38 36.81 17.66
C GLU A 540 -2.45 36.23 18.75
N ALA A 541 -2.68 36.64 20.00
CA ALA A 541 -1.86 36.23 21.14
C ALA A 541 -1.98 34.75 21.43
N LEU A 542 -3.10 34.14 21.04
CA LEU A 542 -3.29 32.73 21.31
C LEU A 542 -2.38 31.92 20.40
N GLN A 543 -2.37 32.24 19.10
CA GLN A 543 -1.41 31.64 18.15
C GLN A 543 0.05 31.86 18.57
N GLN A 544 0.38 33.03 19.12
CA GLN A 544 1.73 33.28 19.62
C GLN A 544 2.02 32.46 20.87
N SER A 545 0.99 32.16 21.66
CA SER A 545 1.15 31.29 22.81
C SER A 545 1.43 29.84 22.34
N ALA A 546 0.69 29.40 21.34
CA ALA A 546 0.79 28.07 20.79
C ALA A 546 2.17 27.84 20.21
N SER A 547 2.67 28.83 19.49
CA SER A 547 3.95 28.69 18.84
C SER A 547 5.06 28.74 19.89
N ALA A 548 4.90 29.64 20.87
CA ALA A 548 5.82 29.70 22.02
C ALA A 548 6.01 28.33 22.65
N LEU A 549 4.90 27.62 22.84
CA LEU A 549 4.89 26.35 23.55
C LEU A 549 5.51 25.23 22.73
N ALA A 550 5.33 25.29 21.41
CA ALA A 550 5.90 24.30 20.51
C ALA A 550 7.42 24.45 20.44
N GLU A 551 7.88 25.69 20.36
CA GLU A 551 9.30 26.07 20.37
C GLU A 551 9.92 25.60 21.66
N LEU A 552 9.20 25.78 22.79
CA LEU A 552 9.69 25.36 24.10
C LEU A 552 9.84 23.85 24.08
N ASP A 553 8.77 23.19 23.63
CA ASP A 553 8.76 21.77 23.52
C ASP A 553 9.95 21.29 22.70
N VAL A 554 10.32 22.05 21.68
CA VAL A 554 11.41 21.63 20.83
C VAL A 554 12.74 21.79 21.56
N LEU A 555 12.93 22.93 22.20
CA LEU A 555 14.23 23.25 22.76
C LEU A 555 14.48 22.40 24.01
N VAL A 556 13.46 22.28 24.85
CA VAL A 556 13.47 21.36 25.98
C VAL A 556 13.83 19.93 25.54
N ASN A 557 13.33 19.52 24.38
CA ASN A 557 13.59 18.21 23.85
C ASN A 557 15.04 18.02 23.43
N LEU A 558 15.57 19.04 22.74
CA LEU A 558 16.93 19.00 22.21
C LEU A 558 17.91 19.18 23.34
N ALA A 559 17.43 19.79 24.42
CA ALA A 559 18.17 19.89 25.67
C ALA A 559 18.31 18.54 26.36
N GLU A 560 17.24 17.75 26.35
CA GLU A 560 17.23 16.42 26.97
C GLU A 560 18.12 15.47 26.15
N ARG A 561 18.07 15.65 24.83
CA ARG A 561 18.75 14.77 23.89
C ARG A 561 20.26 14.98 23.92
N ALA A 562 20.69 16.25 23.99
CA ALA A 562 22.10 16.56 24.20
C ALA A 562 22.61 15.83 25.46
N TYR A 563 21.85 15.96 26.55
CA TYR A 563 22.28 15.39 27.82
C TYR A 563 22.37 13.87 27.66
N THR A 564 21.28 13.25 27.26
CA THR A 564 21.18 11.79 27.28
C THR A 564 22.20 11.11 26.38
N LEU A 565 22.41 11.63 25.17
CA LEU A 565 23.24 10.99 24.16
C LEU A 565 24.61 11.63 24.02
N ASN A 566 25.00 12.43 25.01
CA ASN A 566 26.32 13.07 25.08
C ASN A 566 26.67 13.86 23.80
N TYR A 567 25.94 14.96 23.56
CA TYR A 567 26.26 15.95 22.51
C TYR A 567 26.85 17.27 23.06
N THR A 568 27.77 17.88 22.33
CA THR A 568 28.41 19.16 22.74
C THR A 568 28.04 20.32 21.84
N CYS A 569 28.36 21.52 22.29
CA CYS A 569 28.01 22.71 21.54
C CYS A 569 28.95 22.91 20.36
N PRO A 570 28.37 23.17 19.19
CA PRO A 570 29.19 23.59 18.06
C PRO A 570 29.59 25.07 18.22
N THR A 571 30.73 25.48 17.68
CA THR A 571 31.03 26.90 17.55
C THR A 571 31.06 27.25 16.08
N PHE A 572 30.80 28.52 15.76
CA PHE A 572 30.76 28.95 14.37
C PHE A 572 31.96 29.82 14.05
N ILE A 573 32.44 29.74 12.82
CA ILE A 573 33.63 30.48 12.37
C ILE A 573 33.29 31.26 11.08
N ASP A 574 34.16 32.17 10.65
CA ASP A 574 33.85 33.09 9.53
C ASP A 574 33.97 32.44 8.17
N LYS A 575 34.97 31.58 8.00
CA LYS A 575 35.29 31.01 6.68
C LYS A 575 34.71 29.61 6.53
N PRO A 576 34.70 29.06 5.31
CA PRO A 576 34.26 27.68 5.16
C PRO A 576 35.20 26.70 5.87
N GLY A 577 34.62 25.69 6.49
CA GLY A 577 35.39 24.65 7.11
C GLY A 577 34.59 23.91 8.13
N ILE A 578 35.01 22.69 8.39
CA ILE A 578 34.46 21.87 9.45
C ILE A 578 35.62 21.19 10.15
N ARG A 579 35.59 21.21 11.47
CA ARG A 579 36.56 20.48 12.28
C ARG A 579 35.80 19.70 13.32
N ILE A 580 35.72 18.39 13.15
CA ILE A 580 35.08 17.53 14.13
C ILE A 580 36.18 16.82 14.90
N THR A 581 36.12 16.90 16.23
CA THR A 581 36.82 15.96 17.09
C THR A 581 35.84 14.90 17.57
N GLU A 582 36.07 13.65 17.19
CA GLU A 582 35.31 12.49 17.66
C GLU A 582 33.82 12.55 17.34
N GLY A 583 33.51 12.77 16.07
CA GLY A 583 32.15 12.75 15.59
C GLY A 583 31.63 11.35 15.37
N ARG A 584 30.33 11.21 15.55
CA ARG A 584 29.59 9.96 15.41
C ARG A 584 28.34 10.19 14.56
N HIS A 585 27.90 9.16 13.85
CA HIS A 585 26.65 9.29 13.08
C HIS A 585 25.51 9.15 14.08
N PRO A 586 24.71 10.20 14.23
CA PRO A 586 23.67 10.23 15.27
C PRO A 586 22.81 8.98 15.24
N VAL A 587 22.34 8.60 14.06
CA VAL A 587 21.39 7.50 13.95
C VAL A 587 22.11 6.16 14.10
N VAL A 588 23.17 5.96 13.32
CA VAL A 588 23.82 4.65 13.25
C VAL A 588 24.38 4.23 14.61
N GLU A 589 24.65 5.20 15.48
CA GLU A 589 25.24 4.95 16.80
C GLU A 589 24.22 4.50 17.84
N GLN A 590 22.93 4.54 17.49
CA GLN A 590 21.85 3.97 18.31
C GLN A 590 21.35 2.59 17.84
N VAL A 591 21.54 2.25 16.56
CA VAL A 591 20.95 1.00 16.05
C VAL A 591 21.95 -0.14 16.15
N LEU A 592 23.19 0.13 15.78
CA LEU A 592 24.32 -0.76 16.03
C LEU A 592 24.32 -1.24 17.45
N ASN A 593 24.53 -2.55 17.65
CA ASN A 593 24.68 -3.07 19.01
C ASN A 593 26.13 -2.90 19.50
N GLU A 594 27.09 -3.22 18.62
CA GLU A 594 28.51 -2.90 18.85
C GLU A 594 28.77 -1.37 18.92
N PRO A 595 29.92 -0.96 19.49
CA PRO A 595 30.12 0.46 19.79
C PRO A 595 30.53 1.24 18.54
N PHE A 596 30.18 2.52 18.50
CA PHE A 596 30.42 3.34 17.32
C PHE A 596 31.83 3.95 17.31
N ILE A 597 32.57 3.79 16.22
CA ILE A 597 33.95 4.32 16.19
C ILE A 597 33.94 5.76 15.75
N ALA A 598 34.23 6.65 16.68
CA ALA A 598 34.27 8.07 16.38
C ALA A 598 35.49 8.42 15.54
N ASN A 599 35.30 9.23 14.50
CA ASN A 599 36.40 9.75 13.67
C ASN A 599 36.41 11.26 13.59
N PRO A 600 37.54 11.87 13.22
CA PRO A 600 37.60 13.32 13.03
C PRO A 600 37.33 13.81 11.59
N LEU A 601 37.32 15.12 11.42
CA LEU A 601 37.34 15.69 10.09
C LEU A 601 37.93 17.06 10.16
N ASN A 602 38.59 17.47 9.10
CA ASN A 602 39.20 18.77 9.05
C ASN A 602 39.07 19.32 7.63
N LEU A 603 38.02 20.11 7.36
CA LEU A 603 37.91 20.85 6.12
C LEU A 603 38.20 22.34 6.34
N SER A 604 39.05 22.90 5.49
CA SER A 604 39.24 24.33 5.40
C SER A 604 39.37 24.71 3.93
N PRO A 605 39.59 25.99 3.60
CA PRO A 605 39.89 26.41 2.23
C PRO A 605 41.21 25.89 1.65
N GLN A 606 42.13 25.52 2.52
CA GLN A 606 43.39 24.91 2.09
C GLN A 606 43.25 23.38 2.04
N ARG A 607 42.27 22.87 2.78
CA ARG A 607 41.98 21.46 2.78
C ARG A 607 40.49 21.30 2.50
N ARG A 608 40.10 21.55 1.25
CA ARG A 608 38.69 21.65 0.90
C ARG A 608 38.12 20.43 0.15
N MET A 609 38.96 19.47 -0.25
CA MET A 609 38.45 18.21 -0.81
C MET A 609 39.19 17.01 -0.28
N LEU A 610 38.46 16.08 0.34
CA LEU A 610 39.04 14.79 0.72
C LEU A 610 38.63 13.71 -0.26
N ILE A 611 39.57 13.21 -1.05
CA ILE A 611 39.38 11.92 -1.72
C ILE A 611 39.41 10.79 -0.68
N ILE A 612 38.33 10.00 -0.56
CA ILE A 612 38.24 8.97 0.47
C ILE A 612 38.27 7.53 -0.09
N THR A 613 39.35 6.78 0.12
CA THR A 613 39.34 5.35 -0.22
C THR A 613 38.98 4.46 0.96
N GLY A 614 38.97 3.14 0.72
CA GLY A 614 38.81 2.13 1.74
C GLY A 614 37.84 1.08 1.24
N PRO A 615 37.82 -0.07 1.84
CA PRO A 615 37.09 -1.19 1.26
C PRO A 615 35.56 -1.00 1.30
N ASN A 616 34.85 -1.69 0.42
CA ASN A 616 33.40 -1.80 0.52
C ASN A 616 33.04 -2.32 1.89
N MET A 617 32.13 -1.62 2.57
CA MET A 617 31.73 -1.87 3.98
C MET A 617 32.71 -1.24 5.00
N GLY A 618 33.69 -0.49 4.51
CA GLY A 618 34.70 0.13 5.36
C GLY A 618 34.23 1.37 6.12
N GLY A 619 33.07 1.90 5.74
CA GLY A 619 32.45 2.99 6.47
C GLY A 619 32.56 4.36 5.81
N LYS A 620 32.61 4.39 4.48
CA LYS A 620 32.90 5.59 3.70
C LYS A 620 31.67 6.46 3.61
N SER A 621 30.61 5.91 3.02
CA SER A 621 29.31 6.53 3.00
C SER A 621 28.89 7.11 4.34
N THR A 622 29.20 6.39 5.42
CA THR A 622 28.67 6.71 6.73
C THR A 622 29.41 7.93 7.25
N TYR A 623 30.72 7.93 7.06
CA TYR A 623 31.55 9.08 7.44
C TYR A 623 31.12 10.39 6.72
N MET A 624 30.58 10.22 5.51
CA MET A 624 30.14 11.33 4.67
C MET A 624 28.81 11.83 5.17
N ARG A 625 27.87 10.92 5.42
CA ARG A 625 26.59 11.27 6.01
C ARG A 625 26.70 11.94 7.37
N GLN A 626 27.66 11.52 8.19
CA GLN A 626 27.72 12.01 9.57
C GLN A 626 28.19 13.46 9.58
N THR A 627 29.06 13.81 8.64
CA THR A 627 29.44 15.18 8.39
C THR A 627 28.23 16.07 8.07
N ALA A 628 27.38 15.62 7.14
CA ALA A 628 26.23 16.43 6.71
C ALA A 628 25.19 16.62 7.82
N LEU A 629 25.00 15.58 8.62
CA LEU A 629 24.04 15.60 9.73
C LEU A 629 24.57 16.45 10.87
N ILE A 630 25.89 16.57 11.00
CA ILE A 630 26.43 17.29 12.12
C ILE A 630 26.32 18.77 11.78
N ALA A 631 26.75 19.08 10.56
CA ALA A 631 26.49 20.35 9.96
C ALA A 631 25.00 20.71 10.05
N LEU A 632 24.13 19.72 9.90
CA LEU A 632 22.68 19.97 9.86
C LEU A 632 22.15 20.28 11.24
N MET A 633 22.47 19.44 12.21
CA MET A 633 22.03 19.64 13.58
C MET A 633 22.59 20.97 14.13
N ALA A 634 23.84 21.27 13.84
CA ALA A 634 24.44 22.53 14.25
C ALA A 634 23.70 23.76 13.72
N TYR A 635 23.15 23.67 12.51
CA TYR A 635 22.48 24.81 11.86
C TYR A 635 20.96 24.77 12.04
N ILE A 636 20.50 23.91 12.97
CA ILE A 636 19.21 24.10 13.62
C ILE A 636 19.36 24.60 15.07
N GLY A 637 20.60 24.76 15.54
CA GLY A 637 20.86 25.26 16.89
C GLY A 637 21.04 24.16 17.92
N SER A 638 20.80 22.92 17.55
CA SER A 638 20.98 21.78 18.42
C SER A 638 22.45 21.57 18.80
N TYR A 639 22.67 20.96 19.95
CA TYR A 639 23.97 20.36 20.23
C TYR A 639 24.17 19.20 19.24
N VAL A 640 25.39 18.72 19.15
CA VAL A 640 25.80 17.93 18.00
C VAL A 640 26.54 16.68 18.49
N PRO A 641 26.44 15.55 17.77
CA PRO A 641 27.00 14.28 18.27
C PRO A 641 28.50 14.16 18.09
N ALA A 642 29.25 14.88 18.92
CA ALA A 642 30.73 14.91 18.84
C ALA A 642 31.30 15.51 20.11
N GLN A 643 32.60 15.27 20.30
CA GLN A 643 33.37 15.86 21.40
C GLN A 643 33.66 17.38 21.20
N LYS A 644 33.82 17.79 19.95
CA LYS A 644 34.03 19.20 19.57
C LYS A 644 33.73 19.45 18.09
N VAL A 645 33.14 20.61 17.79
CA VAL A 645 32.79 20.99 16.43
C VAL A 645 32.89 22.51 16.17
N GLU A 646 33.80 22.89 15.28
CA GLU A 646 33.83 24.20 14.68
C GLU A 646 33.41 24.08 13.22
N ILE A 647 32.51 24.95 12.78
CA ILE A 647 31.94 24.89 11.43
C ILE A 647 31.62 26.28 10.92
N GLY A 648 31.94 26.56 9.66
CA GLY A 648 31.71 27.85 9.06
C GLY A 648 30.40 27.90 8.31
N PRO A 649 30.19 28.90 7.44
CA PRO A 649 28.89 29.06 6.78
C PRO A 649 28.72 28.08 5.65
N ILE A 650 27.58 27.45 5.62
CA ILE A 650 27.23 26.50 4.59
C ILE A 650 25.94 27.02 3.98
N ASP A 651 25.98 27.21 2.66
CA ASP A 651 24.82 27.71 1.93
C ASP A 651 23.96 26.55 1.43
N ARG A 652 24.56 25.49 0.96
CA ARG A 652 23.80 24.46 0.26
C ARG A 652 24.53 23.15 0.46
N ILE A 653 23.78 22.06 0.68
CA ILE A 653 24.40 20.72 0.64
C ILE A 653 23.91 19.97 -0.58
N PHE A 654 24.87 19.32 -1.26
CA PHE A 654 24.65 18.51 -2.47
C PHE A 654 25.10 17.07 -2.23
N THR A 655 24.26 16.11 -2.60
CA THR A 655 24.65 14.71 -2.62
C THR A 655 24.48 14.18 -4.05
N ARG A 656 25.38 13.27 -4.45
CA ARG A 656 25.27 12.42 -5.64
C ARG A 656 25.73 11.04 -5.24
N VAL A 657 24.84 10.06 -5.30
CA VAL A 657 25.17 8.70 -4.89
C VAL A 657 24.83 7.76 -6.02
N GLY A 658 25.90 7.31 -6.71
CA GLY A 658 25.84 6.13 -7.57
C GLY A 658 26.31 4.86 -6.84
N PHE A 670 23.00 6.35 -15.56
CA PHE A 670 22.95 6.68 -16.97
C PHE A 670 22.92 8.19 -17.06
N MET A 671 21.93 8.76 -17.76
CA MET A 671 21.83 10.21 -17.93
C MET A 671 21.62 10.98 -16.62
N VAL A 672 20.84 10.40 -15.71
CA VAL A 672 20.45 11.10 -14.50
C VAL A 672 21.64 11.44 -13.61
N GLU A 673 22.57 10.50 -13.46
CA GLU A 673 23.82 10.72 -12.72
C GLU A 673 24.61 11.91 -13.25
N MET A 674 24.74 11.99 -14.56
CA MET A 674 25.44 13.07 -15.24
C MET A 674 24.78 14.42 -15.07
N THR A 675 23.44 14.43 -15.09
CA THR A 675 22.65 15.65 -15.05
C THR A 675 22.70 16.18 -13.65
N GLU A 676 22.44 15.32 -12.69
CA GLU A 676 22.62 15.62 -11.28
C GLU A 676 23.97 16.27 -11.02
N THR A 677 25.01 15.77 -11.70
CA THR A 677 26.41 16.19 -11.47
C THR A 677 26.69 17.55 -12.11
N ALA A 678 26.04 17.79 -13.24
CA ALA A 678 26.06 19.08 -13.92
C ALA A 678 25.56 20.14 -12.99
N ASN A 679 24.51 19.83 -12.25
CA ASN A 679 23.85 20.78 -11.38
C ASN A 679 24.72 21.10 -10.18
N ILE A 680 25.45 20.11 -9.72
CA ILE A 680 26.41 20.31 -8.64
C ILE A 680 27.49 21.28 -9.14
N LEU A 681 27.93 21.09 -10.37
CA LEU A 681 29.02 21.89 -10.91
C LEU A 681 28.60 23.33 -11.29
N HIS A 682 27.29 23.54 -11.49
CA HIS A 682 26.76 24.83 -11.94
C HIS A 682 26.34 25.72 -10.76
N ASN A 683 25.94 25.09 -9.65
CA ASN A 683 25.35 25.82 -8.52
C ASN A 683 26.11 25.73 -7.19
N ALA A 684 27.07 24.81 -7.08
CA ALA A 684 27.93 24.78 -5.91
C ALA A 684 28.83 26.03 -5.93
N THR A 685 29.08 26.56 -4.71
CA THR A 685 30.01 27.66 -4.43
C THR A 685 31.00 27.26 -3.33
N GLU A 686 31.96 28.13 -3.02
CA GLU A 686 32.92 27.97 -1.90
C GLU A 686 32.25 27.77 -0.54
N TYR A 687 30.93 27.96 -0.44
CA TYR A 687 30.23 27.86 0.84
C TYR A 687 29.40 26.57 0.92
N SER A 688 29.52 25.71 -0.08
CA SER A 688 28.72 24.49 -0.13
C SER A 688 29.52 23.32 0.32
N LEU A 689 28.83 22.39 0.96
CA LEU A 689 29.36 21.08 1.25
C LEU A 689 28.83 20.17 0.16
N VAL A 690 29.73 19.55 -0.61
CA VAL A 690 29.41 18.60 -1.67
C VAL A 690 29.82 17.16 -1.27
N LEU A 691 28.85 16.27 -1.24
CA LEU A 691 29.09 14.86 -0.97
C LEU A 691 28.97 13.99 -2.24
N MET A 692 30.07 13.66 -2.91
CA MET A 692 30.02 12.77 -4.08
C MET A 692 30.37 11.35 -3.67
N ASP A 693 29.40 10.43 -3.72
CA ASP A 693 29.64 9.03 -3.34
C ASP A 693 29.81 7.96 -4.48
N GLU A 694 31.05 7.70 -4.89
CA GLU A 694 31.38 6.66 -5.87
C GLU A 694 30.72 6.99 -7.21
N ILE A 695 31.10 8.11 -7.80
CA ILE A 695 30.47 8.52 -9.06
C ILE A 695 31.35 8.22 -10.28
N GLY A 696 30.90 8.71 -11.44
CA GLY A 696 31.63 8.51 -12.67
C GLY A 696 31.42 7.07 -13.13
N ARG A 697 30.42 6.95 -13.99
CA ARG A 697 30.07 5.71 -14.64
C ARG A 697 30.25 5.92 -16.14
N GLY A 698 30.98 5.02 -16.77
CA GLY A 698 31.28 5.11 -18.18
C GLY A 698 30.75 3.87 -18.83
N THR A 699 31.12 3.61 -20.10
CA THR A 699 30.81 2.34 -20.80
C THR A 699 32.04 1.45 -21.08
N SER A 700 33.22 2.04 -20.99
CA SER A 700 34.45 1.31 -21.10
C SER A 700 35.14 1.56 -19.77
N THR A 701 36.34 0.98 -19.62
CA THR A 701 37.10 0.99 -18.38
C THR A 701 37.32 2.33 -17.69
N TYR A 702 37.76 3.31 -18.47
CA TYR A 702 38.39 4.54 -17.94
C TYR A 702 37.59 5.81 -18.23
N ASP A 703 36.57 5.58 -19.01
CA ASP A 703 35.54 6.48 -19.36
C ASP A 703 35.02 7.27 -18.14
N GLY A 704 34.37 6.55 -17.23
CA GLY A 704 33.69 7.13 -16.11
C GLY A 704 34.62 7.72 -15.09
N LEU A 705 35.82 7.22 -14.99
CA LEU A 705 36.78 7.66 -14.01
C LEU A 705 37.38 9.01 -14.47
N SER A 706 37.72 9.09 -15.76
CA SER A 706 38.08 10.33 -16.42
C SER A 706 37.12 11.48 -16.11
N LEU A 707 35.86 11.14 -16.03
CA LEU A 707 34.82 12.04 -15.73
C LEU A 707 34.82 12.45 -14.27
N ALA A 708 35.03 11.49 -13.38
CA ALA A 708 35.10 11.86 -11.95
C ALA A 708 36.31 12.72 -11.67
N TRP A 709 37.36 12.52 -12.46
CA TRP A 709 38.63 13.17 -12.22
C TRP A 709 38.49 14.63 -12.64
N ALA A 710 38.00 14.84 -13.87
CA ALA A 710 37.69 16.16 -14.37
C ALA A 710 36.72 16.91 -13.42
N CYS A 711 35.75 16.19 -12.88
CA CYS A 711 34.71 16.77 -12.04
C CYS A 711 35.29 17.21 -10.74
N ALA A 712 36.21 16.41 -10.23
CA ALA A 712 36.82 16.65 -8.93
C ALA A 712 37.67 17.89 -9.02
N GLU A 713 38.40 17.97 -10.12
CA GLU A 713 39.30 19.05 -10.42
C GLU A 713 38.50 20.34 -10.57
N ASN A 714 37.34 20.26 -11.19
CA ASN A 714 36.52 21.43 -11.22
C ASN A 714 36.10 21.88 -9.83
N LEU A 715 35.83 20.93 -8.94
CA LEU A 715 35.30 21.28 -7.62
C LEU A 715 36.39 21.91 -6.77
N ALA A 716 37.60 21.34 -6.86
CA ALA A 716 38.78 21.82 -6.15
C ALA A 716 39.25 23.13 -6.76
N ASN A 717 39.66 23.09 -8.01
CA ASN A 717 40.31 24.24 -8.60
C ASN A 717 39.38 25.43 -8.99
N LYS A 718 38.17 25.22 -9.51
CA LYS A 718 37.31 26.36 -9.96
C LYS A 718 36.19 26.78 -8.99
N ILE A 719 35.54 25.82 -8.34
CA ILE A 719 34.42 26.11 -7.45
C ILE A 719 34.86 26.28 -6.01
N LYS A 720 35.98 25.67 -5.66
CA LYS A 720 36.58 25.68 -4.31
C LYS A 720 35.60 25.38 -3.14
N ALA A 721 34.58 24.56 -3.38
CA ALA A 721 33.68 24.14 -2.33
C ALA A 721 34.33 23.04 -1.45
N LEU A 722 33.65 22.70 -0.34
CA LEU A 722 34.09 21.70 0.61
C LEU A 722 33.53 20.38 0.13
N THR A 723 34.38 19.39 -0.17
CA THR A 723 33.93 18.21 -0.92
C THR A 723 34.38 16.93 -0.23
N LEU A 724 33.47 16.14 0.32
CA LEU A 724 33.83 14.76 0.68
C LEU A 724 33.56 13.91 -0.56
N PHE A 725 34.57 13.17 -1.00
CA PHE A 725 34.56 12.48 -2.31
C PHE A 725 34.93 10.98 -2.22
N ALA A 726 34.02 10.13 -1.76
CA ALA A 726 34.35 8.70 -1.64
C ALA A 726 34.47 8.04 -3.02
N THR A 727 35.46 7.15 -3.17
CA THR A 727 35.69 6.41 -4.43
C THR A 727 36.26 5.00 -4.24
N HIS A 728 36.00 4.10 -5.19
CA HIS A 728 36.77 2.89 -5.26
C HIS A 728 37.91 2.98 -6.30
N TYR A 729 37.83 3.96 -7.18
CA TYR A 729 38.96 4.29 -8.07
C TYR A 729 40.24 4.77 -7.38
N PHE A 730 41.15 3.84 -7.17
CA PHE A 730 42.47 4.12 -6.62
C PHE A 730 43.27 5.16 -7.42
N GLU A 731 42.98 5.24 -8.71
CA GLU A 731 43.65 6.20 -9.55
C GLU A 731 43.45 7.65 -9.11
N LEU A 732 42.33 7.94 -8.45
CA LEU A 732 42.06 9.31 -7.96
C LEU A 732 42.82 9.68 -6.69
N THR A 733 43.49 8.69 -6.06
CA THR A 733 44.37 9.01 -4.93
C THR A 733 45.61 9.78 -5.36
N GLN A 734 45.91 9.74 -6.65
CA GLN A 734 46.96 10.55 -7.28
C GLN A 734 46.50 12.01 -7.49
N LEU A 735 45.30 12.37 -7.04
CA LEU A 735 44.81 13.74 -7.19
C LEU A 735 45.52 14.81 -6.36
N PRO A 736 45.68 14.62 -5.06
CA PRO A 736 46.42 15.58 -4.24
C PRO A 736 47.79 15.97 -4.82
N GLU A 737 48.65 15.01 -5.12
CA GLU A 737 49.89 15.24 -5.87
C GLU A 737 49.73 16.40 -6.85
N LYS A 738 48.62 16.37 -7.56
CA LYS A 738 48.41 17.22 -8.72
C LYS A 738 47.51 18.47 -8.52
N MET A 739 46.84 18.61 -7.38
CA MET A 739 45.77 19.60 -7.22
C MET A 739 45.79 20.30 -5.87
N GLU A 740 45.85 21.63 -5.88
CA GLU A 740 45.74 22.40 -4.62
C GLU A 740 44.39 22.17 -3.94
N GLY A 741 44.39 22.03 -2.62
CA GLY A 741 43.17 21.73 -1.88
C GLY A 741 42.87 20.23 -1.69
N VAL A 742 43.43 19.39 -2.51
CA VAL A 742 43.01 18.01 -2.45
C VAL A 742 43.90 17.15 -1.55
N ALA A 743 43.25 16.39 -0.67
CA ALA A 743 43.95 15.49 0.25
C ALA A 743 43.35 14.03 0.21
N ASN A 744 44.18 13.04 0.46
CA ASN A 744 43.69 11.65 0.60
C ASN A 744 43.41 11.32 2.07
N VAL A 745 42.22 10.83 2.37
CA VAL A 745 41.93 10.11 3.61
C VAL A 745 41.41 8.71 3.26
N HIS A 746 41.19 7.89 4.27
CA HIS A 746 40.98 6.46 4.00
C HIS A 746 40.46 5.69 5.19
N LEU A 747 39.69 4.64 4.94
CA LEU A 747 39.14 3.84 6.03
C LEU A 747 39.87 2.55 6.24
N ASP A 748 40.44 2.47 7.43
CA ASP A 748 41.39 1.43 7.76
C ASP A 748 40.70 0.10 7.64
N ALA A 749 41.41 -0.81 6.99
CA ALA A 749 41.01 -2.19 6.93
C ALA A 749 42.19 -2.98 7.47
N LEU A 750 41.98 -4.26 7.73
CA LEU A 750 43.05 -5.06 8.29
C LEU A 750 42.98 -6.51 7.82
N GLU A 751 43.99 -6.87 7.03
CA GLU A 751 44.06 -8.13 6.34
C GLU A 751 45.02 -9.04 7.11
N HIS A 752 44.69 -9.28 8.37
CA HIS A 752 45.27 -10.41 9.08
C HIS A 752 44.93 -11.65 8.22
N GLY A 753 45.23 -12.84 8.70
CA GLY A 753 45.15 -14.04 7.88
C GLY A 753 44.51 -13.92 6.49
N ASP A 754 43.36 -14.59 6.36
CA ASP A 754 42.68 -14.81 5.08
C ASP A 754 41.40 -13.97 5.02
N THR A 755 40.93 -13.52 6.17
CA THR A 755 39.70 -12.74 6.27
C THR A 755 40.02 -11.23 6.38
N ILE A 756 39.00 -10.39 6.45
CA ILE A 756 39.22 -8.93 6.53
C ILE A 756 38.48 -8.31 7.71
N ALA A 757 39.07 -7.25 8.24
CA ALA A 757 38.58 -6.60 9.44
C ALA A 757 38.31 -5.12 9.15
N PHE A 758 37.07 -4.71 9.37
CA PHE A 758 36.61 -3.36 9.03
C PHE A 758 36.70 -2.45 10.25
N MET A 759 37.76 -1.64 10.32
CA MET A 759 38.07 -0.85 11.52
C MET A 759 37.24 0.42 11.71
N HIS A 760 36.60 0.89 10.63
CA HIS A 760 35.76 2.09 10.63
C HIS A 760 36.51 3.34 11.14
N SER A 761 37.83 3.30 10.93
CA SER A 761 38.80 4.27 11.45
C SER A 761 39.28 5.17 10.32
N VAL A 762 39.11 6.48 10.43
CA VAL A 762 39.53 7.38 9.36
C VAL A 762 40.99 7.75 9.62
N GLN A 763 41.87 7.44 8.69
CA GLN A 763 43.27 7.88 8.77
C GLN A 763 43.57 8.84 7.63
N ASP A 764 44.69 9.53 7.78
CA ASP A 764 45.16 10.50 6.81
C ASP A 764 45.98 9.71 5.80
N GLY A 765 45.83 10.03 4.53
CA GLY A 765 46.63 9.46 3.47
C GLY A 765 45.79 8.64 2.55
N ALA A 766 46.35 8.23 1.43
CA ALA A 766 45.70 7.22 0.60
C ALA A 766 45.86 5.86 1.28
N ALA A 767 44.95 4.93 1.00
CA ALA A 767 45.07 3.55 1.52
C ALA A 767 46.33 2.86 0.99
N SER A 768 46.85 1.87 1.72
CA SER A 768 48.03 1.13 1.26
C SER A 768 47.72 0.36 -0.01
N LYS A 769 46.45 -0.05 -0.12
CA LYS A 769 45.95 -0.79 -1.26
C LYS A 769 44.40 -0.79 -1.31
N SER A 770 43.83 -1.03 -2.50
CA SER A 770 42.43 -1.50 -2.60
C SER A 770 42.27 -2.98 -2.12
N TYR A 771 41.02 -3.39 -1.90
CA TYR A 771 40.68 -4.61 -1.13
C TYR A 771 39.58 -5.47 -1.78
N GLY A 772 39.47 -5.37 -3.10
CA GLY A 772 38.32 -5.85 -3.84
C GLY A 772 38.35 -7.35 -3.93
N LEU A 773 39.54 -7.86 -4.15
CA LEU A 773 39.80 -9.26 -4.14
C LEU A 773 39.40 -9.82 -2.78
N ALA A 774 39.79 -9.16 -1.70
CA ALA A 774 39.47 -9.60 -0.32
C ALA A 774 37.96 -9.72 0.01
N VAL A 775 37.19 -8.71 -0.43
CA VAL A 775 35.74 -8.65 -0.25
C VAL A 775 35.08 -9.78 -1.04
N ALA A 776 35.60 -10.02 -2.25
CA ALA A 776 35.12 -11.10 -3.11
C ALA A 776 35.32 -12.44 -2.42
N ALA A 777 36.50 -12.64 -1.81
CA ALA A 777 36.82 -13.88 -1.11
C ALA A 777 35.85 -14.09 0.02
N LEU A 778 35.46 -12.96 0.65
CA LEU A 778 34.54 -12.96 1.78
C LEU A 778 33.17 -13.47 1.36
N ALA A 779 32.76 -13.12 0.14
CA ALA A 779 31.46 -13.50 -0.42
C ALA A 779 31.47 -14.89 -1.04
N GLY A 780 32.57 -15.64 -0.86
CA GLY A 780 32.61 -17.06 -1.20
C GLY A 780 32.90 -17.35 -2.66
N VAL A 781 33.48 -16.37 -3.36
CA VAL A 781 34.00 -16.55 -4.70
C VAL A 781 35.12 -17.58 -4.60
N PRO A 782 35.04 -18.66 -5.36
CA PRO A 782 35.91 -19.82 -5.12
C PRO A 782 37.37 -19.46 -4.99
N LYS A 783 38.06 -20.09 -4.01
CA LYS A 783 39.50 -19.94 -3.81
C LYS A 783 40.27 -19.94 -5.14
N GLU A 784 40.05 -20.96 -5.96
CA GLU A 784 40.78 -21.07 -7.22
C GLU A 784 40.72 -19.83 -8.15
N VAL A 785 39.64 -19.04 -8.02
CA VAL A 785 39.44 -17.87 -8.88
C VAL A 785 40.15 -16.65 -8.27
N ILE A 786 39.95 -16.44 -6.99
CA ILE A 786 40.76 -15.48 -6.25
C ILE A 786 42.28 -15.67 -6.48
N LYS A 787 42.74 -16.91 -6.61
CA LYS A 787 44.14 -17.18 -6.87
C LYS A 787 44.60 -16.55 -8.18
N ARG A 788 43.81 -16.72 -9.24
CA ARG A 788 44.14 -16.21 -10.58
C ARG A 788 43.96 -14.71 -10.66
N ALA A 789 42.89 -14.18 -10.06
CA ALA A 789 42.70 -12.73 -9.92
C ALA A 789 43.96 -12.06 -9.35
N ARG A 790 44.48 -12.63 -8.26
CA ARG A 790 45.74 -12.18 -7.62
C ARG A 790 46.92 -12.24 -8.57
N GLN A 791 46.94 -13.22 -9.46
CA GLN A 791 47.95 -13.28 -10.52
C GLN A 791 47.84 -12.11 -11.47
N LYS A 792 46.64 -11.84 -11.99
CA LYS A 792 46.47 -10.72 -12.92
C LYS A 792 46.72 -9.36 -12.25
N LEU A 793 46.34 -9.24 -10.99
CA LEU A 793 46.50 -7.99 -10.28
C LEU A 793 47.98 -7.68 -10.33
N ARG A 794 48.81 -8.64 -9.90
CA ARG A 794 50.27 -8.52 -9.93
C ARG A 794 50.84 -8.11 -11.26
N GLU A 795 50.26 -8.64 -12.33
CA GLU A 795 50.52 -8.18 -13.69
C GLU A 795 50.18 -6.69 -13.87
N LEU A 796 49.02 -6.26 -13.39
CA LEU A 796 48.58 -4.87 -13.57
C LEU A 796 49.37 -3.89 -12.71
N GLU A 797 49.84 -4.36 -11.55
CA GLU A 797 50.58 -3.52 -10.62
C GLU A 797 52.00 -3.35 -11.10
N SER A 798 52.37 -3.99 -12.19
CA SER A 798 53.74 -3.87 -12.68
C SER A 798 53.83 -2.87 -13.85
N ILE A 799 52.69 -2.58 -14.49
CA ILE A 799 52.60 -1.46 -15.45
C ILE A 799 53.19 -0.20 -14.82
N SER A 800 52.65 0.19 -13.67
CA SER A 800 53.28 1.24 -12.87
C SER A 800 54.00 0.61 -11.66
N MET B 14 -17.05 -9.56 29.35
CA MET B 14 -16.07 -10.18 28.41
C MET B 14 -14.89 -10.80 29.15
N GLN B 15 -15.18 -11.50 30.24
CA GLN B 15 -14.19 -12.35 30.91
C GLN B 15 -14.14 -13.76 30.24
N GLN B 16 -15.17 -14.10 29.42
CA GLN B 16 -15.18 -15.33 28.62
C GLN B 16 -14.59 -15.07 27.22
N TYR B 17 -13.58 -14.20 27.15
CA TYR B 17 -12.84 -13.95 25.92
C TYR B 17 -11.42 -14.49 26.06
N LEU B 18 -10.72 -14.09 27.12
CA LEU B 18 -9.35 -14.52 27.40
C LEU B 18 -9.27 -16.03 27.61
N ARG B 19 -10.34 -16.60 28.16
CA ARG B 19 -10.49 -18.04 28.32
C ARG B 19 -10.42 -18.77 26.95
N LEU B 20 -11.09 -18.20 25.94
CA LEU B 20 -11.07 -18.72 24.56
C LEU B 20 -9.75 -18.46 23.80
N LYS B 21 -9.04 -17.39 24.15
CA LYS B 21 -7.72 -17.13 23.56
C LYS B 21 -6.63 -17.99 24.20
N ALA B 22 -6.96 -18.73 25.25
CA ALA B 22 -6.11 -19.81 25.72
C ALA B 22 -6.23 -21.00 24.76
N GLN B 23 -7.47 -21.32 24.35
CA GLN B 23 -7.79 -22.43 23.44
C GLN B 23 -6.91 -22.46 22.18
N HIS B 24 -6.82 -21.28 21.51
CA HIS B 24 -5.93 -21.05 20.35
C HIS B 24 -5.27 -19.65 20.51
N PRO B 25 -4.04 -19.60 21.04
CA PRO B 25 -3.34 -18.34 21.33
C PRO B 25 -2.58 -17.69 20.17
N GLU B 26 -1.89 -18.51 19.39
CA GLU B 26 -1.10 -18.07 18.23
C GLU B 26 -1.96 -17.62 17.01
N ILE B 27 -3.29 -17.55 17.17
CA ILE B 27 -4.18 -17.16 16.07
C ILE B 27 -5.05 -15.95 16.43
N LEU B 28 -5.19 -15.01 15.51
CA LEU B 28 -6.07 -13.87 15.70
C LEU B 28 -7.48 -14.34 16.02
N LEU B 29 -8.17 -13.65 16.93
CA LEU B 29 -9.47 -14.12 17.41
C LEU B 29 -10.58 -13.10 17.22
N PHE B 30 -11.25 -13.20 16.08
CA PHE B 30 -12.45 -12.45 15.75
C PHE B 30 -13.61 -12.81 16.69
N TYR B 31 -14.06 -11.84 17.50
CA TYR B 31 -15.01 -12.11 18.58
C TYR B 31 -16.35 -11.41 18.41
N ARG B 32 -17.42 -12.18 18.27
CA ARG B 32 -18.75 -11.60 18.02
C ARG B 32 -19.17 -10.70 19.16
N MET B 33 -19.62 -9.49 18.79
CA MET B 33 -19.97 -8.43 19.74
C MET B 33 -21.28 -7.71 19.40
N GLY B 34 -21.75 -7.84 18.16
CA GLY B 34 -23.07 -7.37 17.78
C GLY B 34 -23.29 -7.73 16.32
N ASP B 35 -23.27 -6.71 15.46
CA ASP B 35 -23.15 -6.89 14.01
C ASP B 35 -21.67 -6.82 13.56
N PHE B 36 -20.75 -7.15 14.47
CA PHE B 36 -19.32 -6.88 14.30
C PHE B 36 -18.49 -8.06 14.79
N TYR B 37 -17.26 -8.20 14.29
CA TYR B 37 -16.26 -9.09 14.92
C TYR B 37 -15.21 -8.19 15.52
N GLU B 38 -14.86 -8.45 16.78
CA GLU B 38 -14.04 -7.52 17.53
C GLU B 38 -12.81 -8.23 18.08
N LEU B 39 -11.64 -7.71 17.73
CA LEU B 39 -10.39 -8.24 18.25
C LEU B 39 -9.94 -7.38 19.43
N PHE B 40 -9.43 -8.00 20.48
CA PHE B 40 -8.92 -7.27 21.64
C PHE B 40 -7.41 -7.49 21.81
N TYR B 41 -6.92 -7.52 23.04
CA TYR B 41 -5.51 -7.25 23.37
C TYR B 41 -4.52 -7.98 22.46
N ASP B 42 -3.75 -7.20 21.69
CA ASP B 42 -2.62 -7.71 20.89
C ASP B 42 -2.94 -8.60 19.70
N ASP B 43 -4.21 -8.92 19.47
CA ASP B 43 -4.66 -9.29 18.13
C ASP B 43 -5.06 -7.98 17.45
N ALA B 44 -5.58 -7.05 18.24
CA ALA B 44 -6.07 -5.75 17.77
C ALA B 44 -4.94 -4.82 17.34
N LYS B 45 -3.78 -4.94 17.98
CA LYS B 45 -2.60 -4.17 17.56
C LYS B 45 -2.27 -4.59 16.14
N ARG B 46 -1.88 -5.85 16.01
CA ARG B 46 -1.68 -6.52 14.73
C ARG B 46 -2.75 -6.27 13.65
N ALA B 47 -4.02 -6.17 14.04
CA ALA B 47 -5.10 -6.10 13.06
C ALA B 47 -5.28 -4.72 12.44
N SER B 48 -5.06 -3.65 13.23
CA SER B 48 -5.20 -2.27 12.75
C SER B 48 -4.00 -1.84 11.91
N GLN B 49 -2.89 -2.56 12.06
CA GLN B 49 -1.68 -2.33 11.28
C GLN B 49 -1.72 -3.09 9.94
N LEU B 50 -2.32 -4.29 9.93
CA LEU B 50 -2.39 -5.11 8.72
C LEU B 50 -3.56 -4.73 7.80
N LEU B 51 -4.53 -3.98 8.31
CA LEU B 51 -5.76 -3.68 7.57
C LEU B 51 -6.14 -2.20 7.44
N ASP B 52 -5.33 -1.30 7.98
CA ASP B 52 -5.56 0.15 7.88
C ASP B 52 -6.76 0.69 8.69
N ILE B 53 -7.45 -0.19 9.41
CA ILE B 53 -8.54 0.21 10.32
C ILE B 53 -7.98 0.64 11.69
N SER B 54 -8.82 1.33 12.47
CA SER B 54 -8.40 2.02 13.71
C SER B 54 -8.57 1.16 14.96
N LEU B 55 -8.00 1.65 16.06
CA LEU B 55 -8.06 0.95 17.37
C LEU B 55 -8.52 1.88 18.49
N THR B 56 -9.09 1.31 19.54
CA THR B 56 -9.40 2.06 20.76
C THR B 56 -9.16 1.21 22.00
N PRO B 67 -7.87 -2.33 24.33
CA PRO B 67 -7.29 -2.38 22.99
C PRO B 67 -8.20 -3.08 21.97
N MET B 68 -9.29 -2.40 21.60
CA MET B 68 -10.28 -2.94 20.66
C MET B 68 -9.82 -2.84 19.19
N ALA B 69 -10.56 -3.52 18.32
CA ALA B 69 -10.59 -3.25 16.87
C ALA B 69 -11.87 -3.88 16.29
N GLY B 70 -12.27 -3.50 15.08
CA GLY B 70 -13.55 -4.00 14.57
C GLY B 70 -13.78 -4.00 13.08
N ILE B 71 -14.65 -4.92 12.63
CA ILE B 71 -15.09 -4.99 11.23
C ILE B 71 -16.57 -5.37 11.13
N PRO B 72 -17.31 -4.74 10.21
CA PRO B 72 -18.73 -5.09 10.01
C PRO B 72 -18.91 -6.54 9.59
N TYR B 73 -20.09 -7.10 9.84
CA TYR B 73 -20.37 -8.51 9.57
C TYR B 73 -20.48 -8.76 8.06
N HIS B 74 -21.05 -7.80 7.34
CA HIS B 74 -21.16 -7.88 5.88
C HIS B 74 -19.78 -8.03 5.20
N ALA B 75 -18.72 -7.55 5.84
CA ALA B 75 -17.36 -7.71 5.35
C ALA B 75 -16.49 -8.50 6.35
N VAL B 76 -16.61 -9.82 6.32
CA VAL B 76 -15.69 -10.68 7.07
C VAL B 76 -14.83 -11.44 6.11
N GLU B 77 -15.45 -11.98 5.06
CA GLU B 77 -14.74 -12.64 3.97
C GLU B 77 -13.83 -11.62 3.25
N ASN B 78 -14.26 -10.36 3.18
CA ASN B 78 -13.45 -9.31 2.58
C ASN B 78 -12.24 -8.90 3.46
N TYR B 79 -12.40 -8.98 4.78
CA TYR B 79 -11.30 -8.78 5.74
C TYR B 79 -10.55 -10.07 6.13
N LEU B 80 -11.12 -11.23 5.85
CA LEU B 80 -10.45 -12.51 6.12
C LEU B 80 -9.49 -12.83 4.98
N ALA B 81 -9.80 -12.32 3.80
CA ALA B 81 -9.03 -12.60 2.59
C ALA B 81 -7.73 -11.81 2.62
N LYS B 82 -7.76 -10.64 3.24
CA LYS B 82 -6.57 -9.82 3.38
C LYS B 82 -5.68 -10.47 4.42
N LEU B 83 -6.20 -10.69 5.62
CA LEU B 83 -5.43 -11.32 6.69
C LEU B 83 -4.84 -12.68 6.28
N VAL B 84 -5.60 -13.43 5.50
CA VAL B 84 -5.15 -14.75 5.11
C VAL B 84 -4.09 -14.71 4.02
N ASN B 85 -4.10 -13.68 3.16
CA ASN B 85 -2.99 -13.52 2.20
C ASN B 85 -1.85 -12.63 2.75
N GLN B 86 -1.81 -12.47 4.07
CA GLN B 86 -0.61 -11.96 4.75
C GLN B 86 -0.12 -12.99 5.76
N GLY B 87 -0.52 -14.26 5.58
CA GLY B 87 0.01 -15.36 6.36
C GLY B 87 -0.55 -15.50 7.76
N GLU B 88 -1.79 -15.06 7.96
CA GLU B 88 -2.42 -15.07 9.28
C GLU B 88 -3.61 -16.00 9.26
N SER B 89 -3.69 -16.88 10.23
CA SER B 89 -4.91 -17.62 10.46
C SER B 89 -5.83 -16.75 11.29
N VAL B 90 -7.12 -17.01 11.15
CA VAL B 90 -8.13 -16.29 11.88
C VAL B 90 -9.10 -17.32 12.48
N ALA B 91 -9.50 -17.09 13.72
CA ALA B 91 -10.47 -17.92 14.38
C ALA B 91 -11.66 -17.05 14.65
N ILE B 92 -12.85 -17.51 14.26
CA ILE B 92 -14.12 -16.82 14.49
C ILE B 92 -14.80 -17.37 15.73
N CYS B 93 -15.60 -16.54 16.39
CA CYS B 93 -16.22 -16.90 17.67
C CYS B 93 -17.69 -16.42 17.78
N GLU B 94 -18.61 -17.35 18.08
CA GLU B 94 -20.06 -17.04 18.15
C GLU B 94 -20.71 -17.76 19.33
N ARG B 108 -20.69 -18.97 24.06
CA ARG B 108 -19.98 -18.79 22.79
C ARG B 108 -18.70 -19.63 22.74
N LYS B 109 -18.35 -20.13 21.55
CA LYS B 109 -17.17 -21.00 21.34
C LYS B 109 -16.64 -20.88 19.90
N VAL B 110 -15.34 -21.17 19.70
CA VAL B 110 -14.68 -20.97 18.39
C VAL B 110 -15.21 -21.92 17.31
N VAL B 111 -15.98 -21.37 16.37
CA VAL B 111 -16.80 -22.13 15.41
C VAL B 111 -16.17 -22.28 14.01
N ARG B 112 -15.12 -21.52 13.74
CA ARG B 112 -14.49 -21.54 12.44
C ARG B 112 -13.05 -21.05 12.50
N ILE B 113 -12.16 -21.77 11.79
CA ILE B 113 -10.76 -21.36 11.67
C ILE B 113 -10.33 -21.45 10.23
N VAL B 114 -9.85 -20.33 9.71
CA VAL B 114 -9.33 -20.29 8.37
C VAL B 114 -7.85 -20.11 8.50
N THR B 115 -7.10 -20.84 7.70
CA THR B 115 -5.66 -20.69 7.66
C THR B 115 -5.32 -20.38 6.22
N PRO B 116 -4.22 -19.66 5.96
CA PRO B 116 -3.82 -19.21 4.61
C PRO B 116 -3.63 -20.25 3.50
N GLY B 117 -3.06 -21.39 3.85
CA GLY B 117 -2.76 -22.43 2.90
C GLY B 117 -3.86 -23.45 2.76
N THR B 118 -4.93 -23.31 3.53
CA THR B 118 -6.02 -24.31 3.53
C THR B 118 -7.40 -23.80 3.08
N ILE B 119 -7.50 -22.56 2.65
CA ILE B 119 -8.79 -22.04 2.22
C ILE B 119 -9.16 -22.55 0.86
N SER B 120 -10.45 -22.72 0.62
CA SER B 120 -10.94 -23.01 -0.72
C SER B 120 -12.20 -22.25 -1.14
N ASP B 121 -12.63 -21.27 -0.37
CA ASP B 121 -13.80 -20.47 -0.76
C ASP B 121 -13.35 -19.43 -1.79
N GLU B 122 -14.15 -19.22 -2.83
CA GLU B 122 -13.75 -18.41 -3.98
C GLU B 122 -13.57 -16.90 -3.63
N ALA B 123 -14.28 -16.45 -2.60
CA ALA B 123 -14.16 -15.07 -2.13
C ALA B 123 -12.82 -14.83 -1.42
N LEU B 124 -12.19 -15.93 -0.99
CA LEU B 124 -10.96 -15.89 -0.20
C LEU B 124 -9.68 -16.17 -1.00
N LEU B 125 -9.84 -16.60 -2.25
CA LEU B 125 -8.71 -16.81 -3.15
C LEU B 125 -8.64 -15.73 -4.24
N GLN B 126 -7.45 -15.61 -4.84
CA GLN B 126 -7.23 -14.78 -6.01
C GLN B 126 -7.39 -15.73 -7.17
N GLU B 127 -8.23 -15.34 -8.13
CA GLU B 127 -8.73 -16.21 -9.17
C GLU B 127 -7.63 -16.85 -10.04
N ARG B 128 -6.55 -16.09 -10.33
CA ARG B 128 -5.48 -16.56 -11.22
C ARG B 128 -4.10 -16.85 -10.56
N GLN B 129 -4.10 -17.35 -9.33
CA GLN B 129 -2.86 -17.50 -8.56
C GLN B 129 -2.91 -18.72 -7.67
N ASP B 130 -1.91 -19.60 -7.73
CA ASP B 130 -1.88 -20.79 -6.84
C ASP B 130 -1.72 -20.36 -5.39
N ASN B 131 -2.24 -21.19 -4.48
CA ASN B 131 -2.13 -20.98 -3.05
C ASN B 131 -1.77 -22.31 -2.37
N LEU B 132 -0.54 -22.45 -1.90
CA LEU B 132 -0.05 -23.73 -1.42
C LEU B 132 0.15 -23.81 0.08
N LEU B 133 -0.23 -24.94 0.66
CA LEU B 133 0.35 -25.38 1.93
C LEU B 133 1.70 -26.01 1.60
N ALA B 134 2.68 -25.79 2.46
CA ALA B 134 3.99 -26.41 2.33
C ALA B 134 4.51 -26.87 3.69
N ALA B 135 5.25 -27.97 3.68
CA ALA B 135 5.97 -28.37 4.89
C ALA B 135 7.46 -28.50 4.54
N ILE B 136 8.32 -28.11 5.47
CA ILE B 136 9.76 -28.20 5.28
C ILE B 136 10.42 -28.97 6.44
N TRP B 137 11.59 -29.54 6.20
CA TRP B 137 12.20 -30.43 7.20
C TRP B 137 13.66 -30.69 6.87
N GLN B 138 14.48 -30.87 7.91
CA GLN B 138 15.92 -31.08 7.78
C GLN B 138 16.45 -32.36 8.48
N ASP B 139 17.62 -32.77 8.02
CA ASP B 139 18.27 -34.01 8.37
C ASP B 139 19.77 -33.70 8.46
N SER B 140 20.50 -34.57 9.14
CA SER B 140 21.95 -34.69 8.92
C SER B 140 22.22 -34.67 7.40
N LYS B 141 21.45 -35.45 6.63
CA LYS B 141 21.58 -35.57 5.17
C LYS B 141 21.13 -34.33 4.40
N GLY B 142 19.84 -33.97 4.48
CA GLY B 142 19.32 -32.85 3.72
C GLY B 142 17.90 -32.37 4.04
N PHE B 143 17.27 -31.76 3.04
CA PHE B 143 15.95 -31.17 3.22
C PHE B 143 14.87 -32.05 2.64
N GLY B 144 13.74 -32.15 3.35
CA GLY B 144 12.47 -32.59 2.76
C GLY B 144 11.50 -31.41 2.54
N TYR B 145 10.72 -31.50 1.48
CA TYR B 145 9.75 -30.47 1.13
C TYR B 145 8.50 -31.08 0.51
N ALA B 146 7.33 -30.61 0.95
CA ALA B 146 6.04 -30.97 0.35
C ALA B 146 5.17 -29.73 0.12
N THR B 147 4.33 -29.76 -0.91
CA THR B 147 3.38 -28.69 -1.18
C THR B 147 2.03 -29.27 -1.54
N LEU B 148 0.96 -28.78 -0.95
CA LEU B 148 -0.40 -29.12 -1.39
C LEU B 148 -1.07 -27.85 -1.92
N ASP B 149 -1.80 -27.99 -3.02
CA ASP B 149 -2.84 -27.02 -3.36
C ASP B 149 -4.13 -27.63 -2.86
N ILE B 150 -4.68 -27.11 -1.78
CA ILE B 150 -5.87 -27.74 -1.24
C ILE B 150 -7.08 -27.83 -2.22
N SER B 151 -7.19 -26.90 -3.19
CA SER B 151 -8.31 -26.92 -4.16
C SER B 151 -8.16 -27.92 -5.34
N SER B 152 -6.97 -28.13 -5.86
CA SER B 152 -6.80 -29.06 -6.97
C SER B 152 -6.42 -30.49 -6.52
N GLY B 153 -5.91 -30.61 -5.30
CA GLY B 153 -5.29 -31.84 -4.84
C GLY B 153 -3.86 -32.07 -5.31
N ARG B 154 -3.32 -31.21 -6.16
CA ARG B 154 -1.92 -31.27 -6.54
C ARG B 154 -1.04 -31.33 -5.30
N PHE B 155 -0.58 -32.54 -4.98
CA PHE B 155 0.32 -32.84 -3.86
C PHE B 155 1.67 -33.12 -4.49
N ARG B 156 2.77 -32.64 -3.91
CA ARG B 156 4.12 -32.81 -4.48
C ARG B 156 5.12 -32.86 -3.34
N LEU B 157 6.12 -33.73 -3.45
CA LEU B 157 7.26 -33.65 -2.55
C LEU B 157 8.55 -33.52 -3.31
N SER B 158 9.65 -33.35 -2.56
CA SER B 158 10.99 -33.17 -3.12
C SER B 158 12.06 -33.27 -2.01
N GLU B 159 13.31 -33.47 -2.39
CA GLU B 159 14.35 -33.67 -1.39
C GLU B 159 15.62 -32.90 -1.78
N PRO B 160 15.59 -31.56 -1.76
CA PRO B 160 16.75 -30.74 -2.16
C PRO B 160 18.00 -31.04 -1.34
N ALA B 161 19.17 -31.16 -1.97
CA ALA B 161 20.38 -31.59 -1.22
C ALA B 161 21.09 -30.43 -0.54
N ASP B 162 21.56 -29.45 -1.31
CA ASP B 162 22.15 -28.24 -0.73
C ASP B 162 21.06 -27.24 -0.35
N ARG B 163 21.44 -26.23 0.42
CA ARG B 163 20.48 -25.22 0.83
C ARG B 163 20.06 -24.24 -0.27
N GLU B 164 20.92 -23.98 -1.26
CA GLU B 164 20.58 -23.02 -2.32
C GLU B 164 19.42 -23.50 -3.21
N THR B 165 19.31 -24.82 -3.41
CA THR B 165 18.17 -25.41 -4.16
C THR B 165 16.93 -25.50 -3.29
N MET B 166 17.13 -25.49 -1.97
CA MET B 166 16.02 -25.34 -1.05
C MET B 166 15.45 -23.91 -1.12
N ALA B 167 16.32 -22.90 -1.04
CA ALA B 167 15.92 -21.52 -1.26
C ALA B 167 15.21 -21.34 -2.61
N ALA B 168 15.76 -21.99 -3.63
CA ALA B 168 15.25 -21.94 -4.99
C ALA B 168 13.81 -22.46 -5.07
N GLU B 169 13.52 -23.52 -4.31
CA GLU B 169 12.21 -24.16 -4.31
C GLU B 169 11.17 -23.35 -3.55
N LEU B 170 11.63 -22.58 -2.56
CA LEU B 170 10.74 -21.69 -1.80
C LEU B 170 10.30 -20.44 -2.58
N GLN B 171 11.15 -19.87 -3.43
CA GLN B 171 10.75 -18.68 -4.21
C GLN B 171 9.77 -19.12 -5.31
N ARG B 172 10.05 -20.26 -5.93
CA ARG B 172 9.24 -20.82 -7.00
C ARG B 172 7.82 -21.12 -6.59
N THR B 173 7.68 -21.78 -5.44
CA THR B 173 6.43 -22.36 -5.00
C THR B 173 5.66 -21.38 -4.13
N ASN B 174 6.42 -20.65 -3.34
CA ASN B 174 5.94 -19.42 -2.72
C ASN B 174 4.72 -19.71 -1.86
N PRO B 175 4.84 -20.65 -0.92
CA PRO B 175 3.70 -21.05 -0.13
C PRO B 175 3.08 -19.87 0.62
N ALA B 176 1.79 -19.99 0.83
CA ALA B 176 1.04 -19.04 1.61
C ALA B 176 1.18 -19.38 3.08
N GLU B 177 1.59 -20.64 3.35
CA GLU B 177 1.73 -21.21 4.71
C GLU B 177 2.81 -22.32 4.81
N LEU B 178 3.69 -22.18 5.79
CA LEU B 178 4.89 -23.01 5.86
C LEU B 178 5.03 -23.76 7.20
N LEU B 179 4.87 -25.07 7.16
CA LEU B 179 5.05 -25.88 8.36
C LEU B 179 6.51 -26.27 8.45
N TYR B 180 7.16 -25.94 9.55
CA TYR B 180 8.56 -26.28 9.74
C TYR B 180 8.79 -26.97 11.08
N ALA B 181 9.79 -27.85 11.12
CA ALA B 181 10.08 -28.58 12.35
C ALA B 181 10.68 -27.65 13.41
N GLU B 182 10.26 -27.83 14.65
CA GLU B 182 10.75 -27.12 15.81
C GLU B 182 12.28 -26.99 15.82
N ASP B 183 12.95 -28.14 15.75
CA ASP B 183 14.39 -28.22 15.88
C ASP B 183 14.98 -28.26 14.47
N PHE B 184 14.59 -27.25 13.69
CA PHE B 184 15.03 -27.01 12.33
C PHE B 184 16.19 -26.03 12.42
N ALA B 185 17.32 -26.41 11.82
CA ALA B 185 18.58 -25.66 11.97
C ALA B 185 18.68 -24.36 11.15
N GLU B 186 18.40 -24.44 9.84
CA GLU B 186 18.65 -23.33 8.88
C GLU B 186 17.51 -22.31 8.81
N MET B 187 17.25 -21.60 9.91
CA MET B 187 16.12 -20.66 9.97
C MET B 187 16.28 -19.52 8.97
N SER B 188 17.53 -19.20 8.66
CA SER B 188 17.88 -18.23 7.65
C SER B 188 17.02 -18.34 6.35
N LEU B 189 16.69 -19.55 5.95
CA LEU B 189 15.86 -19.80 4.76
C LEU B 189 14.41 -19.30 4.84
N ILE B 190 13.80 -19.56 5.99
CA ILE B 190 12.38 -19.38 6.20
C ILE B 190 12.07 -18.25 7.18
N GLU B 191 13.04 -17.42 7.54
CA GLU B 191 12.87 -16.47 8.64
C GLU B 191 11.86 -15.38 8.30
N GLY B 192 12.02 -14.75 7.13
CA GLY B 192 11.21 -13.59 6.75
C GLY B 192 9.90 -13.93 6.07
N ARG B 193 9.64 -15.23 5.88
CA ARG B 193 8.47 -15.70 5.16
C ARG B 193 7.20 -15.53 5.97
N ARG B 194 6.09 -15.28 5.28
CA ARG B 194 4.81 -15.16 5.95
C ARG B 194 4.14 -16.53 6.03
N GLY B 195 3.34 -16.73 7.08
CA GLY B 195 2.59 -17.98 7.25
C GLY B 195 3.39 -19.10 7.87
N LEU B 196 4.45 -18.78 8.59
CA LEU B 196 5.23 -19.80 9.29
C LEU B 196 4.44 -20.45 10.41
N ARG B 197 4.69 -21.73 10.65
CA ARG B 197 3.97 -22.52 11.64
C ARG B 197 4.92 -23.54 12.29
N ARG B 198 5.41 -23.23 13.49
CA ARG B 198 6.30 -24.14 14.23
C ARG B 198 5.57 -25.42 14.61
N ARG B 199 6.18 -26.58 14.35
CA ARG B 199 5.51 -27.87 14.60
C ARG B 199 6.34 -28.87 15.40
N PRO B 200 5.70 -29.63 16.27
CA PRO B 200 6.39 -30.69 17.00
C PRO B 200 7.18 -31.64 16.08
N LEU B 201 8.30 -32.12 16.59
CA LEU B 201 9.19 -33.02 15.87
C LEU B 201 8.56 -34.38 15.53
N TRP B 202 7.65 -34.87 16.37
CA TRP B 202 6.95 -36.15 16.13
C TRP B 202 5.98 -36.11 14.94
N GLU B 203 5.60 -34.91 14.50
CA GLU B 203 4.76 -34.77 13.31
C GLU B 203 5.49 -35.12 12.03
N PHE B 204 6.81 -35.28 12.12
CA PHE B 204 7.64 -35.67 10.99
C PHE B 204 8.18 -37.12 11.10
N GLU B 205 7.53 -37.97 11.89
CA GLU B 205 7.98 -39.37 12.00
C GLU B 205 7.64 -40.13 10.72
N ILE B 206 8.64 -40.82 10.18
CA ILE B 206 8.47 -41.54 8.93
C ILE B 206 7.37 -42.62 8.94
N ASP B 207 7.21 -43.37 10.03
CA ASP B 207 6.19 -44.42 10.04
C ASP B 207 4.77 -43.92 10.15
N THR B 208 4.58 -42.86 10.93
CA THR B 208 3.28 -42.15 10.94
C THR B 208 3.01 -41.62 9.55
N ALA B 209 4.05 -41.10 8.90
CA ALA B 209 3.91 -40.46 7.58
C ALA B 209 3.42 -41.45 6.52
N ARG B 210 4.15 -42.55 6.38
CA ARG B 210 3.83 -43.56 5.37
C ARG B 210 2.43 -44.08 5.59
N GLN B 211 2.04 -44.23 6.85
CA GLN B 211 0.80 -44.89 7.18
C GLN B 211 -0.37 -43.95 6.96
N GLN B 212 -0.15 -42.65 7.15
CA GLN B 212 -1.19 -41.69 6.88
C GLN B 212 -1.40 -41.61 5.39
N LEU B 213 -0.31 -41.40 4.67
CA LEU B 213 -0.35 -41.18 3.24
C LEU B 213 -1.00 -42.35 2.49
N ASN B 214 -0.63 -43.58 2.86
CA ASN B 214 -1.21 -44.81 2.32
C ASN B 214 -2.69 -44.91 2.64
N LEU B 215 -3.04 -44.62 3.89
CA LEU B 215 -4.46 -44.49 4.27
C LEU B 215 -5.18 -43.44 3.43
N GLN B 216 -4.56 -42.29 3.18
CA GLN B 216 -5.25 -41.24 2.42
C GLN B 216 -5.56 -41.70 1.00
N PHE B 217 -4.61 -42.40 0.36
CA PHE B 217 -4.69 -42.80 -1.04
C PHE B 217 -5.17 -44.25 -1.27
N GLY B 218 -5.54 -44.96 -0.23
CA GLY B 218 -6.04 -46.32 -0.40
C GLY B 218 -5.03 -47.40 -0.81
N THR B 219 -3.73 -47.12 -0.71
CA THR B 219 -2.70 -48.07 -1.13
C THR B 219 -2.05 -48.70 0.07
N ARG B 220 -1.43 -49.89 -0.10
CA ARG B 220 -0.61 -50.48 0.96
C ARG B 220 0.80 -49.83 1.00
N ASP B 221 1.33 -49.52 -0.19
CA ASP B 221 2.65 -48.87 -0.31
C ASP B 221 2.64 -47.78 -1.40
N LEU B 222 3.66 -46.93 -1.42
CA LEU B 222 3.63 -45.71 -2.23
C LEU B 222 4.45 -45.83 -3.49
N VAL B 223 4.52 -47.05 -4.01
CA VAL B 223 5.42 -47.34 -5.11
C VAL B 223 4.85 -46.83 -6.45
N GLY B 224 3.53 -46.89 -6.59
CA GLY B 224 2.83 -46.35 -7.76
C GLY B 224 2.89 -44.82 -7.86
N PHE B 225 3.29 -44.18 -6.77
CA PHE B 225 3.48 -42.73 -6.74
C PHE B 225 4.95 -42.33 -6.86
N GLY B 226 5.84 -43.32 -6.78
CA GLY B 226 7.25 -43.15 -7.07
C GLY B 226 8.05 -42.54 -5.92
N VAL B 227 7.56 -42.69 -4.69
CA VAL B 227 8.12 -41.99 -3.52
C VAL B 227 8.41 -42.90 -2.34
N GLU B 228 8.33 -44.21 -2.52
CA GLU B 228 8.56 -45.12 -1.40
C GLU B 228 9.97 -44.97 -0.80
N ASN B 229 10.99 -44.76 -1.63
CA ASN B 229 12.34 -44.49 -1.11
C ASN B 229 12.69 -43.00 -1.06
N ALA B 230 11.79 -42.21 -0.50
CA ALA B 230 11.99 -40.77 -0.42
C ALA B 230 11.66 -40.26 0.97
N PRO B 231 12.25 -40.86 1.99
CA PRO B 231 11.83 -40.66 3.38
C PRO B 231 11.89 -39.21 3.90
N ARG B 232 12.95 -38.50 3.60
CA ARG B 232 13.07 -37.08 3.92
C ARG B 232 11.81 -36.31 3.46
N GLY B 233 11.45 -36.48 2.19
CA GLY B 233 10.26 -35.87 1.61
C GLY B 233 8.99 -36.40 2.21
N LEU B 234 8.93 -37.69 2.48
CA LEU B 234 7.71 -38.31 3.00
C LEU B 234 7.30 -37.71 4.34
N CYS B 235 8.31 -37.44 5.19
CA CYS B 235 8.09 -36.88 6.51
C CYS B 235 7.47 -35.53 6.41
N ALA B 236 7.96 -34.74 5.47
CA ALA B 236 7.37 -33.44 5.19
C ALA B 236 5.91 -33.61 4.75
N ALA B 237 5.66 -34.52 3.82
CA ALA B 237 4.29 -34.70 3.30
C ALA B 237 3.33 -35.31 4.33
N GLY B 238 3.87 -35.95 5.35
CA GLY B 238 3.07 -36.60 6.37
C GLY B 238 2.60 -35.56 7.37
N CYS B 239 3.43 -34.55 7.57
CA CYS B 239 3.08 -33.40 8.40
C CYS B 239 2.03 -32.63 7.64
N LEU B 240 2.36 -32.23 6.43
CA LEU B 240 1.45 -31.40 5.62
C LEU B 240 0.01 -31.93 5.66
N LEU B 241 -0.13 -33.24 5.43
CA LEU B 241 -1.43 -33.89 5.27
C LEU B 241 -2.13 -33.88 6.62
N GLN B 242 -1.39 -34.22 7.66
CA GLN B 242 -1.90 -34.09 9.01
C GLN B 242 -2.53 -32.71 9.26
N TYR B 243 -1.83 -31.64 8.89
CA TYR B 243 -2.29 -30.29 9.16
C TYR B 243 -3.54 -30.00 8.32
N ALA B 244 -3.45 -30.27 7.03
CA ALA B 244 -4.58 -30.09 6.12
C ALA B 244 -5.85 -30.67 6.74
N LYS B 245 -5.74 -31.90 7.22
CA LYS B 245 -6.87 -32.69 7.65
C LYS B 245 -7.46 -32.09 8.89
N ASP B 246 -6.58 -31.57 9.75
CA ASP B 246 -6.92 -30.95 11.03
C ASP B 246 -7.62 -29.62 10.83
N THR B 247 -7.21 -28.87 9.81
CA THR B 247 -7.83 -27.57 9.53
C THR B 247 -9.23 -27.73 8.93
N GLN B 248 -9.48 -28.87 8.26
CA GLN B 248 -10.71 -29.07 7.49
C GLN B 248 -11.79 -29.76 8.32
N ARG B 249 -11.31 -30.74 9.10
CA ARG B 249 -12.12 -31.71 9.81
C ARG B 249 -13.08 -32.38 8.84
N THR B 250 -12.53 -32.75 7.68
CA THR B 250 -13.19 -33.67 6.74
C THR B 250 -12.21 -34.62 5.99
N THR B 251 -12.82 -35.51 5.23
CA THR B 251 -12.16 -36.27 4.21
C THR B 251 -11.74 -35.26 3.17
N LEU B 252 -10.66 -35.59 2.47
CA LEU B 252 -10.21 -34.78 1.36
C LEU B 252 -10.08 -35.74 0.19
N PRO B 253 -11.21 -36.22 -0.31
CA PRO B 253 -11.19 -37.37 -1.23
C PRO B 253 -10.48 -37.03 -2.55
N HIS B 254 -10.28 -35.73 -2.79
CA HIS B 254 -9.67 -35.17 -4.02
C HIS B 254 -8.14 -35.13 -4.01
N ILE B 255 -7.54 -35.39 -2.87
CA ILE B 255 -6.10 -35.59 -2.77
C ILE B 255 -5.81 -37.10 -2.82
N ARG B 256 -5.63 -37.62 -4.02
CA ARG B 256 -5.50 -39.08 -4.22
C ARG B 256 -4.17 -39.50 -4.81
N SER B 257 -3.16 -38.65 -4.74
CA SER B 257 -1.90 -38.90 -5.42
C SER B 257 -0.80 -37.97 -4.89
N ILE B 258 0.44 -38.41 -5.05
CA ILE B 258 1.61 -37.54 -4.77
C ILE B 258 2.72 -37.84 -5.77
N THR B 259 3.51 -36.83 -6.09
CA THR B 259 4.58 -36.98 -7.06
C THR B 259 5.83 -36.34 -6.57
N MET B 260 6.91 -37.02 -6.86
CA MET B 260 8.23 -36.55 -6.57
C MET B 260 8.62 -35.64 -7.70
N GLU B 261 9.18 -34.48 -7.35
CA GLU B 261 9.81 -33.58 -8.32
C GLU B 261 11.33 -33.82 -8.20
N ARG B 262 11.99 -34.16 -9.30
CA ARG B 262 13.41 -34.46 -9.24
C ARG B 262 14.25 -33.34 -9.85
N GLU B 263 15.44 -33.18 -9.30
CA GLU B 263 16.38 -32.13 -9.69
C GLU B 263 16.69 -32.18 -11.18
N GLN B 264 17.00 -33.36 -11.70
CA GLN B 264 17.36 -33.51 -13.10
C GLN B 264 16.18 -33.41 -14.09
N ASP B 265 14.95 -33.41 -13.60
CA ASP B 265 13.79 -33.19 -14.46
C ASP B 265 13.58 -31.75 -14.85
N SER B 266 14.37 -30.86 -14.27
CA SER B 266 14.06 -29.45 -14.35
C SER B 266 15.29 -28.65 -14.66
N ILE B 267 15.07 -27.49 -15.30
CA ILE B 267 16.13 -26.50 -15.39
C ILE B 267 16.03 -25.72 -14.10
N ILE B 268 17.14 -25.72 -13.36
CA ILE B 268 17.18 -25.10 -12.06
C ILE B 268 17.46 -23.62 -12.27
N MET B 269 16.74 -22.79 -11.52
CA MET B 269 16.89 -21.36 -11.61
C MET B 269 16.85 -20.84 -10.20
N ASP B 270 17.94 -20.24 -9.76
CA ASP B 270 18.02 -19.64 -8.43
C ASP B 270 16.99 -18.52 -8.31
N ALA B 271 16.66 -18.12 -7.08
CA ALA B 271 15.75 -16.99 -6.87
C ALA B 271 16.16 -15.77 -7.65
N ALA B 272 17.43 -15.38 -7.54
CA ALA B 272 17.95 -14.20 -8.23
C ALA B 272 17.70 -14.24 -9.74
N THR B 273 17.77 -15.44 -10.32
CA THR B 273 17.57 -15.60 -11.76
C THR B 273 16.10 -15.48 -12.10
N ARG B 274 15.33 -16.27 -11.37
CA ARG B 274 13.88 -16.24 -11.44
C ARG B 274 13.35 -14.81 -11.43
N ARG B 275 13.91 -13.98 -10.57
CA ARG B 275 13.46 -12.60 -10.34
C ARG B 275 13.86 -11.69 -11.52
N ASN B 276 15.12 -11.78 -11.96
CA ASN B 276 15.65 -11.01 -13.11
C ASN B 276 15.08 -11.36 -14.49
N LEU B 277 14.33 -12.43 -14.58
CA LEU B 277 13.75 -12.83 -15.86
C LEU B 277 12.31 -12.40 -15.90
N GLU B 278 11.80 -11.89 -14.76
CA GLU B 278 10.47 -11.30 -14.69
C GLU B 278 9.46 -12.25 -15.32
N ILE B 279 9.43 -13.48 -14.81
CA ILE B 279 8.59 -14.54 -15.35
C ILE B 279 7.09 -14.29 -15.07
N THR B 280 6.75 -14.17 -13.78
CA THR B 280 5.37 -13.87 -13.30
C THR B 280 5.30 -12.52 -12.60
N GLN B 281 6.43 -12.10 -12.04
CA GLN B 281 6.54 -10.98 -11.12
C GLN B 281 7.60 -10.05 -11.67
N ASN B 282 7.37 -8.74 -11.64
CA ASN B 282 8.39 -7.82 -12.15
C ASN B 282 9.35 -7.35 -11.06
N LEU B 283 10.53 -6.89 -11.48
CA LEU B 283 11.56 -6.42 -10.54
C LEU B 283 10.99 -5.42 -9.54
N ALA B 284 9.85 -4.81 -9.87
CA ALA B 284 9.17 -3.85 -9.00
C ALA B 284 7.85 -4.39 -8.41
N GLY B 285 7.87 -5.63 -7.93
CA GLY B 285 6.71 -6.25 -7.30
C GLY B 285 5.36 -6.33 -7.99
N GLY B 286 5.23 -6.00 -9.27
CA GLY B 286 3.94 -6.07 -9.98
C GLY B 286 3.71 -7.28 -10.90
N ALA B 287 2.63 -7.28 -11.66
CA ALA B 287 2.29 -8.42 -12.53
C ALA B 287 2.38 -8.10 -14.03
N GLU B 288 2.82 -6.88 -14.38
CA GLU B 288 2.97 -6.50 -15.77
C GLU B 288 4.45 -6.50 -16.25
N ASN B 289 4.65 -6.29 -17.55
CA ASN B 289 5.98 -6.18 -18.17
C ASN B 289 6.76 -7.38 -17.71
N THR B 290 6.02 -8.48 -17.80
CA THR B 290 6.48 -9.77 -17.38
C THR B 290 6.17 -10.75 -18.51
N LEU B 291 6.82 -11.90 -18.45
CA LEU B 291 6.70 -12.90 -19.49
C LEU B 291 5.30 -13.45 -19.52
N ALA B 292 4.71 -13.61 -18.33
CA ALA B 292 3.42 -14.28 -18.19
C ALA B 292 2.32 -13.41 -18.71
N SER B 293 2.50 -12.09 -18.59
CA SER B 293 1.60 -11.07 -19.13
C SER B 293 1.50 -11.09 -20.64
N VAL B 294 2.62 -11.29 -21.32
CA VAL B 294 2.58 -11.39 -22.78
C VAL B 294 2.01 -12.71 -23.24
N LEU B 295 2.48 -13.81 -22.66
CA LEU B 295 2.10 -15.14 -23.09
C LEU B 295 0.82 -15.66 -22.45
N ASP B 296 0.22 -14.98 -21.48
CA ASP B 296 -0.90 -15.62 -20.77
C ASP B 296 -2.25 -15.19 -21.25
N CYS B 297 -2.67 -15.72 -22.39
CA CYS B 297 -4.01 -15.42 -22.91
C CYS B 297 -4.95 -16.61 -22.83
N THR B 298 -4.75 -17.42 -21.78
CA THR B 298 -5.67 -18.48 -21.43
C THR B 298 -7.04 -17.90 -21.12
N VAL B 299 -8.07 -18.74 -21.25
CA VAL B 299 -9.45 -18.29 -21.13
C VAL B 299 -10.15 -18.66 -19.82
N THR B 300 -9.57 -19.61 -19.09
CA THR B 300 -10.13 -20.10 -17.83
C THR B 300 -9.11 -19.85 -16.77
N PRO B 301 -9.53 -19.58 -15.54
CA PRO B 301 -8.55 -19.29 -14.48
C PRO B 301 -7.66 -20.48 -14.15
N MET B 302 -8.13 -21.70 -14.36
CA MET B 302 -7.37 -22.87 -13.98
C MET B 302 -6.30 -23.12 -15.03
N GLY B 303 -6.59 -22.75 -16.27
CA GLY B 303 -5.59 -22.77 -17.34
C GLY B 303 -4.56 -21.67 -17.25
N SER B 304 -4.81 -20.62 -16.48
CA SER B 304 -3.85 -19.54 -16.37
C SER B 304 -2.83 -19.94 -15.31
N ARG B 305 -3.32 -20.57 -14.25
CA ARG B 305 -2.47 -21.07 -13.17
C ARG B 305 -1.56 -22.19 -13.64
N MET B 306 -2.06 -23.04 -14.53
CA MET B 306 -1.23 -24.12 -15.06
C MET B 306 -0.09 -23.61 -15.91
N LEU B 307 -0.35 -22.55 -16.67
CA LEU B 307 0.67 -22.01 -17.56
C LEU B 307 1.79 -21.44 -16.72
N LYS B 308 1.44 -20.71 -15.67
CA LYS B 308 2.42 -20.07 -14.83
C LYS B 308 3.31 -21.10 -14.17
N ARG B 309 2.77 -22.28 -13.91
CA ARG B 309 3.55 -23.40 -13.35
C ARG B 309 4.57 -23.95 -14.36
N TRP B 310 4.14 -24.15 -15.61
CA TRP B 310 5.06 -24.55 -16.65
C TRP B 310 6.16 -23.46 -16.83
N LEU B 311 5.76 -22.20 -16.73
CA LEU B 311 6.72 -21.12 -16.97
C LEU B 311 7.82 -21.05 -15.90
N HIS B 312 7.53 -21.52 -14.70
CA HIS B 312 8.51 -21.56 -13.60
C HIS B 312 9.21 -22.92 -13.51
N MET B 313 8.79 -23.92 -14.28
CA MET B 313 9.44 -25.23 -14.23
C MET B 313 9.67 -25.84 -15.61
N PRO B 314 10.64 -25.28 -16.30
CA PRO B 314 11.08 -25.85 -17.57
C PRO B 314 11.66 -27.25 -17.35
N VAL B 315 11.29 -28.20 -18.22
CA VAL B 315 11.72 -29.60 -18.06
C VAL B 315 12.84 -29.98 -19.02
N ARG B 316 13.77 -30.82 -18.56
CA ARG B 316 14.87 -31.29 -19.40
C ARG B 316 14.46 -32.37 -20.45
N ASP B 317 13.42 -33.16 -20.14
CA ASP B 317 12.98 -34.28 -21.01
C ASP B 317 12.34 -33.87 -22.32
N THR B 318 13.08 -33.96 -23.44
CA THR B 318 12.54 -33.47 -24.70
C THR B 318 11.29 -34.21 -25.18
N ARG B 319 11.08 -35.45 -24.78
CA ARG B 319 9.85 -36.14 -25.13
C ARG B 319 8.63 -35.28 -24.83
N VAL B 320 8.52 -34.77 -23.62
CA VAL B 320 7.33 -34.02 -23.21
C VAL B 320 7.24 -32.72 -24.00
N LEU B 321 8.41 -32.23 -24.39
CA LEU B 321 8.54 -30.98 -25.11
C LEU B 321 8.14 -31.14 -26.58
N LEU B 322 8.66 -32.16 -27.24
CA LEU B 322 8.29 -32.46 -28.62
C LEU B 322 6.80 -32.62 -28.74
N GLU B 323 6.17 -33.01 -27.65
CA GLU B 323 4.77 -33.35 -27.63
C GLU B 323 3.93 -32.10 -27.53
N ARG B 324 4.29 -31.19 -26.63
CA ARG B 324 3.64 -29.88 -26.50
C ARG B 324 3.82 -29.09 -27.81
N GLN B 325 5.05 -29.10 -28.31
CA GLN B 325 5.36 -28.57 -29.62
C GLN B 325 4.35 -29.08 -30.64
N GLN B 326 4.31 -30.40 -30.82
CA GLN B 326 3.44 -31.07 -31.80
C GLN B 326 1.96 -30.67 -31.64
N THR B 327 1.53 -30.41 -30.42
CA THR B 327 0.16 -30.01 -30.09
C THR B 327 -0.17 -28.57 -30.47
N ILE B 328 0.79 -27.67 -30.24
CA ILE B 328 0.60 -26.26 -30.56
C ILE B 328 0.46 -26.09 -32.06
N GLY B 329 1.28 -26.81 -32.83
CA GLY B 329 1.22 -26.77 -34.27
C GLY B 329 -0.06 -27.38 -34.79
N ALA B 330 -0.51 -28.45 -34.12
CA ALA B 330 -1.74 -29.13 -34.50
C ALA B 330 -2.98 -28.26 -34.31
N LEU B 331 -2.94 -27.33 -33.36
CA LEU B 331 -4.10 -26.55 -32.99
C LEU B 331 -4.07 -25.13 -33.51
N GLN B 332 -2.96 -24.71 -34.12
CA GLN B 332 -2.88 -23.33 -34.62
C GLN B 332 -4.19 -23.03 -35.37
N ASP B 333 -4.61 -23.98 -36.19
CA ASP B 333 -5.82 -23.83 -37.02
C ASP B 333 -7.17 -23.76 -36.24
N PHE B 334 -7.31 -24.49 -35.12
CA PHE B 334 -8.60 -24.65 -34.42
C PHE B 334 -8.81 -23.71 -33.23
N THR B 335 -7.90 -22.77 -33.05
CA THR B 335 -7.86 -21.88 -31.90
C THR B 335 -9.09 -20.97 -31.74
N ALA B 336 -9.47 -20.27 -32.81
CA ALA B 336 -10.58 -19.31 -32.73
C ALA B 336 -11.90 -19.99 -32.37
N GLY B 337 -12.07 -21.24 -32.80
CA GLY B 337 -13.27 -22.01 -32.52
C GLY B 337 -13.36 -22.48 -31.09
N LEU B 338 -12.19 -22.77 -30.50
CA LEU B 338 -12.03 -23.46 -29.23
C LEU B 338 -12.12 -22.54 -28.01
N GLN B 339 -11.47 -21.39 -28.07
CA GLN B 339 -11.31 -20.51 -26.89
C GLN B 339 -12.60 -19.89 -26.30
N PRO B 340 -13.59 -19.51 -27.12
CA PRO B 340 -14.88 -19.01 -26.58
C PRO B 340 -15.71 -20.10 -25.87
N VAL B 341 -15.66 -21.30 -26.43
CA VAL B 341 -16.23 -22.46 -25.78
C VAL B 341 -15.49 -22.78 -24.44
N LEU B 342 -14.16 -22.80 -24.45
CA LEU B 342 -13.39 -23.05 -23.24
C LEU B 342 -13.58 -21.95 -22.21
N ARG B 343 -13.74 -20.70 -22.64
CA ARG B 343 -13.87 -19.59 -21.70
C ARG B 343 -15.08 -19.81 -20.82
N GLN B 344 -16.11 -20.38 -21.45
CA GLN B 344 -17.35 -20.75 -20.78
C GLN B 344 -17.18 -21.79 -19.68
N VAL B 345 -16.19 -22.68 -19.84
CA VAL B 345 -15.92 -23.75 -18.86
C VAL B 345 -15.46 -23.26 -17.48
N GLY B 346 -14.81 -22.11 -17.42
CA GLY B 346 -14.49 -21.46 -16.16
C GLY B 346 -13.60 -22.33 -15.29
N ASP B 347 -13.70 -22.10 -13.97
CA ASP B 347 -12.77 -22.74 -13.03
C ASP B 347 -13.20 -24.14 -12.49
N LEU B 348 -13.36 -25.11 -13.38
CA LEU B 348 -13.88 -26.41 -12.98
C LEU B 348 -13.00 -27.08 -11.93
N GLU B 349 -11.74 -26.67 -11.80
CA GLU B 349 -10.84 -27.24 -10.79
C GLU B 349 -11.30 -26.91 -9.37
N ARG B 350 -11.43 -25.62 -9.09
CA ARG B 350 -11.85 -25.13 -7.76
C ARG B 350 -13.31 -25.41 -7.39
N ILE B 351 -14.17 -25.66 -8.38
CA ILE B 351 -15.55 -26.04 -8.10
C ILE B 351 -15.54 -27.47 -7.62
N LEU B 352 -14.69 -28.28 -8.24
CA LEU B 352 -14.57 -29.69 -7.85
C LEU B 352 -13.99 -29.86 -6.45
N ALA B 353 -13.21 -28.88 -6.00
CA ALA B 353 -12.65 -28.90 -4.64
C ALA B 353 -13.76 -28.76 -3.67
N ARG B 354 -14.65 -27.82 -3.99
CA ARG B 354 -15.79 -27.51 -3.17
C ARG B 354 -16.81 -28.61 -3.24
N LEU B 355 -16.92 -29.29 -4.36
CA LEU B 355 -17.68 -30.55 -4.43
C LEU B 355 -17.14 -31.68 -3.52
N ALA B 356 -15.82 -31.79 -3.35
CA ALA B 356 -15.21 -32.85 -2.53
C ALA B 356 -15.27 -32.53 -1.02
N LEU B 357 -15.12 -31.26 -0.69
CA LEU B 357 -15.26 -30.78 0.68
C LEU B 357 -16.74 -30.74 1.09
N ARG B 358 -17.64 -30.80 0.11
CA ARG B 358 -19.10 -30.74 0.33
C ARG B 358 -19.61 -29.34 0.71
N THR B 359 -18.93 -28.32 0.19
CA THR B 359 -19.24 -26.93 0.47
C THR B 359 -19.75 -26.20 -0.77
N ALA B 360 -19.84 -26.91 -1.89
CA ALA B 360 -20.22 -26.26 -3.15
C ALA B 360 -21.64 -25.72 -3.11
N ARG B 361 -21.74 -24.39 -3.23
CA ARG B 361 -22.98 -23.62 -3.19
C ARG B 361 -23.70 -23.70 -4.56
N PRO B 362 -25.01 -23.45 -4.63
CA PRO B 362 -25.78 -23.66 -5.88
C PRO B 362 -25.20 -23.13 -7.21
N ARG B 363 -24.52 -21.98 -7.21
CA ARG B 363 -23.92 -21.43 -8.42
C ARG B 363 -22.67 -22.20 -8.85
N ASP B 364 -21.91 -22.70 -7.88
CA ASP B 364 -20.86 -23.68 -8.17
C ASP B 364 -21.39 -24.88 -8.95
N LEU B 365 -22.59 -25.34 -8.59
CA LEU B 365 -23.25 -26.41 -9.35
C LEU B 365 -23.81 -25.96 -10.69
N ALA B 366 -24.33 -24.73 -10.72
CA ALA B 366 -24.87 -24.15 -11.95
C ALA B 366 -23.77 -23.96 -12.98
N ARG B 367 -22.57 -23.61 -12.53
CA ARG B 367 -21.44 -23.39 -13.42
C ARG B 367 -20.68 -24.67 -13.77
N MET B 368 -20.84 -25.73 -12.99
CA MET B 368 -20.35 -27.05 -13.39
C MET B 368 -21.25 -27.61 -14.50
N ARG B 369 -22.56 -27.40 -14.36
CA ARG B 369 -23.50 -27.69 -15.45
C ARG B 369 -23.14 -26.98 -16.77
N HIS B 370 -22.84 -25.70 -16.69
CA HIS B 370 -22.43 -24.98 -17.88
C HIS B 370 -21.18 -25.59 -18.54
N ALA B 371 -20.14 -25.84 -17.75
CA ALA B 371 -18.95 -26.56 -18.22
C ALA B 371 -19.25 -27.84 -19.00
N PHE B 372 -20.17 -28.65 -18.47
CA PHE B 372 -20.61 -29.91 -19.09
C PHE B 372 -21.26 -29.73 -20.45
N GLN B 373 -21.99 -28.63 -20.60
CA GLN B 373 -22.72 -28.32 -21.82
C GLN B 373 -21.78 -27.93 -22.95
N GLN B 374 -20.54 -27.56 -22.60
CA GLN B 374 -19.49 -27.28 -23.59
C GLN B 374 -18.72 -28.52 -24.06
N LEU B 375 -18.74 -29.62 -23.32
CA LEU B 375 -17.90 -30.81 -23.65
C LEU B 375 -18.19 -31.48 -25.00
N PRO B 376 -19.47 -31.73 -25.35
CA PRO B 376 -19.81 -32.20 -26.70
C PRO B 376 -19.33 -31.29 -27.86
N GLU B 377 -19.38 -29.97 -27.70
CA GLU B 377 -18.93 -29.04 -28.73
C GLU B 377 -17.42 -29.10 -28.82
N LEU B 378 -16.76 -28.89 -27.68
CA LEU B 378 -15.32 -29.19 -27.54
C LEU B 378 -14.88 -30.52 -28.17
N ARG B 379 -15.71 -31.56 -28.07
CA ARG B 379 -15.37 -32.88 -28.58
C ARG B 379 -15.45 -32.93 -30.10
N ALA B 380 -16.43 -32.21 -30.66
CA ALA B 380 -16.62 -32.09 -32.11
C ALA B 380 -15.49 -31.32 -32.80
N GLN B 381 -15.16 -30.13 -32.30
CA GLN B 381 -14.03 -29.35 -32.77
C GLN B 381 -12.69 -30.09 -32.72
N LEU B 382 -12.42 -30.86 -31.66
CA LEU B 382 -11.17 -31.63 -31.56
C LEU B 382 -11.15 -32.95 -32.34
N GLU B 383 -12.31 -33.41 -32.79
CA GLU B 383 -12.41 -34.68 -33.52
C GLU B 383 -11.35 -34.90 -34.62
N THR B 384 -11.04 -33.85 -35.37
CA THR B 384 -10.19 -34.00 -36.57
C THR B 384 -8.69 -33.68 -36.36
N VAL B 385 -8.32 -33.10 -35.22
CA VAL B 385 -6.93 -32.78 -34.94
C VAL B 385 -6.09 -34.07 -34.94
N ASP B 386 -5.15 -34.18 -35.89
CA ASP B 386 -4.33 -35.38 -36.07
C ASP B 386 -3.06 -35.29 -35.26
N SER B 387 -3.22 -35.21 -33.96
CA SER B 387 -2.14 -35.41 -33.02
C SER B 387 -2.69 -36.31 -31.92
N ALA B 388 -1.92 -37.32 -31.54
CA ALA B 388 -2.35 -38.26 -30.52
C ALA B 388 -2.57 -37.62 -29.12
N PRO B 389 -1.78 -36.63 -28.74
CA PRO B 389 -2.00 -35.90 -27.48
C PRO B 389 -3.29 -35.09 -27.40
N VAL B 390 -3.68 -34.39 -28.46
CA VAL B 390 -4.96 -33.67 -28.47
C VAL B 390 -6.12 -34.64 -28.35
N GLN B 391 -5.97 -35.82 -28.95
CA GLN B 391 -6.98 -36.86 -28.86
C GLN B 391 -7.01 -37.50 -27.46
N ALA B 392 -5.90 -37.44 -26.74
CA ALA B 392 -5.85 -37.97 -25.38
C ALA B 392 -6.51 -36.98 -24.43
N LEU B 393 -6.20 -35.70 -24.62
CA LEU B 393 -6.91 -34.60 -23.89
C LEU B 393 -8.39 -34.60 -24.17
N ARG B 394 -8.78 -35.13 -25.32
CA ARG B 394 -10.17 -35.19 -25.73
C ARG B 394 -10.89 -36.35 -25.02
N GLU B 395 -10.23 -37.50 -24.89
CA GLU B 395 -10.83 -38.61 -24.13
C GLU B 395 -10.88 -38.25 -22.63
N LYS B 396 -9.70 -37.97 -22.07
CA LYS B 396 -9.55 -37.49 -20.70
C LYS B 396 -10.62 -36.45 -20.31
N MET B 397 -10.87 -35.49 -21.20
CA MET B 397 -11.88 -34.42 -21.06
C MET B 397 -13.23 -34.92 -20.56
N GLY B 398 -13.77 -35.91 -21.26
CA GLY B 398 -14.98 -36.57 -20.84
C GLY B 398 -16.17 -35.84 -21.41
N GLU B 399 -17.35 -36.32 -21.04
CA GLU B 399 -18.61 -35.77 -21.53
C GLU B 399 -19.61 -35.67 -20.37
N PHE B 400 -19.75 -36.75 -19.59
CA PHE B 400 -20.62 -36.79 -18.41
C PHE B 400 -22.05 -36.32 -18.73
N ALA B 401 -22.64 -36.91 -19.75
CA ALA B 401 -23.95 -36.46 -20.25
C ALA B 401 -25.05 -36.60 -19.22
N GLU B 402 -24.97 -37.64 -18.40
CA GLU B 402 -26.10 -37.97 -17.53
C GLU B 402 -25.99 -37.20 -16.24
N LEU B 403 -24.81 -36.68 -15.95
CA LEU B 403 -24.64 -35.66 -14.92
C LEU B 403 -25.07 -34.26 -15.41
N ARG B 404 -24.76 -33.94 -16.67
CA ARG B 404 -25.25 -32.73 -17.30
C ARG B 404 -26.76 -32.70 -17.20
N ASP B 405 -27.39 -33.83 -17.51
CA ASP B 405 -28.84 -33.92 -17.57
C ASP B 405 -29.43 -33.87 -16.17
N LEU B 406 -28.73 -34.47 -15.21
CA LEU B 406 -29.17 -34.47 -13.83
C LEU B 406 -29.31 -33.07 -13.26
N LEU B 407 -28.33 -32.20 -13.53
CA LEU B 407 -28.36 -30.81 -13.05
C LEU B 407 -29.18 -29.85 -13.93
N GLU B 408 -29.48 -30.26 -15.17
CA GLU B 408 -30.36 -29.51 -16.06
C GLU B 408 -31.78 -29.56 -15.48
N ARG B 409 -32.13 -30.73 -14.96
CA ARG B 409 -33.42 -31.01 -14.33
C ARG B 409 -33.47 -30.74 -12.84
N ALA B 410 -32.32 -30.62 -12.18
CA ALA B 410 -32.29 -30.45 -10.74
C ALA B 410 -32.37 -29.00 -10.28
N ILE B 411 -31.68 -28.13 -10.99
CA ILE B 411 -31.40 -26.77 -10.58
C ILE B 411 -31.97 -25.79 -11.63
N ILE B 412 -32.34 -24.58 -11.22
CA ILE B 412 -32.94 -23.61 -12.14
C ILE B 412 -31.85 -22.87 -12.95
N ASP B 413 -32.26 -22.06 -13.93
CA ASP B 413 -31.30 -21.40 -14.83
C ASP B 413 -30.38 -20.40 -14.09
N THR B 414 -30.89 -19.64 -13.12
CA THR B 414 -30.02 -18.67 -12.41
C THR B 414 -30.28 -18.72 -10.90
N PRO B 415 -29.77 -19.76 -10.22
CA PRO B 415 -30.08 -20.02 -8.80
C PRO B 415 -29.40 -19.03 -7.90
N PRO B 416 -29.87 -18.82 -6.67
CA PRO B 416 -29.24 -17.86 -5.77
C PRO B 416 -27.91 -18.39 -5.22
N VAL B 417 -27.13 -17.47 -4.67
CA VAL B 417 -25.80 -17.77 -4.13
C VAL B 417 -25.87 -18.95 -3.12
N LEU B 418 -26.85 -18.89 -2.21
CA LEU B 418 -27.00 -19.89 -1.15
C LEU B 418 -28.22 -20.80 -1.36
N VAL B 419 -28.13 -22.05 -0.90
CA VAL B 419 -29.31 -22.91 -0.73
C VAL B 419 -30.27 -22.41 0.35
N ARG B 420 -29.73 -21.65 1.31
CA ARG B 420 -30.40 -21.30 2.57
C ARG B 420 -31.90 -21.02 2.50
N ASP B 421 -32.33 -20.38 1.43
CA ASP B 421 -33.72 -19.90 1.33
C ASP B 421 -34.49 -20.57 0.19
N GLY B 422 -33.83 -21.43 -0.58
CA GLY B 422 -34.49 -22.20 -1.63
C GLY B 422 -34.66 -21.38 -2.89
N GLY B 423 -35.63 -21.75 -3.71
CA GLY B 423 -35.73 -21.23 -5.07
C GLY B 423 -34.50 -21.62 -5.90
N VAL B 424 -34.00 -22.84 -5.66
CA VAL B 424 -32.86 -23.39 -6.42
C VAL B 424 -33.27 -24.63 -7.23
N ILE B 425 -34.07 -25.52 -6.64
CA ILE B 425 -34.46 -26.77 -7.31
C ILE B 425 -35.54 -26.51 -8.33
N ALA B 426 -35.42 -27.16 -9.48
CA ALA B 426 -36.21 -26.82 -10.64
C ALA B 426 -37.66 -27.27 -10.57
N SER B 427 -38.52 -26.57 -11.30
CA SER B 427 -39.92 -26.94 -11.51
C SER B 427 -39.95 -28.33 -12.16
N GLY B 428 -40.52 -29.31 -11.48
CA GLY B 428 -40.77 -30.59 -12.14
C GLY B 428 -39.67 -31.64 -12.01
N TYR B 429 -38.75 -31.44 -11.07
CA TYR B 429 -37.70 -32.42 -10.77
C TYR B 429 -38.18 -33.50 -9.78
N ASN B 430 -39.01 -33.09 -8.82
CA ASN B 430 -39.51 -33.95 -7.74
C ASN B 430 -41.02 -33.75 -7.50
N GLU B 431 -41.76 -34.86 -7.41
CA GLU B 431 -43.21 -34.78 -7.26
C GLU B 431 -43.61 -33.99 -6.00
N GLU B 432 -43.17 -34.43 -4.83
CA GLU B 432 -43.53 -33.79 -3.55
C GLU B 432 -43.36 -32.26 -3.54
N LEU B 433 -42.23 -31.79 -4.06
CA LEU B 433 -41.84 -30.39 -3.98
C LEU B 433 -42.78 -29.43 -4.72
N ASP B 434 -43.26 -29.86 -5.89
CA ASP B 434 -44.22 -29.08 -6.67
C ASP B 434 -45.56 -29.02 -5.96
N GLU B 435 -45.90 -30.14 -5.29
CA GLU B 435 -47.11 -30.27 -4.50
C GLU B 435 -47.11 -29.31 -3.31
N TRP B 436 -46.00 -29.25 -2.60
CA TRP B 436 -45.88 -28.34 -1.46
C TRP B 436 -45.85 -26.88 -1.93
N ARG B 437 -45.30 -26.61 -3.11
CA ARG B 437 -45.20 -25.26 -3.63
C ARG B 437 -46.54 -24.76 -4.18
N ALA B 438 -47.37 -25.70 -4.63
CA ALA B 438 -48.65 -25.39 -5.23
C ALA B 438 -49.64 -25.09 -4.12
N LEU B 439 -49.48 -25.80 -3.02
CA LEU B 439 -50.28 -25.54 -1.83
C LEU B 439 -49.91 -24.17 -1.23
N ALA B 440 -48.63 -23.84 -1.24
CA ALA B 440 -48.15 -22.55 -0.75
C ALA B 440 -48.69 -21.42 -1.61
N ASP B 441 -48.60 -21.60 -2.92
CA ASP B 441 -49.06 -20.59 -3.88
C ASP B 441 -50.56 -20.40 -3.82
N GLY B 442 -51.32 -21.48 -3.62
CA GLY B 442 -52.77 -21.42 -3.52
C GLY B 442 -53.26 -20.82 -2.20
N ALA B 443 -52.40 -20.87 -1.20
CA ALA B 443 -52.63 -20.20 0.07
C ALA B 443 -52.28 -18.71 -0.09
N THR B 444 -51.20 -18.45 -0.84
CA THR B 444 -50.73 -17.09 -1.08
C THR B 444 -51.62 -16.38 -2.11
N ASP B 445 -52.34 -17.16 -2.91
CA ASP B 445 -53.24 -16.62 -3.94
C ASP B 445 -54.51 -16.23 -3.23
N TYR B 446 -55.00 -17.10 -2.35
CA TYR B 446 -56.13 -16.77 -1.49
C TYR B 446 -55.96 -15.39 -0.86
N LEU B 447 -54.77 -15.11 -0.35
CA LEU B 447 -54.55 -13.91 0.46
C LEU B 447 -54.44 -12.62 -0.36
N GLU B 448 -53.95 -12.72 -1.59
CA GLU B 448 -53.99 -11.59 -2.50
C GLU B 448 -55.46 -11.22 -2.79
N ARG B 449 -56.33 -12.22 -2.83
CA ARG B 449 -57.77 -12.04 -3.06
C ARG B 449 -58.56 -11.70 -1.80
N LEU B 450 -57.99 -12.02 -0.63
CA LEU B 450 -58.60 -11.64 0.64
C LEU B 450 -58.47 -10.13 0.78
N GLU B 451 -57.37 -9.61 0.25
CA GLU B 451 -57.11 -8.19 0.20
C GLU B 451 -58.09 -7.42 -0.69
N VAL B 452 -58.40 -7.96 -1.87
CA VAL B 452 -59.34 -7.34 -2.81
C VAL B 452 -60.79 -7.52 -2.34
N ARG B 453 -61.03 -8.50 -1.46
CA ARG B 453 -62.36 -8.80 -0.93
C ARG B 453 -62.67 -7.85 0.22
N GLU B 454 -61.72 -7.75 1.16
CA GLU B 454 -61.86 -6.84 2.29
C GLU B 454 -61.95 -5.39 1.81
N ARG B 455 -61.19 -5.08 0.75
CA ARG B 455 -61.13 -3.72 0.23
C ARG B 455 -62.34 -3.34 -0.64
N GLU B 456 -63.01 -4.33 -1.21
CA GLU B 456 -64.23 -4.06 -1.96
C GLU B 456 -65.44 -4.11 -1.04
N ARG B 457 -65.27 -4.68 0.15
CA ARG B 457 -66.35 -4.83 1.14
C ARG B 457 -66.35 -3.66 2.15
N THR B 458 -65.23 -2.93 2.25
CA THR B 458 -65.12 -1.78 3.16
C THR B 458 -65.11 -0.42 2.43
N GLY B 459 -64.66 -0.40 1.17
CA GLY B 459 -64.49 0.82 0.41
C GLY B 459 -63.32 1.66 0.91
N LEU B 460 -62.25 0.97 1.33
CA LEU B 460 -61.07 1.64 1.87
C LEU B 460 -59.87 1.38 0.94
N ASP B 461 -59.52 2.41 0.18
CA ASP B 461 -58.57 2.23 -0.93
C ASP B 461 -57.10 2.10 -0.50
N THR B 462 -56.83 2.19 0.79
CA THR B 462 -55.46 2.06 1.32
C THR B 462 -55.24 0.74 2.05
N LEU B 463 -56.25 -0.12 2.05
CA LEU B 463 -56.16 -1.44 2.65
C LEU B 463 -55.28 -2.32 1.82
N LYS B 464 -54.32 -2.99 2.46
CA LYS B 464 -53.56 -4.07 1.82
C LYS B 464 -53.18 -5.16 2.81
N VAL B 465 -52.59 -6.25 2.32
CA VAL B 465 -52.08 -7.34 3.17
C VAL B 465 -50.55 -7.40 3.04
N GLY B 466 -49.87 -7.41 4.18
CA GLY B 466 -48.42 -7.62 4.21
C GLY B 466 -48.02 -8.79 5.11
N PHE B 467 -46.70 -8.97 5.24
CA PHE B 467 -46.10 -10.00 6.10
C PHE B 467 -44.80 -9.49 6.77
N ASN B 468 -44.63 -9.76 8.06
CA ASN B 468 -43.30 -9.78 8.69
C ASN B 468 -43.20 -10.77 9.85
N ALA B 469 -41.99 -10.97 10.38
CA ALA B 469 -41.70 -11.97 11.41
C ALA B 469 -42.45 -11.74 12.73
N VAL B 470 -42.56 -10.49 13.12
CA VAL B 470 -43.26 -10.10 14.36
C VAL B 470 -44.74 -10.50 14.35
N HIS B 471 -45.38 -10.42 13.18
CA HIS B 471 -46.84 -10.50 13.08
C HIS B 471 -47.39 -11.57 12.15
N GLY B 472 -46.54 -12.24 11.38
CA GLY B 472 -47.01 -13.01 10.23
C GLY B 472 -47.70 -12.07 9.25
N TYR B 473 -48.82 -12.51 8.67
CA TYR B 473 -49.62 -11.66 7.79
C TYR B 473 -50.48 -10.70 8.63
N TYR B 474 -50.96 -9.65 7.99
CA TYR B 474 -51.79 -8.64 8.66
C TYR B 474 -52.50 -7.81 7.61
N ILE B 475 -53.74 -7.41 7.87
CA ILE B 475 -54.32 -6.36 7.05
C ILE B 475 -53.75 -5.05 7.57
N GLN B 476 -53.47 -4.12 6.66
CA GLN B 476 -52.99 -2.80 7.04
C GLN B 476 -53.90 -1.75 6.44
N ILE B 477 -54.50 -0.94 7.28
CA ILE B 477 -55.22 0.26 6.86
C ILE B 477 -54.31 1.45 7.16
N SER B 478 -54.49 2.55 6.45
CA SER B 478 -53.80 3.80 6.82
C SER B 478 -54.46 4.48 8.02
N ARG B 479 -53.71 5.36 8.69
CA ARG B 479 -54.23 6.09 9.87
C ARG B 479 -55.53 6.86 9.59
N GLY B 480 -55.56 7.63 8.51
CA GLY B 480 -56.73 8.43 8.18
C GLY B 480 -58.00 7.61 7.98
N GLN B 481 -57.84 6.43 7.39
CA GLN B 481 -58.97 5.53 7.08
C GLN B 481 -59.25 4.49 8.15
N SER B 482 -58.35 4.34 9.13
CA SER B 482 -58.42 3.20 10.07
C SER B 482 -59.58 3.26 11.04
N HIS B 483 -60.16 4.43 11.24
CA HIS B 483 -61.30 4.56 12.16
C HIS B 483 -62.58 3.90 11.62
N LEU B 484 -62.55 3.44 10.37
CA LEU B 484 -63.63 2.63 9.78
C LEU B 484 -63.19 1.18 9.58
N ALA B 485 -62.31 0.70 10.45
CA ALA B 485 -61.91 -0.68 10.40
C ALA B 485 -63.09 -1.45 10.96
N PRO B 486 -63.46 -2.56 10.31
CA PRO B 486 -64.49 -3.46 10.84
C PRO B 486 -64.21 -3.85 12.28
N ILE B 487 -65.28 -4.09 13.04
CA ILE B 487 -65.13 -4.34 14.48
C ILE B 487 -64.61 -5.75 14.78
N ASN B 488 -64.50 -6.60 13.75
CA ASN B 488 -63.93 -7.95 13.90
C ASN B 488 -62.41 -7.98 13.76
N TYR B 489 -61.85 -6.87 13.25
CA TYR B 489 -60.41 -6.66 13.11
C TYR B 489 -59.75 -6.39 14.45
N MET B 490 -58.73 -7.18 14.80
CA MET B 490 -58.00 -6.99 16.05
C MET B 490 -56.68 -6.27 15.80
N ARG B 491 -56.45 -5.12 16.45
CA ARG B 491 -55.23 -4.34 16.24
C ARG B 491 -54.05 -5.01 16.92
N ARG B 492 -52.92 -5.08 16.22
CA ARG B 492 -51.68 -5.59 16.82
C ARG B 492 -50.51 -4.60 16.79
N GLN B 493 -50.55 -3.58 15.95
CA GLN B 493 -49.41 -2.67 15.84
C GLN B 493 -49.81 -1.37 15.20
N THR B 494 -49.46 -0.28 15.88
CA THR B 494 -49.70 1.04 15.35
C THR B 494 -48.39 1.55 14.82
N LEU B 495 -48.37 1.85 13.52
CA LEU B 495 -47.28 2.59 12.89
C LEU B 495 -47.65 4.08 12.93
N LYS B 496 -46.79 4.92 12.38
CA LYS B 496 -46.98 6.37 12.45
C LYS B 496 -48.11 6.86 11.54
N ASN B 497 -48.18 6.34 10.33
CA ASN B 497 -49.26 6.69 9.42
C ASN B 497 -50.24 5.58 9.12
N ALA B 498 -50.06 4.40 9.73
CA ALA B 498 -50.99 3.27 9.54
C ALA B 498 -51.38 2.57 10.85
N GLU B 499 -52.32 1.62 10.77
CA GLU B 499 -52.57 0.61 11.81
C GLU B 499 -52.62 -0.78 11.15
N ARG B 500 -52.18 -1.80 11.87
CA ARG B 500 -52.17 -3.16 11.34
C ARG B 500 -53.07 -4.01 12.19
N TYR B 501 -53.64 -5.05 11.59
CA TYR B 501 -54.65 -5.88 12.24
C TYR B 501 -54.49 -7.35 11.88
N ILE B 502 -55.13 -8.22 12.67
CA ILE B 502 -55.29 -9.61 12.29
C ILE B 502 -56.75 -10.04 12.45
N ILE B 503 -57.16 -10.99 11.61
CA ILE B 503 -58.44 -11.69 11.72
C ILE B 503 -58.14 -13.20 11.68
N PRO B 504 -59.07 -14.07 12.11
CA PRO B 504 -58.82 -15.52 12.17
C PRO B 504 -58.49 -16.13 10.81
N GLU B 505 -59.26 -15.72 9.81
CA GLU B 505 -59.09 -16.14 8.41
C GLU B 505 -57.70 -15.80 7.88
N LEU B 506 -57.14 -14.69 8.33
CA LEU B 506 -55.79 -14.29 7.92
C LEU B 506 -54.72 -15.19 8.52
N LYS B 507 -54.95 -15.61 9.76
CA LYS B 507 -54.01 -16.43 10.50
C LYS B 507 -54.12 -17.88 10.06
N GLU B 508 -55.32 -18.29 9.63
CA GLU B 508 -55.52 -19.66 9.15
C GLU B 508 -54.71 -19.88 7.88
N TYR B 509 -54.78 -18.93 6.96
CA TYR B 509 -54.06 -19.07 5.69
C TYR B 509 -52.56 -18.78 5.83
N GLU B 510 -52.16 -18.04 6.88
CA GLU B 510 -50.75 -17.90 7.21
C GLU B 510 -50.17 -19.25 7.53
N ASP B 511 -50.94 -20.07 8.23
CA ASP B 511 -50.54 -21.42 8.61
C ASP B 511 -50.30 -22.28 7.38
N LYS B 512 -51.18 -22.20 6.40
CA LYS B 512 -51.07 -22.98 5.17
C LYS B 512 -49.79 -22.64 4.40
N VAL B 513 -49.46 -21.35 4.37
CA VAL B 513 -48.30 -20.86 3.62
C VAL B 513 -47.02 -21.30 4.29
N LEU B 514 -46.95 -21.11 5.60
CA LEU B 514 -45.70 -21.25 6.31
C LEU B 514 -45.32 -22.72 6.51
N THR B 515 -46.32 -23.59 6.61
CA THR B 515 -46.06 -25.02 6.75
C THR B 515 -45.65 -25.58 5.39
N SER B 516 -46.42 -25.26 4.35
CA SER B 516 -46.08 -25.63 2.97
C SER B 516 -44.68 -25.17 2.62
N LYS B 517 -44.44 -23.86 2.62
CA LYS B 517 -43.12 -23.27 2.34
C LYS B 517 -41.99 -23.97 3.10
N GLY B 518 -42.22 -24.27 4.37
CA GLY B 518 -41.22 -24.88 5.22
C GLY B 518 -40.89 -26.30 4.82
N LYS B 519 -41.91 -27.05 4.43
CA LYS B 519 -41.74 -28.43 4.00
C LYS B 519 -41.01 -28.48 2.66
N ALA B 520 -41.36 -27.58 1.75
CA ALA B 520 -40.71 -27.43 0.45
C ALA B 520 -39.27 -26.92 0.54
N LEU B 521 -38.92 -26.26 1.65
CA LEU B 521 -37.57 -25.77 1.86
C LEU B 521 -36.70 -26.86 2.49
N ALA B 522 -37.23 -27.57 3.48
CA ALA B 522 -36.56 -28.77 4.00
C ALA B 522 -36.28 -29.77 2.87
N LEU B 523 -37.23 -29.92 1.96
CA LEU B 523 -37.09 -30.86 0.87
C LEU B 523 -36.07 -30.39 -0.17
N GLU B 524 -36.06 -29.10 -0.45
CA GLU B 524 -35.09 -28.53 -1.39
C GLU B 524 -33.68 -28.87 -0.92
N LYS B 525 -33.41 -28.61 0.34
CA LYS B 525 -32.12 -28.91 0.96
C LYS B 525 -31.78 -30.41 0.89
N GLN B 526 -32.73 -31.27 1.23
CA GLN B 526 -32.47 -32.71 1.16
C GLN B 526 -32.18 -33.12 -0.29
N LEU B 527 -32.93 -32.56 -1.22
CA LEU B 527 -32.74 -32.85 -2.64
C LEU B 527 -31.38 -32.39 -3.14
N TYR B 528 -30.94 -31.23 -2.64
CA TYR B 528 -29.66 -30.63 -3.00
C TYR B 528 -28.49 -31.43 -2.43
N GLU B 529 -28.60 -31.87 -1.18
CA GLU B 529 -27.59 -32.74 -0.59
C GLU B 529 -27.52 -34.04 -1.39
N GLU B 530 -28.62 -34.44 -2.03
CA GLU B 530 -28.62 -35.66 -2.85
C GLU B 530 -27.93 -35.48 -4.20
N LEU B 531 -27.66 -34.23 -4.59
CA LEU B 531 -26.86 -34.01 -5.76
C LEU B 531 -25.42 -34.28 -5.41
N PHE B 532 -24.97 -33.93 -4.20
CA PHE B 532 -23.61 -34.29 -3.77
C PHE B 532 -23.40 -35.82 -3.78
N ASP B 533 -24.41 -36.56 -3.33
CA ASP B 533 -24.40 -38.02 -3.38
C ASP B 533 -24.19 -38.56 -4.79
N LEU B 534 -24.95 -38.06 -5.75
CA LEU B 534 -24.88 -38.55 -7.14
C LEU B 534 -23.70 -38.02 -7.95
N LEU B 535 -23.11 -36.90 -7.56
CA LEU B 535 -22.00 -36.31 -8.30
C LEU B 535 -20.67 -36.92 -7.88
N LEU B 536 -20.47 -37.00 -6.57
CA LEU B 536 -19.21 -37.41 -5.94
C LEU B 536 -18.60 -38.75 -6.37
N PRO B 537 -19.38 -39.78 -6.71
CA PRO B 537 -18.77 -41.04 -7.15
C PRO B 537 -17.93 -40.87 -8.43
N HIS B 538 -18.24 -39.86 -9.25
CA HIS B 538 -17.45 -39.60 -10.46
C HIS B 538 -16.41 -38.49 -10.25
N LEU B 539 -16.12 -38.14 -9.01
CA LEU B 539 -15.11 -37.14 -8.68
C LEU B 539 -13.77 -37.37 -9.38
N GLU B 540 -13.23 -38.59 -9.33
CA GLU B 540 -11.97 -38.91 -10.03
C GLU B 540 -12.01 -38.48 -11.49
N ALA B 541 -13.00 -38.95 -12.23
CA ALA B 541 -13.09 -38.63 -13.66
C ALA B 541 -13.30 -37.15 -13.86
N LEU B 542 -14.03 -36.51 -12.97
CA LEU B 542 -14.26 -35.08 -13.03
C LEU B 542 -12.94 -34.33 -12.90
N GLN B 543 -12.07 -34.76 -11.99
CA GLN B 543 -10.75 -34.13 -11.82
C GLN B 543 -9.83 -34.34 -13.02
N GLN B 544 -9.84 -35.53 -13.59
CA GLN B 544 -9.20 -35.77 -14.87
C GLN B 544 -9.74 -34.83 -15.98
N SER B 545 -11.03 -34.52 -15.94
CA SER B 545 -11.64 -33.58 -16.90
C SER B 545 -11.10 -32.17 -16.70
N ALA B 546 -11.31 -31.59 -15.51
CA ALA B 546 -10.82 -30.24 -15.16
C ALA B 546 -9.37 -30.00 -15.48
N SER B 547 -8.59 -31.07 -15.31
CA SER B 547 -7.15 -31.08 -15.53
C SER B 547 -6.87 -31.06 -17.01
N ALA B 548 -7.59 -31.88 -17.74
CA ALA B 548 -7.37 -32.03 -19.18
C ALA B 548 -7.81 -30.77 -19.84
N LEU B 549 -8.90 -30.21 -19.33
CA LEU B 549 -9.42 -28.93 -19.80
C LEU B 549 -8.42 -27.82 -19.53
N ALA B 550 -7.71 -27.92 -18.41
CA ALA B 550 -6.71 -26.91 -18.04
C ALA B 550 -5.57 -26.91 -19.04
N GLU B 551 -5.01 -28.09 -19.31
CA GLU B 551 -3.88 -28.26 -20.23
C GLU B 551 -4.28 -27.77 -21.61
N LEU B 552 -5.45 -28.18 -22.03
CA LEU B 552 -5.96 -27.79 -23.33
C LEU B 552 -6.05 -26.27 -23.44
N ASP B 553 -6.42 -25.64 -22.35
CA ASP B 553 -6.48 -24.20 -22.31
C ASP B 553 -5.11 -23.59 -22.57
N VAL B 554 -4.11 -24.24 -21.99
CA VAL B 554 -2.72 -23.78 -22.02
C VAL B 554 -2.15 -23.94 -23.43
N LEU B 555 -2.44 -25.07 -24.06
CA LEU B 555 -1.82 -25.40 -25.32
C LEU B 555 -2.48 -24.67 -26.43
N VAL B 556 -3.80 -24.61 -26.38
CA VAL B 556 -4.57 -23.74 -27.29
C VAL B 556 -4.09 -22.29 -27.19
N ASN B 557 -3.74 -21.84 -26.00
CA ASN B 557 -3.22 -20.49 -25.81
C ASN B 557 -1.80 -20.36 -26.35
N LEU B 558 -0.93 -21.30 -26.00
CA LEU B 558 0.45 -21.22 -26.47
C LEU B 558 0.47 -21.24 -28.00
N ALA B 559 -0.59 -21.78 -28.59
CA ALA B 559 -0.66 -21.98 -30.03
C ALA B 559 -1.14 -20.73 -30.73
N GLU B 560 -2.10 -20.03 -30.13
CA GLU B 560 -2.58 -18.73 -30.61
C GLU B 560 -1.42 -17.74 -30.53
N ARG B 561 -0.76 -17.76 -29.37
CA ARG B 561 0.41 -16.90 -29.10
C ARG B 561 1.52 -17.12 -30.12
N ALA B 562 1.91 -18.36 -30.41
CA ALA B 562 2.93 -18.60 -31.42
C ALA B 562 2.56 -18.02 -32.77
N TYR B 563 1.42 -18.43 -33.30
CA TYR B 563 0.88 -17.89 -34.57
C TYR B 563 0.77 -16.38 -34.61
N THR B 564 0.09 -15.79 -33.63
CA THR B 564 -0.17 -14.34 -33.61
C THR B 564 1.13 -13.53 -33.61
N LEU B 565 2.16 -14.02 -32.92
CA LEU B 565 3.36 -13.24 -32.61
C LEU B 565 4.59 -13.73 -33.35
N ASN B 566 4.38 -14.50 -34.42
CA ASN B 566 5.46 -14.98 -35.28
C ASN B 566 6.55 -15.65 -34.48
N TYR B 567 6.22 -16.75 -33.81
CA TYR B 567 7.21 -17.58 -33.15
C TYR B 567 7.56 -18.77 -34.07
N THR B 568 8.55 -19.54 -33.66
CA THR B 568 9.04 -20.68 -34.44
C THR B 568 9.35 -21.88 -33.56
N CYS B 569 9.26 -23.05 -34.14
CA CYS B 569 9.47 -24.29 -33.39
C CYS B 569 10.94 -24.55 -33.22
N PRO B 570 11.42 -24.68 -31.97
CA PRO B 570 12.85 -24.86 -31.79
C PRO B 570 13.19 -26.30 -32.03
N THR B 571 14.32 -26.59 -32.67
CA THR B 571 14.82 -27.96 -32.68
C THR B 571 15.84 -28.15 -31.57
N PHE B 572 15.95 -29.39 -31.09
CA PHE B 572 16.84 -29.72 -29.99
C PHE B 572 18.01 -30.45 -30.55
N ILE B 573 19.22 -30.16 -30.08
CA ILE B 573 20.45 -30.91 -30.48
C ILE B 573 21.06 -31.65 -29.29
N ASP B 574 22.11 -32.44 -29.56
CA ASP B 574 22.64 -33.50 -28.63
C ASP B 574 23.62 -32.95 -27.61
N LYS B 575 24.66 -32.29 -28.08
CA LYS B 575 25.62 -31.59 -27.21
C LYS B 575 25.08 -30.17 -26.97
N PRO B 576 25.63 -29.42 -26.01
CA PRO B 576 25.11 -28.08 -25.72
C PRO B 576 25.36 -27.12 -26.85
N GLY B 577 24.60 -26.03 -26.85
CA GLY B 577 24.76 -25.00 -27.86
C GLY B 577 23.46 -24.31 -28.09
N ILE B 578 23.51 -23.00 -28.26
CA ILE B 578 22.35 -22.23 -28.64
C ILE B 578 22.68 -21.63 -29.98
N ARG B 579 21.74 -21.69 -30.93
CA ARG B 579 21.89 -21.04 -32.23
C ARG B 579 20.59 -20.35 -32.52
N ILE B 580 20.57 -19.02 -32.45
CA ILE B 580 19.38 -18.24 -32.71
C ILE B 580 19.59 -17.39 -33.94
N THR B 581 18.62 -17.40 -34.84
CA THR B 581 18.60 -16.47 -35.95
C THR B 581 17.46 -15.51 -35.71
N GLU B 582 17.78 -14.22 -35.72
CA GLU B 582 16.82 -13.15 -35.64
C GLU B 582 15.88 -13.36 -34.47
N GLY B 583 16.47 -13.49 -33.29
CA GLY B 583 15.69 -13.75 -32.09
C GLY B 583 15.38 -12.48 -31.36
N ARG B 584 14.41 -12.53 -30.47
CA ARG B 584 13.93 -11.28 -29.84
C ARG B 584 13.61 -11.51 -28.39
N HIS B 585 13.58 -10.42 -27.61
CA HIS B 585 13.07 -10.45 -26.26
C HIS B 585 11.53 -10.48 -26.34
N PRO B 586 10.92 -11.59 -25.93
CA PRO B 586 9.47 -11.77 -26.09
C PRO B 586 8.61 -10.69 -25.47
N VAL B 587 9.06 -10.04 -24.41
CA VAL B 587 8.29 -9.01 -23.69
C VAL B 587 8.60 -7.60 -24.15
N VAL B 588 9.89 -7.29 -24.35
CA VAL B 588 10.27 -5.95 -24.73
C VAL B 588 9.66 -5.62 -26.08
N GLU B 589 9.48 -6.66 -26.93
CA GLU B 589 8.95 -6.47 -28.27
C GLU B 589 7.44 -6.09 -28.34
N GLN B 590 6.65 -6.49 -27.34
CA GLN B 590 5.22 -6.13 -27.29
C GLN B 590 4.93 -4.81 -26.54
N VAL B 591 5.79 -4.50 -25.58
CA VAL B 591 5.60 -3.41 -24.63
C VAL B 591 6.09 -2.10 -25.25
N LEU B 592 7.37 -2.09 -25.61
CA LEU B 592 7.96 -0.93 -26.23
C LEU B 592 7.48 -0.74 -27.68
N ASN B 593 6.84 0.42 -27.93
CA ASN B 593 6.40 0.88 -29.26
C ASN B 593 7.50 1.35 -30.21
N GLU B 594 8.74 0.96 -29.96
CA GLU B 594 9.82 1.25 -30.92
C GLU B 594 10.22 0.00 -31.67
N PRO B 595 10.85 0.16 -32.83
CA PRO B 595 11.30 -1.02 -33.59
C PRO B 595 12.17 -1.91 -32.72
N PHE B 596 11.71 -3.12 -32.45
CA PHE B 596 12.63 -4.06 -31.80
C PHE B 596 13.65 -4.60 -32.79
N ILE B 597 14.93 -4.55 -32.45
CA ILE B 597 15.95 -5.11 -33.34
C ILE B 597 16.28 -6.54 -32.92
N ALA B 598 16.09 -7.50 -33.82
CA ALA B 598 16.48 -8.89 -33.58
C ALA B 598 18.00 -9.11 -33.70
N ASN B 599 18.50 -10.20 -33.10
CA ASN B 599 19.93 -10.51 -33.13
C ASN B 599 20.22 -12.00 -33.23
N PRO B 600 21.33 -12.36 -33.84
CA PRO B 600 21.73 -13.77 -33.88
C PRO B 600 22.44 -14.17 -32.58
N LEU B 601 22.71 -15.46 -32.44
CA LEU B 601 23.53 -15.96 -31.37
C LEU B 601 24.04 -17.35 -31.72
N ASN B 602 25.36 -17.51 -31.69
CA ASN B 602 25.96 -18.78 -31.99
C ASN B 602 26.86 -19.25 -30.85
N LEU B 603 26.36 -20.16 -30.03
CA LEU B 603 27.19 -20.84 -29.02
C LEU B 603 27.24 -22.35 -29.29
N SER B 604 28.46 -22.86 -29.28
CA SER B 604 28.73 -24.30 -29.31
C SER B 604 29.85 -24.56 -28.32
N PRO B 605 30.32 -25.81 -28.20
CA PRO B 605 31.52 -26.05 -27.42
C PRO B 605 32.80 -25.47 -28.06
N GLN B 606 32.82 -25.13 -29.35
CA GLN B 606 33.94 -24.38 -29.94
C GLN B 606 33.77 -22.84 -29.83
N ARG B 607 32.72 -22.39 -29.15
CA ARG B 607 32.35 -20.98 -29.04
C ARG B 607 31.38 -20.84 -27.87
N ARG B 608 31.93 -20.87 -26.67
CA ARG B 608 31.19 -20.98 -25.42
C ARG B 608 31.01 -19.61 -24.75
N MET B 609 31.94 -18.71 -25.01
CA MET B 609 31.89 -17.48 -24.29
C MET B 609 31.93 -16.29 -25.25
N LEU B 610 30.95 -15.40 -25.14
CA LEU B 610 31.03 -14.13 -25.86
C LEU B 610 31.37 -13.06 -24.87
N ILE B 611 32.53 -12.44 -25.04
CA ILE B 611 32.78 -11.20 -24.30
C ILE B 611 31.93 -10.06 -24.98
N ILE B 612 31.02 -9.42 -24.25
CA ILE B 612 30.15 -8.40 -24.87
C ILE B 612 30.50 -6.99 -24.45
N THR B 613 31.25 -6.29 -25.28
CA THR B 613 31.62 -4.89 -25.00
C THR B 613 30.73 -3.84 -25.64
N GLY B 614 30.99 -2.58 -25.34
CA GLY B 614 30.19 -1.45 -25.84
C GLY B 614 29.21 -0.95 -24.78
N PRO B 615 28.39 0.03 -25.14
CA PRO B 615 27.40 0.55 -24.19
C PRO B 615 26.49 -0.52 -23.65
N ASN B 616 26.04 -0.38 -22.42
CA ASN B 616 24.89 -1.18 -22.00
C ASN B 616 23.59 -0.41 -22.25
N MET B 617 23.14 0.44 -21.33
CA MET B 617 21.80 1.03 -21.46
C MET B 617 20.77 -0.07 -21.84
N GLY B 618 20.80 -1.19 -21.11
CA GLY B 618 19.88 -2.29 -21.29
C GLY B 618 19.91 -3.05 -22.62
N GLY B 619 20.84 -2.72 -23.52
CA GLY B 619 20.86 -3.29 -24.87
C GLY B 619 21.53 -4.63 -24.79
N LYS B 620 22.68 -4.63 -24.14
CA LYS B 620 23.34 -5.85 -23.76
C LYS B 620 22.37 -6.66 -22.94
N SER B 621 21.80 -6.00 -21.93
CA SER B 621 21.07 -6.71 -20.91
C SER B 621 19.84 -7.39 -21.51
N THR B 622 19.18 -6.72 -22.47
CA THR B 622 18.03 -7.27 -23.19
C THR B 622 18.49 -8.50 -23.99
N TYR B 623 19.48 -8.32 -24.86
CA TYR B 623 20.19 -9.43 -25.52
C TYR B 623 20.49 -10.68 -24.65
N MET B 624 20.94 -10.47 -23.42
CA MET B 624 21.32 -11.59 -22.56
C MET B 624 20.08 -12.28 -22.04
N ARG B 625 19.19 -11.48 -21.45
CA ARG B 625 17.96 -11.98 -20.88
C ARG B 625 17.13 -12.66 -21.92
N GLN B 626 17.21 -12.20 -23.16
CA GLN B 626 16.38 -12.78 -24.20
C GLN B 626 16.88 -14.21 -24.52
N THR B 627 18.20 -14.43 -24.44
CA THR B 627 18.78 -15.77 -24.56
C THR B 627 18.19 -16.71 -23.49
N ALA B 628 18.15 -16.19 -22.26
CA ALA B 628 17.58 -16.92 -21.18
C ALA B 628 16.12 -17.22 -21.44
N LEU B 629 15.35 -16.30 -21.98
CA LEU B 629 13.91 -16.55 -22.10
C LEU B 629 13.57 -17.42 -23.27
N ILE B 630 14.39 -17.36 -24.32
CA ILE B 630 14.20 -18.20 -25.50
C ILE B 630 14.51 -19.65 -25.11
N ALA B 631 15.57 -19.82 -24.35
CA ALA B 631 15.90 -21.09 -23.76
C ALA B 631 14.79 -21.51 -22.83
N LEU B 632 14.27 -20.56 -22.06
CA LEU B 632 13.24 -20.88 -21.08
C LEU B 632 12.00 -21.40 -21.82
N MET B 633 11.58 -20.70 -22.86
CA MET B 633 10.37 -21.01 -23.61
C MET B 633 10.55 -22.30 -24.43
N ALA B 634 11.66 -22.48 -25.13
CA ALA B 634 12.01 -23.79 -25.70
C ALA B 634 11.69 -24.93 -24.74
N TYR B 635 12.20 -24.81 -23.51
CA TYR B 635 12.04 -25.85 -22.51
C TYR B 635 10.76 -25.79 -21.64
N ILE B 636 9.69 -25.15 -22.10
CA ILE B 636 8.37 -25.51 -21.58
C ILE B 636 7.55 -26.16 -22.68
N GLY B 637 8.08 -26.17 -23.90
CA GLY B 637 7.42 -26.81 -25.02
C GLY B 637 6.82 -25.81 -26.00
N SER B 638 7.05 -24.53 -25.73
CA SER B 638 6.42 -23.50 -26.50
C SER B 638 7.19 -23.21 -27.79
N TYR B 639 6.58 -22.36 -28.60
CA TYR B 639 7.30 -21.73 -29.70
C TYR B 639 8.02 -20.56 -29.10
N VAL B 640 8.94 -20.03 -29.88
CA VAL B 640 9.89 -19.01 -29.42
C VAL B 640 10.01 -17.84 -30.42
N PRO B 641 10.35 -16.65 -29.94
CA PRO B 641 10.44 -15.43 -30.76
C PRO B 641 11.69 -15.30 -31.61
N ALA B 642 11.73 -16.06 -32.70
CA ALA B 642 12.89 -16.13 -33.58
C ALA B 642 12.51 -16.73 -34.95
N GLN B 643 13.44 -16.75 -35.89
CA GLN B 643 13.24 -17.44 -37.16
C GLN B 643 13.82 -18.84 -37.08
N LYS B 644 14.75 -19.06 -36.18
CA LYS B 644 15.34 -20.38 -36.01
C LYS B 644 15.96 -20.45 -34.64
N VAL B 645 15.76 -21.57 -33.96
CA VAL B 645 16.49 -21.83 -32.75
C VAL B 645 16.84 -23.30 -32.72
N GLU B 646 18.13 -23.61 -32.69
CA GLU B 646 18.57 -24.94 -32.25
C GLU B 646 19.18 -24.78 -30.87
N ILE B 647 18.85 -25.70 -29.98
CA ILE B 647 19.34 -25.60 -28.62
C ILE B 647 19.65 -26.98 -27.98
N GLY B 648 20.73 -27.04 -27.21
CA GLY B 648 21.16 -28.25 -26.56
C GLY B 648 20.61 -28.33 -25.16
N PRO B 649 20.97 -29.39 -24.44
CA PRO B 649 20.50 -29.61 -23.07
C PRO B 649 20.98 -28.54 -22.10
N ILE B 650 20.08 -28.03 -21.27
CA ILE B 650 20.43 -27.04 -20.27
C ILE B 650 19.94 -27.51 -18.91
N ASP B 651 20.88 -27.52 -17.95
CA ASP B 651 20.61 -28.06 -16.62
C ASP B 651 20.23 -26.95 -15.67
N ARG B 652 20.90 -25.80 -15.77
CA ARG B 652 20.50 -24.61 -15.01
C ARG B 652 20.62 -23.32 -15.82
N ILE B 653 19.94 -22.27 -15.37
CA ILE B 653 20.06 -20.95 -16.01
C ILE B 653 20.42 -19.93 -14.96
N PHE B 654 21.58 -19.33 -15.13
CA PHE B 654 22.12 -18.35 -14.22
C PHE B 654 22.09 -17.03 -14.93
N THR B 655 21.55 -16.01 -14.28
CA THR B 655 21.54 -14.68 -14.85
C THR B 655 21.87 -13.66 -13.79
N ARG B 656 23.13 -13.25 -13.70
CA ARG B 656 23.56 -12.14 -12.84
C ARG B 656 23.40 -10.80 -13.62
N VAL B 657 22.21 -10.54 -14.12
CA VAL B 657 21.90 -9.31 -14.89
C VAL B 657 21.00 -8.40 -14.08
N GLY B 658 21.50 -7.27 -13.60
CA GLY B 658 20.68 -6.39 -12.78
C GLY B 658 21.29 -5.03 -12.49
N THR B 669 24.91 -3.15 -3.89
CA THR B 669 26.28 -3.35 -3.46
C THR B 669 27.05 -4.25 -4.41
N PHE B 670 28.36 -3.98 -4.46
CA PHE B 670 29.38 -4.88 -4.96
C PHE B 670 29.29 -6.28 -4.32
N MET B 671 28.97 -6.32 -3.04
CA MET B 671 28.94 -7.58 -2.27
C MET B 671 27.98 -8.63 -2.81
N VAL B 672 26.73 -8.21 -3.02
CA VAL B 672 25.69 -9.04 -3.62
C VAL B 672 26.08 -9.52 -5.02
N GLU B 673 26.71 -8.66 -5.82
CA GLU B 673 27.16 -9.03 -7.14
C GLU B 673 28.20 -10.17 -7.06
N MET B 674 29.08 -10.11 -6.06
CA MET B 674 30.14 -11.09 -5.89
C MET B 674 29.59 -12.42 -5.37
N THR B 675 28.54 -12.34 -4.54
CA THR B 675 27.91 -13.52 -3.95
C THR B 675 27.07 -14.25 -5.00
N GLU B 676 26.37 -13.52 -5.84
CA GLU B 676 25.69 -14.12 -6.97
C GLU B 676 26.69 -14.74 -7.95
N THR B 677 27.79 -14.04 -8.22
CA THR B 677 28.88 -14.56 -9.06
C THR B 677 29.52 -15.79 -8.46
N ALA B 678 29.66 -15.78 -7.16
CA ALA B 678 30.25 -16.91 -6.43
C ALA B 678 29.37 -18.14 -6.56
N ASN B 679 28.05 -17.93 -6.57
CA ASN B 679 27.11 -19.02 -6.75
C ASN B 679 27.21 -19.59 -8.15
N ILE B 680 27.37 -18.73 -9.14
CA ILE B 680 27.51 -19.20 -10.50
C ILE B 680 28.73 -20.12 -10.64
N LEU B 681 29.81 -19.81 -9.94
CA LEU B 681 31.07 -20.52 -10.16
C LEU B 681 31.12 -21.84 -9.39
N HIS B 682 30.42 -21.88 -8.26
CA HIS B 682 30.32 -23.10 -7.44
C HIS B 682 29.33 -24.14 -8.04
N ASN B 683 28.34 -23.65 -8.80
CA ASN B 683 27.20 -24.48 -9.19
C ASN B 683 26.98 -24.60 -10.69
N ALA B 684 27.78 -23.94 -11.51
CA ALA B 684 27.57 -24.04 -12.95
C ALA B 684 28.28 -25.25 -13.49
N THR B 685 27.71 -25.83 -14.54
CA THR B 685 28.31 -26.95 -15.24
C THR B 685 28.41 -26.60 -16.72
N GLU B 686 28.87 -27.55 -17.54
CA GLU B 686 29.08 -27.29 -18.97
C GLU B 686 27.79 -27.34 -19.73
N TYR B 687 26.68 -27.51 -19.00
CA TYR B 687 25.37 -27.50 -19.60
C TYR B 687 24.56 -26.27 -19.13
N SER B 688 25.18 -25.42 -18.32
CA SER B 688 24.47 -24.29 -17.77
C SER B 688 24.55 -23.16 -18.75
N LEU B 689 23.53 -22.33 -18.80
CA LEU B 689 23.56 -21.05 -19.49
C LEU B 689 23.86 -20.03 -18.42
N VAL B 690 24.99 -19.36 -18.55
CA VAL B 690 25.36 -18.28 -17.64
C VAL B 690 25.30 -16.91 -18.34
N LEU B 691 24.77 -15.91 -17.65
CA LEU B 691 24.62 -14.53 -18.17
C LEU B 691 25.12 -13.55 -17.14
N MET B 692 26.30 -12.95 -17.37
CA MET B 692 26.93 -12.02 -16.42
C MET B 692 26.84 -10.59 -16.90
N ASP B 693 26.37 -9.68 -16.03
CA ASP B 693 26.39 -8.25 -16.31
C ASP B 693 27.50 -7.52 -15.57
N GLU B 694 28.62 -7.37 -16.28
CA GLU B 694 29.63 -6.35 -16.00
C GLU B 694 30.22 -6.43 -14.60
N ILE B 695 30.61 -7.64 -14.22
CA ILE B 695 31.19 -7.82 -12.91
C ILE B 695 32.54 -7.12 -12.81
N GLY B 696 32.80 -6.54 -11.65
CA GLY B 696 33.90 -5.63 -11.46
C GLY B 696 33.45 -4.21 -11.19
N ARG B 697 32.25 -3.83 -11.61
CA ARG B 697 31.77 -2.48 -11.31
C ARG B 697 31.68 -2.34 -9.79
N GLY B 698 32.05 -1.18 -9.25
CA GLY B 698 31.98 -0.96 -7.81
C GLY B 698 33.19 -1.48 -7.02
N THR B 699 34.37 -1.45 -7.62
CA THR B 699 35.63 -1.72 -6.92
C THR B 699 36.76 -1.20 -7.80
N SER B 700 37.99 -1.24 -7.32
CA SER B 700 39.08 -0.67 -8.08
C SER B 700 39.24 -1.30 -9.46
N THR B 701 39.59 -0.44 -10.40
CA THR B 701 39.81 -0.83 -11.76
C THR B 701 40.54 -2.15 -11.84
N TYR B 702 41.66 -2.23 -11.17
CA TYR B 702 42.56 -3.39 -11.25
C TYR B 702 42.00 -4.65 -10.58
N ASP B 703 41.47 -4.52 -9.37
CA ASP B 703 40.81 -5.65 -8.70
C ASP B 703 39.64 -6.20 -9.45
N GLY B 704 38.86 -5.33 -10.09
CA GLY B 704 37.65 -5.73 -10.76
C GLY B 704 37.95 -6.23 -12.14
N LEU B 705 38.96 -5.66 -12.78
CA LEU B 705 39.43 -6.20 -14.04
C LEU B 705 40.03 -7.62 -13.81
N SER B 706 40.60 -7.82 -12.62
CA SER B 706 41.32 -9.03 -12.24
C SER B 706 40.31 -10.13 -11.94
N LEU B 707 39.18 -9.76 -11.38
CA LEU B 707 38.14 -10.73 -11.05
C LEU B 707 37.32 -11.05 -12.27
N ALA B 708 37.00 -10.05 -13.07
CA ALA B 708 36.36 -10.30 -14.34
C ALA B 708 37.21 -11.34 -15.10
N TRP B 709 38.42 -10.98 -15.49
CA TRP B 709 39.34 -11.84 -16.22
C TRP B 709 39.33 -13.25 -15.72
N ALA B 710 39.54 -13.39 -14.41
CA ALA B 710 39.66 -14.67 -13.77
C ALA B 710 38.35 -15.46 -13.84
N CYS B 711 37.24 -14.77 -13.66
CA CYS B 711 35.93 -15.37 -13.86
C CYS B 711 35.77 -15.93 -15.25
N ALA B 712 35.94 -15.08 -16.25
CA ALA B 712 35.76 -15.49 -17.63
C ALA B 712 36.67 -16.67 -17.96
N GLU B 713 37.91 -16.65 -17.52
CA GLU B 713 38.80 -17.81 -17.64
C GLU B 713 38.12 -19.07 -17.08
N ASN B 714 37.70 -18.98 -15.83
CA ASN B 714 37.05 -20.08 -15.15
C ASN B 714 35.90 -20.68 -15.94
N LEU B 715 35.01 -19.79 -16.35
CA LEU B 715 33.76 -20.15 -17.02
C LEU B 715 34.03 -20.71 -18.39
N ALA B 716 35.09 -20.24 -19.02
CA ALA B 716 35.46 -20.71 -20.36
C ALA B 716 36.38 -21.95 -20.37
N ASN B 717 37.27 -22.08 -19.38
CA ASN B 717 38.23 -23.21 -19.27
C ASN B 717 37.79 -24.33 -18.33
N LYS B 718 37.54 -24.03 -17.05
CA LYS B 718 37.08 -25.06 -16.07
C LYS B 718 35.61 -25.52 -16.29
N ILE B 719 34.65 -24.82 -15.73
CA ILE B 719 33.21 -24.99 -16.02
C ILE B 719 32.84 -25.35 -17.48
N LYS B 720 33.30 -24.54 -18.42
CA LYS B 720 32.93 -24.65 -19.85
C LYS B 720 31.42 -24.38 -20.11
N ALA B 721 30.78 -23.63 -19.23
CA ALA B 721 29.38 -23.23 -19.41
C ALA B 721 29.24 -22.41 -20.65
N LEU B 722 28.03 -22.35 -21.19
CA LEU B 722 27.71 -21.48 -22.32
C LEU B 722 27.46 -20.09 -21.75
N THR B 723 28.32 -19.13 -22.11
CA THR B 723 28.35 -17.83 -21.43
C THR B 723 28.30 -16.57 -22.30
N LEU B 724 27.47 -15.64 -21.86
CA LEU B 724 27.46 -14.27 -22.38
C LEU B 724 28.01 -13.42 -21.23
N PHE B 725 29.23 -12.95 -21.39
CA PHE B 725 29.91 -12.21 -20.35
C PHE B 725 29.95 -10.73 -20.77
N ALA B 726 28.92 -9.97 -20.42
CA ALA B 726 28.92 -8.53 -20.71
C ALA B 726 29.98 -7.86 -19.83
N THR B 727 30.84 -7.06 -20.44
CA THR B 727 31.82 -6.29 -19.68
C THR B 727 32.07 -4.86 -20.25
N HIS B 728 32.54 -3.97 -19.38
CA HIS B 728 33.01 -2.67 -19.81
C HIS B 728 34.54 -2.66 -20.04
N TYR B 729 35.23 -3.65 -19.45
CA TYR B 729 36.69 -3.68 -19.53
C TYR B 729 37.13 -4.07 -20.93
N PHE B 730 37.67 -3.09 -21.69
CA PHE B 730 38.20 -3.37 -23.04
C PHE B 730 39.40 -4.31 -23.03
N GLU B 731 40.04 -4.43 -21.87
CA GLU B 731 41.22 -5.24 -21.70
C GLU B 731 40.85 -6.74 -21.79
N LEU B 732 39.60 -7.09 -21.45
CA LEU B 732 39.06 -8.45 -21.65
C LEU B 732 38.85 -8.86 -23.09
N THR B 733 38.93 -7.92 -24.01
CA THR B 733 38.71 -8.23 -25.41
C THR B 733 39.95 -8.89 -25.98
N GLN B 734 41.04 -8.89 -25.19
CA GLN B 734 42.25 -9.65 -25.56
C GLN B 734 42.14 -11.12 -25.15
N LEU B 735 41.00 -11.52 -24.62
CA LEU B 735 40.76 -12.91 -24.19
C LEU B 735 40.64 -13.96 -25.32
N PRO B 736 39.92 -13.70 -26.41
CA PRO B 736 39.90 -14.62 -27.56
C PRO B 736 41.30 -14.96 -28.09
N GLU B 737 42.20 -13.99 -28.07
CA GLU B 737 43.57 -14.21 -28.52
C GLU B 737 44.33 -15.21 -27.62
N LYS B 738 44.01 -15.23 -26.33
CA LYS B 738 44.70 -16.08 -25.35
C LYS B 738 44.07 -17.48 -25.14
N MET B 739 42.75 -17.62 -25.34
CA MET B 739 42.12 -18.93 -25.15
C MET B 739 41.04 -19.30 -26.15
N GLU B 740 41.00 -20.59 -26.46
CA GLU B 740 40.04 -21.17 -27.38
C GLU B 740 38.64 -21.03 -26.80
N GLY B 741 37.63 -20.96 -27.68
CA GLY B 741 36.26 -20.93 -27.24
C GLY B 741 35.70 -19.55 -26.92
N VAL B 742 36.53 -18.53 -26.87
CA VAL B 742 36.06 -17.18 -26.54
C VAL B 742 36.01 -16.27 -27.76
N ALA B 743 34.93 -15.50 -27.93
CA ALA B 743 34.91 -14.47 -29.00
C ALA B 743 34.44 -13.07 -28.56
N ASN B 744 34.69 -12.10 -29.40
CA ASN B 744 34.30 -10.72 -29.13
C ASN B 744 33.04 -10.29 -29.91
N VAL B 745 31.95 -10.01 -29.21
CA VAL B 745 30.88 -9.23 -29.83
C VAL B 745 30.75 -7.86 -29.14
N HIS B 746 29.97 -6.96 -29.75
CA HIS B 746 29.70 -5.65 -29.13
C HIS B 746 28.45 -4.97 -29.60
N LEU B 747 28.03 -4.00 -28.83
CA LEU B 747 27.02 -3.03 -29.26
C LEU B 747 27.72 -1.78 -29.64
N ASP B 748 27.26 -1.16 -30.73
CA ASP B 748 27.72 0.18 -31.07
C ASP B 748 26.61 1.20 -30.78
N ALA B 749 26.83 2.41 -31.26
CA ALA B 749 25.89 3.51 -31.09
C ALA B 749 26.19 4.55 -32.14
N LEU B 750 25.22 5.44 -32.38
CA LEU B 750 25.31 6.40 -33.49
C LEU B 750 25.01 7.87 -33.10
N GLU B 751 26.05 8.71 -33.18
CA GLU B 751 25.93 10.16 -32.93
C GLU B 751 25.31 10.83 -34.12
N HIS B 752 24.17 11.49 -33.90
CA HIS B 752 23.50 12.22 -34.95
C HIS B 752 22.73 13.45 -34.42
N GLY B 753 22.58 14.48 -35.25
CA GLY B 753 21.88 15.69 -34.84
C GLY B 753 22.41 16.19 -33.49
N ASP B 754 21.52 16.29 -32.50
CA ASP B 754 21.90 16.71 -31.12
C ASP B 754 21.71 15.57 -30.07
N THR B 755 21.89 14.30 -30.51
CA THR B 755 21.70 13.10 -29.67
C THR B 755 22.64 11.96 -29.99
N ILE B 756 22.47 10.94 -29.18
CA ILE B 756 23.11 9.67 -29.39
C ILE B 756 22.00 8.61 -29.60
N ALA B 757 22.30 7.62 -30.42
CA ALA B 757 21.36 6.56 -30.74
C ALA B 757 22.01 5.23 -30.35
N PHE B 758 21.63 4.70 -29.21
CA PHE B 758 22.12 3.40 -28.81
C PHE B 758 21.45 2.32 -29.61
N MET B 759 22.16 1.87 -30.62
CA MET B 759 21.76 0.77 -31.48
C MET B 759 21.56 -0.45 -30.62
N HIS B 760 20.63 -1.29 -31.05
CA HIS B 760 20.18 -2.45 -30.31
C HIS B 760 20.88 -3.71 -30.93
N SER B 761 21.94 -3.51 -31.72
CA SER B 761 22.41 -4.54 -32.68
C SER B 761 23.78 -5.19 -32.39
N VAL B 762 23.84 -6.51 -32.25
CA VAL B 762 25.09 -7.18 -31.84
C VAL B 762 25.94 -7.49 -33.05
N GLN B 763 27.21 -7.08 -33.01
CA GLN B 763 28.18 -7.22 -34.13
C GLN B 763 29.43 -7.97 -33.71
N ASP B 764 30.09 -8.66 -34.62
CA ASP B 764 31.36 -9.29 -34.23
C ASP B 764 32.40 -8.24 -33.88
N GLY B 765 33.42 -8.66 -33.14
CA GLY B 765 34.53 -7.82 -32.76
C GLY B 765 34.33 -6.99 -31.51
N ALA B 766 35.46 -6.49 -31.04
CA ALA B 766 35.50 -5.64 -29.86
C ALA B 766 34.96 -4.28 -30.17
N ALA B 767 34.55 -3.55 -29.14
CA ALA B 767 33.97 -2.20 -29.34
C ALA B 767 35.06 -1.16 -29.59
N SER B 768 34.95 -0.38 -30.67
CA SER B 768 35.95 0.70 -30.93
C SER B 768 35.77 1.99 -30.11
N LYS B 769 34.71 2.12 -29.32
CA LYS B 769 34.37 3.42 -28.71
C LYS B 769 33.75 3.33 -27.31
N SER B 770 33.98 4.39 -26.52
CA SER B 770 33.29 4.62 -25.25
C SER B 770 32.31 5.82 -25.41
N TYR B 771 31.27 5.94 -24.59
CA TYR B 771 30.34 7.10 -24.71
C TYR B 771 29.96 7.77 -23.41
N GLY B 772 30.63 7.41 -22.32
CA GLY B 772 30.46 8.08 -21.04
C GLY B 772 30.53 9.59 -21.22
N LEU B 773 31.51 10.06 -21.99
CA LEU B 773 31.77 11.49 -22.15
C LEU B 773 30.72 12.15 -23.04
N ALA B 774 30.36 11.47 -24.12
CA ALA B 774 29.34 11.91 -25.05
C ALA B 774 28.00 12.21 -24.37
N VAL B 775 27.62 11.31 -23.47
CA VAL B 775 26.41 11.44 -22.67
C VAL B 775 26.54 12.56 -21.65
N ALA B 776 27.76 12.73 -21.17
CA ALA B 776 28.07 13.76 -20.22
C ALA B 776 27.84 15.14 -20.86
N ALA B 777 28.28 15.28 -22.10
CA ALA B 777 28.15 16.52 -22.82
C ALA B 777 26.67 16.83 -22.99
N LEU B 778 25.91 15.83 -23.44
CA LEU B 778 24.50 15.97 -23.72
C LEU B 778 23.67 16.18 -22.47
N ALA B 779 24.29 16.08 -21.31
CA ALA B 779 23.61 16.22 -20.02
C ALA B 779 23.89 17.53 -19.32
N GLY B 780 24.78 18.33 -19.88
CA GLY B 780 24.96 19.70 -19.42
C GLY B 780 26.25 19.95 -18.71
N VAL B 781 27.04 18.89 -18.53
CA VAL B 781 28.36 19.00 -17.88
C VAL B 781 29.22 20.00 -18.71
N PRO B 782 29.81 21.00 -18.04
CA PRO B 782 30.48 22.11 -18.73
C PRO B 782 31.45 21.68 -19.80
N LYS B 783 31.39 22.31 -20.97
CA LYS B 783 32.35 22.15 -22.07
C LYS B 783 33.80 21.76 -21.62
N GLU B 784 34.28 22.42 -20.57
CA GLU B 784 35.68 22.40 -20.18
C GLU B 784 36.02 21.24 -19.22
N VAL B 785 35.04 20.84 -18.42
CA VAL B 785 35.15 19.61 -17.65
C VAL B 785 35.28 18.43 -18.63
N ILE B 786 34.44 18.42 -19.66
CA ILE B 786 34.48 17.42 -20.72
C ILE B 786 35.85 17.32 -21.42
N LYS B 787 36.45 18.49 -21.65
CA LYS B 787 37.76 18.59 -22.31
C LYS B 787 38.82 17.92 -21.47
N ARG B 788 38.97 18.37 -20.24
CA ARG B 788 39.87 17.76 -19.26
C ARG B 788 39.71 16.23 -19.16
N ALA B 789 38.47 15.76 -19.22
CA ALA B 789 38.13 14.34 -19.08
C ALA B 789 38.58 13.54 -20.30
N ARG B 790 38.46 14.17 -21.45
CA ARG B 790 38.92 13.61 -22.70
C ARG B 790 40.45 13.50 -22.72
N GLN B 791 41.16 14.40 -22.05
CA GLN B 791 42.62 14.31 -22.01
C GLN B 791 43.01 13.16 -21.12
N LYS B 792 42.48 13.16 -19.90
CA LYS B 792 42.70 12.09 -18.95
C LYS B 792 42.38 10.72 -19.49
N LEU B 793 41.38 10.63 -20.36
CA LEU B 793 40.94 9.33 -20.85
C LEU B 793 42.03 8.75 -21.78
N ARG B 794 42.45 9.56 -22.76
CA ARG B 794 43.57 9.22 -23.61
C ARG B 794 44.83 8.84 -22.81
N GLU B 795 45.02 9.44 -21.65
CA GLU B 795 46.22 9.23 -20.84
C GLU B 795 46.19 7.85 -20.19
N LEU B 796 45.03 7.47 -19.70
CA LEU B 796 44.83 6.24 -18.95
C LEU B 796 44.79 5.05 -19.89
N GLU B 797 44.10 5.19 -21.02
CA GLU B 797 44.01 4.15 -22.03
C GLU B 797 45.32 3.99 -22.76
N SER B 798 45.89 5.08 -23.24
CA SER B 798 47.29 5.19 -23.67
C SER B 798 48.27 4.07 -23.26
N ILE B 799 48.30 3.75 -21.97
CA ILE B 799 49.32 2.86 -21.39
C ILE B 799 48.98 1.38 -21.55
N SER B 800 47.76 1.11 -22.04
CA SER B 800 47.04 -0.14 -21.79
C SER B 800 47.06 -1.11 -23.01
PB ADP E . 31.11 1.83 2.63
O1B ADP E . 32.55 2.15 2.53
O2B ADP E . 30.25 2.99 2.15
O3B ADP E . 30.88 0.59 1.75
PA ADP E . 29.36 2.31 4.82
O1A ADP E . 28.17 2.08 3.98
O2A ADP E . 29.64 3.79 5.06
O3A ADP E . 30.66 1.55 4.17
O5' ADP E . 29.08 1.59 6.23
C5' ADP E . 28.99 0.18 6.27
C4' ADP E . 28.57 -0.32 7.65
O4' ADP E . 29.65 -0.19 8.55
C3' ADP E . 27.41 0.49 8.24
O3' ADP E . 26.16 -0.14 8.05
C2' ADP E . 27.73 0.54 9.71
O2' ADP E . 26.94 -0.45 10.34
C1' ADP E . 29.22 0.24 9.82
N9 ADP E . 29.97 1.44 10.22
C8 ADP E . 30.35 2.46 9.42
N7 ADP E . 31.02 3.37 10.14
C5 ADP E . 31.07 2.94 11.41
C6 ADP E . 31.63 3.49 12.57
N6 ADP E . 32.39 4.57 12.49
N1 ADP E . 31.53 2.81 13.75
C2 ADP E . 30.87 1.60 13.81
N3 ADP E . 30.32 1.08 12.66
C4 ADP E . 30.42 1.73 11.48
MG MG F . 29.28 3.47 0.35
#